data_1WEE
#
_entry.id   1WEE
#
loop_
_entity.id
_entity.type
_entity.pdbx_description
1 polymer 'PHD finger family protein'
2 non-polymer 'ZINC ION'
#
_entity_poly.entity_id   1
_entity_poly.type   'polypeptide(L)'
_entity_poly.pdbx_seq_one_letter_code
;GSSGSSGMERGVDNWKVDCKCGTKDDDGERMLACDGCGVWHHTRCIGINNADALPSKFLCFRCIELSGPSSG
;
_entity_poly.pdbx_strand_id   A
#
loop_
_chem_comp.id
_chem_comp.type
_chem_comp.name
_chem_comp.formula
ZN non-polymer 'ZINC ION' 'Zn 2'
#
# COMPACT_ATOMS: atom_id res chain seq x y z
N GLY A 1 16.27 6.41 4.49
CA GLY A 1 14.95 6.33 3.88
C GLY A 1 14.08 7.53 4.21
N SER A 2 12.80 7.46 3.87
CA SER A 2 11.87 8.55 4.12
C SER A 2 11.51 8.62 5.60
N SER A 3 10.99 9.76 6.02
CA SER A 3 10.60 9.97 7.41
C SER A 3 9.12 10.32 7.52
N GLY A 4 8.57 10.21 8.72
CA GLY A 4 7.17 10.52 8.93
C GLY A 4 6.97 11.75 9.80
N SER A 5 5.89 12.48 9.54
CA SER A 5 5.58 13.68 10.30
C SER A 5 4.34 13.49 11.16
N SER A 6 3.43 12.64 10.69
CA SER A 6 2.20 12.37 11.43
C SER A 6 1.68 10.97 11.11
N GLY A 7 0.66 10.54 11.85
CA GLY A 7 0.09 9.22 11.64
C GLY A 7 -0.62 8.69 12.87
N MET A 8 -1.62 7.85 12.66
CA MET A 8 -2.39 7.28 13.75
C MET A 8 -3.31 6.16 13.25
N GLU A 9 -3.65 5.23 14.14
CA GLU A 9 -4.53 4.13 13.78
C GLU A 9 -5.99 4.57 13.79
N ARG A 10 -6.42 5.22 12.71
CA ARG A 10 -7.78 5.69 12.61
C ARG A 10 -8.04 6.30 11.23
N GLY A 11 -9.09 5.82 10.56
CA GLY A 11 -9.42 6.33 9.25
C GLY A 11 -9.84 5.23 8.29
N VAL A 12 -8.89 4.75 7.48
CA VAL A 12 -9.18 3.69 6.52
C VAL A 12 -9.40 2.36 7.22
N ASP A 13 -10.33 1.56 6.69
CA ASP A 13 -10.63 0.26 7.26
C ASP A 13 -9.40 -0.64 7.28
N ASN A 14 -9.58 -1.89 7.68
CA ASN A 14 -8.48 -2.85 7.73
C ASN A 14 -7.49 -2.59 6.60
N TRP A 15 -7.87 -2.98 5.39
CA TRP A 15 -7.01 -2.79 4.23
C TRP A 15 -6.22 -1.49 4.33
N LYS A 16 -4.90 -1.61 4.46
CA LYS A 16 -4.04 -0.44 4.57
C LYS A 16 -3.75 0.15 3.19
N VAL A 17 -4.35 1.30 2.91
CA VAL A 17 -4.16 1.97 1.62
C VAL A 17 -3.37 3.26 1.80
N ASP A 18 -2.06 3.18 1.60
CA ASP A 18 -1.20 4.35 1.74
C ASP A 18 -0.22 4.44 0.57
N CYS A 19 0.12 5.66 0.17
CA CYS A 19 1.05 5.88 -0.93
C CYS A 19 1.67 7.26 -0.86
N LYS A 20 2.84 7.42 -1.47
CA LYS A 20 3.54 8.70 -1.47
C LYS A 20 2.60 9.83 -1.86
N CYS A 21 1.68 9.55 -2.78
CA CYS A 21 0.73 10.54 -3.24
C CYS A 21 -0.05 11.14 -2.07
N GLY A 22 -0.63 10.26 -1.25
CA GLY A 22 -1.39 10.73 -0.09
C GLY A 22 -2.81 10.18 -0.08
N THR A 23 -2.98 9.01 -0.68
CA THR A 23 -4.29 8.37 -0.74
C THR A 23 -4.52 7.46 0.46
N LYS A 24 -5.72 7.51 1.02
CA LYS A 24 -6.07 6.69 2.18
C LYS A 24 -7.19 5.71 1.84
N ASP A 25 -7.79 5.89 0.67
CA ASP A 25 -8.87 5.03 0.22
C ASP A 25 -8.81 4.81 -1.29
N ASP A 26 -9.47 3.75 -1.75
CA ASP A 26 -9.49 3.44 -3.17
C ASP A 26 -10.03 4.61 -3.99
N ASP A 27 -9.13 5.35 -4.61
CA ASP A 27 -9.53 6.50 -5.43
C ASP A 27 -10.15 6.05 -6.74
N GLY A 28 -9.44 5.17 -7.46
CA GLY A 28 -9.94 4.68 -8.73
C GLY A 28 -8.89 3.92 -9.52
N GLU A 29 -7.63 4.20 -9.22
CA GLU A 29 -6.52 3.54 -9.90
C GLU A 29 -6.21 2.19 -9.27
N ARG A 30 -6.08 1.16 -10.10
CA ARG A 30 -5.80 -0.18 -9.62
C ARG A 30 -4.69 -0.15 -8.57
N MET A 31 -4.77 -1.08 -7.61
CA MET A 31 -3.77 -1.15 -6.55
C MET A 31 -3.42 -2.61 -6.24
N LEU A 32 -2.38 -2.80 -5.44
CA LEU A 32 -1.93 -4.15 -5.07
C LEU A 32 -1.36 -4.16 -3.66
N ALA A 33 -1.67 -5.21 -2.91
CA ALA A 33 -1.18 -5.34 -1.53
C ALA A 33 0.22 -5.92 -1.52
N CYS A 34 1.06 -5.38 -0.63
CA CYS A 34 2.44 -5.85 -0.51
C CYS A 34 2.51 -7.19 0.20
N ASP A 35 2.69 -8.26 -0.57
CA ASP A 35 2.76 -9.60 -0.02
C ASP A 35 3.52 -9.61 1.31
N GLY A 36 4.53 -8.75 1.40
CA GLY A 36 5.32 -8.66 2.62
C GLY A 36 4.48 -8.30 3.83
N CYS A 37 4.04 -7.04 3.88
CA CYS A 37 3.22 -6.57 4.99
C CYS A 37 1.73 -6.68 4.65
N GLY A 38 1.33 -6.09 3.54
CA GLY A 38 -0.06 -6.13 3.13
C GLY A 38 -0.66 -4.75 2.94
N VAL A 39 0.10 -3.87 2.29
CA VAL A 39 -0.37 -2.51 2.04
C VAL A 39 -0.65 -2.28 0.56
N TRP A 40 -1.83 -1.75 0.26
CA TRP A 40 -2.22 -1.49 -1.11
C TRP A 40 -1.51 -0.25 -1.65
N HIS A 41 -0.92 -0.38 -2.84
CA HIS A 41 -0.20 0.73 -3.45
C HIS A 41 -0.67 0.93 -4.89
N HIS A 42 -0.37 2.10 -5.44
CA HIS A 42 -0.76 2.43 -6.82
C HIS A 42 0.10 1.67 -7.82
N THR A 43 -0.49 0.71 -8.52
CA THR A 43 0.22 -0.08 -9.51
C THR A 43 0.96 0.82 -10.50
N ARG A 44 0.50 2.05 -10.63
CA ARG A 44 1.11 3.01 -11.55
C ARG A 44 2.34 3.66 -10.91
N CYS A 45 2.17 4.16 -9.70
CA CYS A 45 3.27 4.81 -9.00
C CYS A 45 4.48 3.88 -8.90
N ILE A 46 4.25 2.65 -8.48
CA ILE A 46 5.32 1.68 -8.36
C ILE A 46 6.01 1.45 -9.69
N GLY A 47 5.27 1.64 -10.78
CA GLY A 47 5.84 1.45 -12.11
C GLY A 47 5.25 0.26 -12.83
N ILE A 48 3.93 0.25 -12.96
CA ILE A 48 3.25 -0.85 -13.64
C ILE A 48 1.92 -0.38 -14.24
N ASN A 49 1.60 -0.89 -15.43
CA ASN A 49 0.37 -0.53 -16.11
C ASN A 49 -0.46 -1.77 -16.45
N ASN A 50 -1.77 -1.61 -16.49
CA ASN A 50 -2.67 -2.72 -16.79
C ASN A 50 -2.11 -3.57 -17.92
N ALA A 51 -1.59 -2.92 -18.95
CA ALA A 51 -1.02 -3.61 -20.10
C ALA A 51 -0.34 -4.91 -19.67
N ASP A 52 0.66 -4.78 -18.80
CA ASP A 52 1.40 -5.93 -18.30
C ASP A 52 0.68 -6.57 -17.13
N ALA A 53 1.06 -7.81 -16.80
CA ALA A 53 0.45 -8.53 -15.70
C ALA A 53 1.03 -8.08 -14.36
N LEU A 54 0.46 -8.59 -13.27
CA LEU A 54 0.93 -8.25 -11.93
C LEU A 54 1.94 -9.26 -11.43
N PRO A 55 2.94 -8.78 -10.68
CA PRO A 55 3.99 -9.63 -10.12
C PRO A 55 3.48 -10.54 -9.02
N SER A 56 3.84 -11.82 -9.11
CA SER A 56 3.41 -12.80 -8.11
C SER A 56 3.52 -12.24 -6.71
N LYS A 57 4.62 -11.53 -6.44
CA LYS A 57 4.84 -10.94 -5.13
C LYS A 57 5.47 -9.56 -5.27
N PHE A 58 5.02 -8.62 -4.43
CA PHE A 58 5.53 -7.26 -4.45
C PHE A 58 5.86 -6.78 -3.04
N LEU A 59 7.13 -6.47 -2.80
CA LEU A 59 7.57 -5.99 -1.50
C LEU A 59 7.83 -4.49 -1.53
N CYS A 60 7.51 -3.82 -0.42
CA CYS A 60 7.71 -2.38 -0.32
C CYS A 60 9.09 -2.06 0.26
N PHE A 61 9.43 -0.78 0.32
CA PHE A 61 10.70 -0.34 0.85
C PHE A 61 10.82 -0.67 2.33
N ARG A 62 9.71 -0.56 3.05
CA ARG A 62 9.68 -0.85 4.47
C ARG A 62 9.98 -2.32 4.74
N CYS A 63 9.56 -3.18 3.82
CA CYS A 63 9.77 -4.61 3.96
C CYS A 63 11.25 -4.96 3.78
N ILE A 64 11.88 -4.35 2.77
CA ILE A 64 13.29 -4.59 2.50
C ILE A 64 14.06 -4.83 3.79
N GLU A 65 13.80 -4.02 4.80
CA GLU A 65 14.47 -4.13 6.09
C GLU A 65 13.64 -4.98 7.06
N LEU A 66 12.32 -4.93 6.90
CA LEU A 66 11.42 -5.70 7.76
C LEU A 66 11.75 -7.19 7.70
N SER A 67 11.97 -7.70 6.49
CA SER A 67 12.28 -9.11 6.30
C SER A 67 13.57 -9.47 7.05
N GLY A 68 13.44 -10.33 8.05
CA GLY A 68 14.59 -10.76 8.82
C GLY A 68 14.22 -11.70 9.96
N PRO A 69 15.24 -12.35 10.55
CA PRO A 69 15.03 -13.28 11.65
C PRO A 69 14.59 -12.60 12.94
N SER A 70 14.59 -11.27 12.92
CA SER A 70 14.19 -10.48 14.08
C SER A 70 12.93 -11.06 14.72
N SER A 71 13.11 -11.81 15.80
CA SER A 71 11.99 -12.42 16.51
C SER A 71 11.08 -11.36 17.11
N GLY A 72 11.68 -10.44 17.87
CA GLY A 72 10.90 -9.38 18.49
C GLY A 72 9.88 -8.77 17.55
ZN ZN B . 0.42 6.83 -5.59
ZN ZN C . 5.73 -4.31 2.69
N GLY A 1 9.88 19.14 17.32
CA GLY A 1 8.60 19.82 17.22
C GLY A 1 8.22 20.12 15.78
N SER A 2 7.63 19.13 15.11
CA SER A 2 7.22 19.29 13.72
C SER A 2 5.80 18.77 13.51
N SER A 3 5.16 19.21 12.44
CA SER A 3 3.80 18.78 12.12
C SER A 3 3.79 17.38 11.53
N GLY A 4 2.97 16.51 12.09
CA GLY A 4 2.88 15.14 11.61
C GLY A 4 1.47 14.58 11.71
N SER A 5 1.15 13.63 10.85
CA SER A 5 -0.18 13.02 10.84
C SER A 5 -0.09 11.55 11.28
N SER A 6 -0.28 11.32 12.57
CA SER A 6 -0.23 9.96 13.11
C SER A 6 -1.57 9.57 13.71
N GLY A 7 -1.86 8.27 13.71
CA GLY A 7 -3.10 7.78 14.25
C GLY A 7 -3.96 7.06 13.23
N MET A 8 -4.91 6.26 13.70
CA MET A 8 -5.79 5.51 12.80
C MET A 8 -5.05 5.11 11.53
N GLU A 9 -3.87 4.52 11.70
CA GLU A 9 -3.07 4.09 10.56
C GLU A 9 -3.32 2.61 10.24
N ARG A 10 -4.54 2.17 10.48
CA ARG A 10 -4.91 0.78 10.24
C ARG A 10 -5.66 0.65 8.91
N GLY A 11 -5.39 1.56 7.98
CA GLY A 11 -6.04 1.53 6.69
C GLY A 11 -7.27 2.41 6.64
N VAL A 12 -8.17 2.12 5.70
CA VAL A 12 -9.39 2.89 5.55
C VAL A 12 -10.61 2.10 6.05
N ASP A 13 -10.80 0.92 5.50
CA ASP A 13 -11.92 0.06 5.89
C ASP A 13 -11.42 -1.31 6.32
N ASN A 14 -10.96 -2.11 5.35
CA ASN A 14 -10.47 -3.45 5.63
C ASN A 14 -8.99 -3.56 5.30
N TRP A 15 -8.63 -3.16 4.08
CA TRP A 15 -7.25 -3.21 3.64
C TRP A 15 -6.51 -1.93 3.97
N LYS A 16 -5.25 -1.85 3.58
CA LYS A 16 -4.43 -0.67 3.84
C LYS A 16 -4.01 0.01 2.54
N VAL A 17 -4.12 1.33 2.51
CA VAL A 17 -3.76 2.10 1.32
C VAL A 17 -2.88 3.29 1.68
N ASP A 18 -1.59 3.17 1.40
CA ASP A 18 -0.64 4.24 1.69
C ASP A 18 0.50 4.25 0.67
N CYS A 19 0.93 5.44 0.29
CA CYS A 19 2.01 5.60 -0.68
C CYS A 19 2.77 6.89 -0.44
N LYS A 20 4.01 6.95 -0.93
CA LYS A 20 4.85 8.13 -0.77
C LYS A 20 4.16 9.37 -1.33
N CYS A 21 3.09 9.15 -2.09
CA CYS A 21 2.34 10.25 -2.68
C CYS A 21 1.46 10.93 -1.65
N GLY A 22 0.82 10.13 -0.79
CA GLY A 22 -0.04 10.69 0.24
C GLY A 22 -1.50 10.34 0.02
N THR A 23 -1.74 9.25 -0.70
CA THR A 23 -3.10 8.80 -0.98
C THR A 23 -3.69 8.05 0.20
N LYS A 24 -4.69 8.65 0.84
CA LYS A 24 -5.35 8.05 1.99
C LYS A 24 -6.27 6.91 1.56
N ASP A 25 -7.07 7.17 0.52
CA ASP A 25 -7.99 6.17 0.00
C ASP A 25 -7.77 5.96 -1.49
N ASP A 26 -8.24 4.82 -2.00
CA ASP A 26 -8.10 4.50 -3.40
C ASP A 26 -8.80 5.53 -4.28
N ASP A 27 -8.03 6.42 -4.88
CA ASP A 27 -8.58 7.46 -5.74
C ASP A 27 -9.21 6.85 -7.00
N GLY A 28 -8.40 6.12 -7.76
CA GLY A 28 -8.89 5.50 -8.96
C GLY A 28 -7.78 4.88 -9.79
N GLU A 29 -6.82 4.26 -9.12
CA GLU A 29 -5.69 3.63 -9.80
C GLU A 29 -5.46 2.22 -9.27
N ARG A 30 -5.05 1.32 -10.16
CA ARG A 30 -4.79 -0.06 -9.79
C ARG A 30 -3.79 -0.14 -8.64
N MET A 31 -4.07 -1.02 -7.67
CA MET A 31 -3.19 -1.18 -6.53
C MET A 31 -3.05 -2.65 -6.16
N LEU A 32 -1.98 -2.98 -5.44
CA LEU A 32 -1.73 -4.36 -5.02
C LEU A 32 -1.21 -4.41 -3.59
N ALA A 33 -1.74 -5.36 -2.81
CA ALA A 33 -1.35 -5.52 -1.42
C ALA A 33 0.06 -6.10 -1.32
N CYS A 34 0.73 -5.83 -0.20
CA CYS A 34 2.08 -6.32 0.02
C CYS A 34 2.06 -7.59 0.87
N ASP A 35 2.48 -8.70 0.29
CA ASP A 35 2.51 -9.98 0.99
C ASP A 35 3.22 -9.83 2.34
N GLY A 36 4.22 -8.98 2.39
CA GLY A 36 4.96 -8.77 3.61
C GLY A 36 4.06 -8.40 4.77
N CYS A 37 3.55 -7.17 4.76
CA CYS A 37 2.67 -6.69 5.81
C CYS A 37 1.20 -6.80 5.38
N GLY A 38 0.90 -6.33 4.19
CA GLY A 38 -0.46 -6.39 3.68
C GLY A 38 -1.00 -5.01 3.32
N VAL A 39 -0.12 -4.15 2.84
CA VAL A 39 -0.51 -2.79 2.44
C VAL A 39 -0.56 -2.66 0.93
N TRP A 40 -1.43 -1.77 0.46
CA TRP A 40 -1.59 -1.54 -0.98
C TRP A 40 -0.85 -0.28 -1.41
N HIS A 41 -0.30 -0.30 -2.63
CA HIS A 41 0.43 0.84 -3.16
C HIS A 41 0.14 1.02 -4.64
N HIS A 42 0.42 2.22 -5.15
CA HIS A 42 0.19 2.53 -6.56
C HIS A 42 1.03 1.63 -7.44
N THR A 43 0.37 0.68 -8.11
CA THR A 43 1.07 -0.25 -8.99
C THR A 43 2.10 0.47 -9.85
N ARG A 44 1.84 1.74 -10.14
CA ARG A 44 2.75 2.54 -10.95
C ARG A 44 3.95 3.02 -10.13
N CYS A 45 3.66 3.58 -8.97
CA CYS A 45 4.71 4.08 -8.08
C CYS A 45 5.73 2.99 -7.78
N ILE A 46 5.26 1.74 -7.77
CA ILE A 46 6.13 0.60 -7.49
C ILE A 46 6.89 0.17 -8.75
N GLY A 47 6.39 0.60 -9.91
CA GLY A 47 7.03 0.26 -11.17
C GLY A 47 6.31 -0.86 -11.89
N ILE A 48 5.06 -0.61 -12.29
CA ILE A 48 4.27 -1.61 -13.00
C ILE A 48 3.19 -0.94 -13.84
N ASN A 49 3.23 -1.18 -15.15
CA ASN A 49 2.24 -0.61 -16.06
C ASN A 49 1.30 -1.68 -16.59
N ASN A 50 0.17 -1.25 -17.16
CA ASN A 50 -0.81 -2.18 -17.70
C ASN A 50 -0.14 -3.17 -18.65
N ALA A 51 1.00 -2.79 -19.21
CA ALA A 51 1.73 -3.64 -20.13
C ALA A 51 2.68 -4.57 -19.38
N ASP A 52 2.24 -5.06 -18.24
CA ASP A 52 3.04 -5.96 -17.42
C ASP A 52 2.22 -6.55 -16.27
N ALA A 53 2.17 -7.87 -16.21
CA ALA A 53 1.42 -8.56 -15.16
C ALA A 53 2.00 -8.26 -13.79
N LEU A 54 1.35 -8.79 -12.75
CA LEU A 54 1.81 -8.57 -11.38
C LEU A 54 2.80 -9.65 -10.96
N PRO A 55 3.81 -9.24 -10.18
CA PRO A 55 4.85 -10.17 -9.69
C PRO A 55 4.31 -11.15 -8.66
N SER A 56 4.68 -12.42 -8.82
CA SER A 56 4.23 -13.47 -7.91
C SER A 56 4.30 -12.99 -6.46
N LYS A 57 5.39 -12.31 -6.12
CA LYS A 57 5.58 -11.80 -4.77
C LYS A 57 6.04 -10.34 -4.80
N PHE A 58 5.36 -9.50 -4.02
CA PHE A 58 5.71 -8.09 -3.95
C PHE A 58 6.00 -7.65 -2.52
N LEU A 59 7.08 -6.90 -2.35
CA LEU A 59 7.48 -6.43 -1.03
C LEU A 59 7.62 -4.91 -1.01
N CYS A 60 6.89 -4.26 -0.11
CA CYS A 60 6.93 -2.80 0.01
C CYS A 60 8.24 -2.35 0.67
N PHE A 61 8.73 -1.19 0.24
CA PHE A 61 9.97 -0.65 0.78
C PHE A 61 10.07 -0.91 2.28
N ARG A 62 9.07 -0.45 3.02
CA ARG A 62 9.05 -0.63 4.47
C ARG A 62 9.39 -2.07 4.84
N CYS A 63 8.91 -3.01 4.04
CA CYS A 63 9.17 -4.43 4.29
C CYS A 63 10.57 -4.82 3.81
N ILE A 64 10.93 -4.34 2.63
CA ILE A 64 12.24 -4.63 2.06
C ILE A 64 13.31 -4.69 3.14
N GLU A 65 13.25 -3.76 4.08
CA GLU A 65 14.21 -3.70 5.17
C GLU A 65 13.81 -4.63 6.30
N LEU A 66 12.50 -4.78 6.50
CA LEU A 66 11.98 -5.65 7.55
C LEU A 66 12.49 -7.08 7.39
N SER A 67 12.47 -7.57 6.15
CA SER A 67 12.93 -8.92 5.86
C SER A 67 14.35 -9.14 6.39
N GLY A 68 14.66 -10.38 6.74
CA GLY A 68 15.97 -10.70 7.26
C GLY A 68 17.08 -10.00 6.50
N PRO A 69 18.10 -9.52 7.24
CA PRO A 69 19.24 -8.82 6.65
C PRO A 69 20.14 -9.75 5.83
N SER A 70 20.60 -9.27 4.69
CA SER A 70 21.46 -10.05 3.82
C SER A 70 22.05 -9.18 2.71
N SER A 71 23.33 -9.41 2.40
CA SER A 71 24.00 -8.65 1.37
C SER A 71 23.49 -9.03 -0.02
N GLY A 72 23.53 -10.32 -0.32
CA GLY A 72 23.06 -10.80 -1.61
C GLY A 72 23.85 -10.21 -2.77
ZN ZN B . 1.83 6.69 -5.15
ZN ZN C . 4.97 -4.44 3.37
N GLY A 1 -1.76 21.31 27.94
CA GLY A 1 -2.72 21.42 26.86
C GLY A 1 -3.41 20.12 26.54
N SER A 2 -4.73 20.15 26.48
CA SER A 2 -5.51 18.95 26.18
C SER A 2 -5.40 18.57 24.70
N SER A 3 -5.06 17.31 24.44
CA SER A 3 -4.92 16.83 23.08
C SER A 3 -6.23 16.23 22.57
N GLY A 4 -6.75 15.26 23.31
CA GLY A 4 -7.99 14.62 22.92
C GLY A 4 -8.10 13.20 23.46
N SER A 5 -9.20 12.54 23.14
CA SER A 5 -9.43 11.17 23.59
C SER A 5 -8.82 10.16 22.62
N SER A 6 -9.34 10.14 21.40
CA SER A 6 -8.85 9.22 20.38
C SER A 6 -9.38 9.60 19.00
N GLY A 7 -8.48 10.06 18.14
CA GLY A 7 -8.88 10.46 16.80
C GLY A 7 -7.69 10.63 15.86
N MET A 8 -6.79 9.67 15.89
CA MET A 8 -5.59 9.71 15.05
C MET A 8 -5.42 8.40 14.28
N GLU A 9 -6.16 8.26 13.18
CA GLU A 9 -6.08 7.05 12.37
C GLU A 9 -6.11 7.40 10.88
N ARG A 10 -5.30 6.69 10.10
CA ARG A 10 -5.23 6.92 8.66
C ARG A 10 -5.14 5.61 7.89
N GLY A 11 -5.97 5.47 6.86
CA GLY A 11 -5.97 4.26 6.06
C GLY A 11 -7.16 3.37 6.36
N VAL A 12 -7.91 3.02 5.32
CA VAL A 12 -9.09 2.17 5.47
C VAL A 12 -8.85 1.09 6.52
N ASP A 13 -9.94 0.59 7.09
CA ASP A 13 -9.85 -0.45 8.11
C ASP A 13 -9.70 -1.83 7.46
N ASN A 14 -10.71 -2.24 6.71
CA ASN A 14 -10.69 -3.53 6.04
C ASN A 14 -9.36 -3.76 5.32
N TRP A 15 -9.13 -3.00 4.26
CA TRP A 15 -7.90 -3.12 3.48
C TRP A 15 -7.01 -1.90 3.70
N LYS A 16 -5.88 -2.11 4.37
CA LYS A 16 -4.93 -1.03 4.65
C LYS A 16 -4.44 -0.41 3.36
N VAL A 17 -4.98 0.75 3.01
CA VAL A 17 -4.59 1.46 1.79
C VAL A 17 -3.66 2.62 2.11
N ASP A 18 -2.37 2.39 2.00
CA ASP A 18 -1.37 3.43 2.28
C ASP A 18 -0.35 3.52 1.14
N CYS A 19 -0.06 4.73 0.71
CA CYS A 19 0.89 4.95 -0.37
C CYS A 19 2.06 5.82 0.11
N LYS A 20 3.00 6.07 -0.79
CA LYS A 20 4.17 6.88 -0.47
C LYS A 20 3.91 8.35 -0.74
N CYS A 21 3.15 8.63 -1.80
CA CYS A 21 2.83 9.99 -2.18
C CYS A 21 1.94 10.66 -1.13
N GLY A 22 0.92 9.93 -0.70
CA GLY A 22 0.01 10.46 0.30
C GLY A 22 -1.34 9.75 0.30
N THR A 23 -1.81 9.38 -0.89
CA THR A 23 -3.08 8.70 -1.03
C THR A 23 -3.15 7.46 -0.15
N LYS A 24 -3.97 7.52 0.89
CA LYS A 24 -4.12 6.41 1.82
C LYS A 24 -5.57 5.91 1.84
N ASP A 25 -6.31 6.22 0.79
CA ASP A 25 -7.71 5.80 0.68
C ASP A 25 -8.00 5.24 -0.69
N ASP A 26 -9.20 4.69 -0.85
CA ASP A 26 -9.62 4.11 -2.13
C ASP A 26 -10.29 5.17 -3.00
N ASP A 27 -9.57 5.65 -4.00
CA ASP A 27 -10.09 6.67 -4.91
C ASP A 27 -10.71 6.02 -6.14
N GLY A 28 -9.87 5.36 -6.95
CA GLY A 28 -10.35 4.72 -8.14
C GLY A 28 -9.24 4.37 -9.11
N GLU A 29 -8.08 3.99 -8.56
CA GLU A 29 -6.93 3.63 -9.38
C GLU A 29 -6.46 2.21 -9.06
N ARG A 30 -5.80 1.58 -10.04
CA ARG A 30 -5.31 0.23 -9.87
C ARG A 30 -4.29 0.16 -8.73
N MET A 31 -4.47 -0.82 -7.85
CA MET A 31 -3.57 -1.00 -6.72
C MET A 31 -3.21 -2.47 -6.53
N LEU A 32 -2.38 -2.75 -5.54
CA LEU A 32 -1.95 -4.12 -5.26
C LEU A 32 -1.41 -4.24 -3.84
N ALA A 33 -1.82 -5.30 -3.15
CA ALA A 33 -1.37 -5.54 -1.78
C ALA A 33 0.04 -6.10 -1.75
N CYS A 34 0.85 -5.62 -0.82
CA CYS A 34 2.23 -6.07 -0.68
C CYS A 34 2.29 -7.42 0.01
N ASP A 35 2.67 -8.45 -0.75
CA ASP A 35 2.76 -9.81 -0.21
C ASP A 35 3.53 -9.81 1.10
N GLY A 36 4.58 -8.98 1.18
CA GLY A 36 5.38 -8.91 2.38
C GLY A 36 4.54 -8.69 3.63
N CYS A 37 4.06 -7.47 3.82
CA CYS A 37 3.24 -7.14 4.98
C CYS A 37 1.76 -7.28 4.65
N GLY A 38 1.35 -6.73 3.51
CA GLY A 38 -0.04 -6.81 3.11
C GLY A 38 -0.68 -5.44 2.96
N VAL A 39 0.10 -4.47 2.49
CA VAL A 39 -0.40 -3.10 2.32
C VAL A 39 -0.51 -2.75 0.84
N TRP A 40 -1.59 -2.08 0.48
CA TRP A 40 -1.80 -1.67 -0.91
C TRP A 40 -0.89 -0.51 -1.30
N HIS A 41 -0.73 -0.29 -2.59
CA HIS A 41 0.12 0.78 -3.09
C HIS A 41 -0.19 1.08 -4.55
N HIS A 42 0.00 2.34 -4.94
CA HIS A 42 -0.25 2.77 -6.31
C HIS A 42 0.72 2.10 -7.28
N THR A 43 0.18 1.24 -8.15
CA THR A 43 1.00 0.54 -9.13
C THR A 43 1.85 1.50 -9.95
N ARG A 44 1.33 2.72 -10.13
CA ARG A 44 2.05 3.74 -10.90
C ARG A 44 3.13 4.40 -10.04
N CYS A 45 2.84 4.55 -8.76
CA CYS A 45 3.79 5.16 -7.84
C CYS A 45 5.01 4.26 -7.63
N ILE A 46 4.76 3.00 -7.30
CA ILE A 46 5.84 2.04 -7.08
C ILE A 46 6.74 1.93 -8.30
N GLY A 47 6.18 2.18 -9.47
CA GLY A 47 6.95 2.12 -10.70
C GLY A 47 6.38 1.12 -11.70
N ILE A 48 5.06 1.06 -11.78
CA ILE A 48 4.38 0.15 -12.70
C ILE A 48 3.17 0.80 -13.34
N ASN A 49 3.25 1.03 -14.65
CA ASN A 49 2.15 1.65 -15.38
C ASN A 49 0.96 0.71 -15.47
N ASN A 50 -0.16 1.23 -15.94
CA ASN A 50 -1.38 0.43 -16.09
C ASN A 50 -1.45 -0.24 -17.45
N ALA A 51 -0.32 -0.78 -17.89
CA ALA A 51 -0.24 -1.45 -19.19
C ALA A 51 0.38 -2.83 -19.05
N ASP A 52 1.47 -2.91 -18.30
CA ASP A 52 2.17 -4.18 -18.09
C ASP A 52 1.49 -4.99 -16.99
N ALA A 53 1.91 -6.25 -16.84
CA ALA A 53 1.35 -7.12 -15.82
C ALA A 53 1.97 -6.84 -14.46
N LEU A 54 1.39 -7.44 -13.42
CA LEU A 54 1.88 -7.25 -12.06
C LEU A 54 2.90 -8.32 -11.69
N PRO A 55 3.89 -7.95 -10.87
CA PRO A 55 4.94 -8.86 -10.41
C PRO A 55 4.41 -9.92 -9.45
N SER A 56 4.77 -11.18 -9.70
CA SER A 56 4.32 -12.28 -8.86
C SER A 56 4.30 -11.86 -7.39
N LYS A 57 5.34 -11.16 -6.96
CA LYS A 57 5.43 -10.70 -5.58
C LYS A 57 5.87 -9.24 -5.53
N PHE A 58 5.33 -8.51 -4.55
CA PHE A 58 5.66 -7.10 -4.39
C PHE A 58 5.96 -6.78 -2.92
N LEU A 59 7.20 -6.37 -2.66
CA LEU A 59 7.61 -6.02 -1.30
C LEU A 59 7.92 -4.54 -1.18
N CYS A 60 7.10 -3.83 -0.42
CA CYS A 60 7.29 -2.40 -0.21
C CYS A 60 8.64 -2.10 0.42
N PHE A 61 9.27 -1.02 -0.01
CA PHE A 61 10.57 -0.63 0.53
C PHE A 61 10.69 -0.99 2.01
N ARG A 62 9.67 -0.63 2.78
CA ARG A 62 9.65 -0.92 4.21
C ARG A 62 9.99 -2.38 4.47
N CYS A 63 9.18 -3.28 3.93
CA CYS A 63 9.39 -4.71 4.10
C CYS A 63 10.86 -5.06 3.94
N ILE A 64 11.38 -4.89 2.73
CA ILE A 64 12.78 -5.19 2.45
C ILE A 64 13.66 -4.86 3.65
N GLU A 65 13.31 -3.81 4.37
CA GLU A 65 14.07 -3.40 5.55
C GLU A 65 13.58 -4.11 6.80
N LEU A 66 12.27 -4.30 6.89
CA LEU A 66 11.68 -4.98 8.04
C LEU A 66 12.19 -6.41 8.16
N SER A 67 12.26 -7.10 7.03
CA SER A 67 12.73 -8.47 7.01
C SER A 67 13.99 -8.63 7.86
N GLY A 68 14.00 -9.65 8.71
CA GLY A 68 15.15 -9.89 9.57
C GLY A 68 15.40 -11.37 9.81
N PRO A 69 15.86 -11.70 11.02
CA PRO A 69 16.16 -13.10 11.39
C PRO A 69 14.90 -13.93 11.54
N SER A 70 14.45 -14.54 10.44
CA SER A 70 13.25 -15.35 10.44
C SER A 70 13.26 -16.35 9.28
N SER A 71 12.27 -17.23 9.26
CA SER A 71 12.17 -18.23 8.21
C SER A 71 10.72 -18.39 7.75
N GLY A 72 10.54 -19.06 6.61
CA GLY A 72 9.20 -19.27 6.08
C GLY A 72 9.01 -18.62 4.72
ZN ZN B . 0.62 7.05 -4.62
ZN ZN C . 5.23 -4.49 2.74
N GLY A 1 -16.06 18.42 5.54
CA GLY A 1 -17.38 17.86 5.77
C GLY A 1 -17.88 18.13 7.17
N SER A 2 -18.89 18.99 7.28
CA SER A 2 -19.46 19.34 8.57
C SER A 2 -19.72 18.08 9.40
N SER A 3 -20.47 17.14 8.83
CA SER A 3 -20.79 15.90 9.52
C SER A 3 -21.27 14.84 8.53
N GLY A 4 -20.77 13.62 8.70
CA GLY A 4 -21.17 12.53 7.81
C GLY A 4 -22.21 11.63 8.45
N SER A 5 -22.56 10.55 7.74
CA SER A 5 -23.55 9.60 8.23
C SER A 5 -22.94 8.21 8.38
N SER A 6 -23.73 7.29 8.94
CA SER A 6 -23.27 5.92 9.15
C SER A 6 -24.34 4.92 8.72
N GLY A 7 -24.09 4.23 7.61
CA GLY A 7 -25.04 3.26 7.12
C GLY A 7 -24.82 2.93 5.65
N MET A 8 -23.69 2.29 5.35
CA MET A 8 -23.37 1.91 3.97
C MET A 8 -22.44 0.71 3.95
N GLU A 9 -22.54 -0.08 2.88
CA GLU A 9 -21.71 -1.27 2.73
C GLU A 9 -20.65 -1.07 1.66
N ARG A 10 -20.28 0.19 1.43
CA ARG A 10 -19.28 0.52 0.43
C ARG A 10 -18.12 1.30 1.06
N GLY A 11 -17.06 1.51 0.28
CA GLY A 11 -15.91 2.24 0.78
C GLY A 11 -14.77 1.33 1.16
N VAL A 12 -14.05 1.68 2.22
CA VAL A 12 -12.93 0.88 2.69
C VAL A 12 -13.10 0.51 4.17
N ASP A 13 -13.08 -0.77 4.46
CA ASP A 13 -13.22 -1.26 5.83
C ASP A 13 -12.00 -2.08 6.25
N ASN A 14 -11.59 -3.00 5.39
CA ASN A 14 -10.45 -3.86 5.67
C ASN A 14 -9.30 -3.57 4.70
N TRP A 15 -9.65 -3.11 3.50
CA TRP A 15 -8.66 -2.80 2.48
C TRP A 15 -7.66 -1.77 2.99
N LYS A 16 -6.58 -2.23 3.60
CA LYS A 16 -5.55 -1.35 4.13
C LYS A 16 -4.89 -0.56 3.02
N VAL A 17 -5.60 0.44 2.51
CA VAL A 17 -5.08 1.28 1.44
C VAL A 17 -4.30 2.46 2.00
N ASP A 18 -3.05 2.21 2.40
CA ASP A 18 -2.20 3.25 2.96
C ASP A 18 -0.80 3.19 2.35
N CYS A 19 -0.55 4.04 1.36
CA CYS A 19 0.74 4.09 0.69
C CYS A 19 1.58 5.25 1.21
N LYS A 20 2.89 5.16 0.99
CA LYS A 20 3.81 6.20 1.43
C LYS A 20 3.43 7.56 0.84
N CYS A 21 2.96 7.54 -0.41
CA CYS A 21 2.56 8.76 -1.09
C CYS A 21 1.65 9.61 -0.21
N GLY A 22 0.72 8.96 0.48
CA GLY A 22 -0.20 9.67 1.34
C GLY A 22 -1.65 9.47 0.95
N THR A 23 -1.98 8.26 0.49
CA THR A 23 -3.34 7.95 0.08
C THR A 23 -4.00 7.00 1.08
N LYS A 24 -5.28 7.26 1.36
CA LYS A 24 -6.04 6.43 2.29
C LYS A 24 -7.14 5.67 1.57
N ASP A 25 -7.53 6.16 0.39
CA ASP A 25 -8.57 5.52 -0.40
C ASP A 25 -8.16 5.43 -1.86
N ASP A 26 -8.83 4.56 -2.61
CA ASP A 26 -8.54 4.37 -4.02
C ASP A 26 -8.67 5.70 -4.78
N ASP A 27 -7.53 6.21 -5.24
CA ASP A 27 -7.52 7.47 -5.97
C ASP A 27 -7.61 7.23 -7.47
N GLY A 28 -8.47 6.29 -7.87
CA GLY A 28 -8.63 5.97 -9.27
C GLY A 28 -7.55 5.03 -9.79
N GLU A 29 -6.32 5.24 -9.33
CA GLU A 29 -5.20 4.41 -9.74
C GLU A 29 -5.28 3.03 -9.11
N ARG A 30 -4.88 2.01 -9.86
CA ARG A 30 -4.90 0.63 -9.37
C ARG A 30 -3.83 0.42 -8.30
N MET A 31 -4.07 -0.54 -7.42
CA MET A 31 -3.12 -0.86 -6.36
C MET A 31 -3.09 -2.35 -6.07
N LEU A 32 -2.08 -2.79 -5.33
CA LEU A 32 -1.94 -4.20 -4.98
C LEU A 32 -1.43 -4.36 -3.56
N ALA A 33 -1.97 -5.35 -2.85
CA ALA A 33 -1.57 -5.61 -1.48
C ALA A 33 -0.17 -6.21 -1.42
N CYS A 34 0.69 -5.63 -0.60
CA CYS A 34 2.06 -6.10 -0.45
C CYS A 34 2.10 -7.43 0.28
N ASP A 35 2.45 -8.49 -0.43
CA ASP A 35 2.53 -9.83 0.15
C ASP A 35 3.26 -9.79 1.49
N GLY A 36 4.31 -8.98 1.56
CA GLY A 36 5.08 -8.86 2.79
C GLY A 36 4.21 -8.63 4.00
N CYS A 37 3.66 -7.42 4.11
CA CYS A 37 2.80 -7.07 5.24
C CYS A 37 1.32 -7.17 4.85
N GLY A 38 0.99 -6.60 3.69
CA GLY A 38 -0.38 -6.63 3.23
C GLY A 38 -0.99 -5.25 3.11
N VAL A 39 -0.38 -4.40 2.28
CA VAL A 39 -0.86 -3.04 2.08
C VAL A 39 -0.93 -2.70 0.60
N TRP A 40 -1.97 -1.96 0.21
CA TRP A 40 -2.15 -1.56 -1.17
C TRP A 40 -1.22 -0.41 -1.54
N HIS A 41 -0.70 -0.44 -2.76
CA HIS A 41 0.21 0.60 -3.23
C HIS A 41 0.00 0.87 -4.72
N HIS A 42 0.22 2.12 -5.13
CA HIS A 42 0.06 2.51 -6.52
C HIS A 42 1.07 1.80 -7.41
N THR A 43 0.64 0.71 -8.05
CA THR A 43 1.51 -0.06 -8.92
C THR A 43 2.37 0.85 -9.78
N ARG A 44 1.89 2.07 -10.00
CA ARG A 44 2.62 3.04 -10.82
C ARG A 44 3.74 3.70 -10.01
N CYS A 45 3.45 3.98 -8.74
CA CYS A 45 4.43 4.61 -7.86
C CYS A 45 5.50 3.61 -7.44
N ILE A 46 5.09 2.37 -7.20
CA ILE A 46 6.02 1.32 -6.79
C ILE A 46 7.02 1.02 -7.91
N GLY A 47 6.56 1.06 -9.16
CA GLY A 47 7.42 0.79 -10.28
C GLY A 47 6.85 -0.27 -11.21
N ILE A 48 5.66 0.00 -11.75
CA ILE A 48 5.02 -0.93 -12.65
C ILE A 48 4.46 -0.20 -13.88
N ASN A 49 5.33 0.05 -14.86
CA ASN A 49 4.92 0.73 -16.08
C ASN A 49 3.76 0.01 -16.75
N ASN A 50 3.18 0.65 -17.75
CA ASN A 50 2.05 0.07 -18.49
C ASN A 50 2.54 -0.86 -19.60
N ALA A 51 3.54 -1.67 -19.29
CA ALA A 51 4.10 -2.60 -20.25
C ALA A 51 4.23 -4.00 -19.66
N ASP A 52 4.56 -4.06 -18.38
CA ASP A 52 4.73 -5.34 -17.69
C ASP A 52 3.44 -5.72 -16.95
N ALA A 53 3.29 -7.01 -16.68
CA ALA A 53 2.11 -7.51 -15.98
C ALA A 53 2.23 -7.31 -14.47
N LEU A 54 1.16 -7.63 -13.75
CA LEU A 54 1.16 -7.48 -12.30
C LEU A 54 1.91 -8.62 -11.63
N PRO A 55 2.86 -8.26 -10.75
CA PRO A 55 3.67 -9.24 -10.02
C PRO A 55 2.86 -10.02 -8.99
N SER A 56 2.97 -11.34 -9.03
CA SER A 56 2.25 -12.19 -8.09
C SER A 56 2.34 -11.65 -6.67
N LYS A 57 3.53 -11.19 -6.31
CA LYS A 57 3.75 -10.63 -4.97
C LYS A 57 4.63 -9.38 -5.04
N PHE A 58 4.39 -8.45 -4.13
CA PHE A 58 5.16 -7.21 -4.08
C PHE A 58 5.53 -6.85 -2.65
N LEU A 59 6.73 -6.33 -2.47
CA LEU A 59 7.22 -5.94 -1.14
C LEU A 59 7.47 -4.44 -1.07
N CYS A 60 6.86 -3.78 -0.08
CA CYS A 60 7.02 -2.35 0.10
C CYS A 60 8.44 -2.02 0.56
N PHE A 61 8.89 -0.81 0.24
CA PHE A 61 10.23 -0.36 0.63
C PHE A 61 10.53 -0.74 2.08
N ARG A 62 9.62 -0.39 2.98
CA ARG A 62 9.80 -0.70 4.39
C ARG A 62 10.12 -2.18 4.59
N CYS A 63 9.29 -3.04 4.02
CA CYS A 63 9.48 -4.49 4.14
C CYS A 63 10.93 -4.87 3.81
N ILE A 64 11.39 -4.44 2.65
CA ILE A 64 12.75 -4.73 2.22
C ILE A 64 13.72 -4.76 3.41
N GLU A 65 13.47 -3.89 4.38
CA GLU A 65 14.30 -3.82 5.58
C GLU A 65 13.72 -4.66 6.70
N LEU A 66 12.40 -4.67 6.80
CA LEU A 66 11.72 -5.45 7.84
C LEU A 66 12.10 -6.92 7.77
N SER A 67 12.12 -7.46 6.55
CA SER A 67 12.47 -8.86 6.35
C SER A 67 13.75 -9.22 7.10
N GLY A 68 13.61 -10.05 8.12
CA GLY A 68 14.77 -10.46 8.91
C GLY A 68 14.46 -11.61 9.84
N PRO A 69 15.51 -12.35 10.25
CA PRO A 69 15.37 -13.49 11.15
C PRO A 69 14.99 -13.07 12.56
N SER A 70 13.68 -13.08 12.84
CA SER A 70 13.18 -12.70 14.16
C SER A 70 12.37 -13.82 14.78
N SER A 71 12.80 -14.28 15.94
CA SER A 71 12.12 -15.36 16.65
C SER A 71 12.49 -15.37 18.13
N GLY A 72 11.48 -15.23 18.98
CA GLY A 72 11.71 -15.22 20.42
C GLY A 72 11.25 -13.93 21.07
ZN ZN B . 2.14 5.21 -3.79
ZN ZN C . 5.06 -4.62 3.02
N GLY A 1 -43.05 14.48 17.78
CA GLY A 1 -42.22 13.77 16.81
C GLY A 1 -40.78 14.24 16.85
N SER A 2 -39.85 13.34 16.52
CA SER A 2 -38.43 13.66 16.51
C SER A 2 -37.73 13.04 15.32
N SER A 3 -36.57 13.58 14.96
CA SER A 3 -35.81 13.07 13.83
C SER A 3 -34.69 12.15 14.30
N GLY A 4 -33.96 11.58 13.35
CA GLY A 4 -32.86 10.69 13.68
C GLY A 4 -31.68 10.83 12.74
N SER A 5 -30.86 9.81 12.67
CA SER A 5 -29.68 9.82 11.80
C SER A 5 -29.38 8.42 11.27
N SER A 6 -29.24 8.32 9.95
CA SER A 6 -28.94 7.04 9.31
C SER A 6 -27.94 7.22 8.18
N GLY A 7 -27.19 6.16 7.90
CA GLY A 7 -26.20 6.21 6.84
C GLY A 7 -24.82 5.80 7.30
N MET A 8 -23.98 5.39 6.37
CA MET A 8 -22.62 4.96 6.69
C MET A 8 -21.60 5.87 6.02
N GLU A 9 -20.43 6.00 6.64
CA GLU A 9 -19.36 6.84 6.11
C GLU A 9 -18.57 6.09 5.04
N ARG A 10 -18.56 6.63 3.83
CA ARG A 10 -17.84 6.01 2.71
C ARG A 10 -16.33 6.03 2.97
N GLY A 11 -15.66 4.97 2.53
CA GLY A 11 -14.22 4.89 2.72
C GLY A 11 -13.75 3.46 2.93
N VAL A 12 -12.46 3.30 3.22
CA VAL A 12 -11.89 1.98 3.44
C VAL A 12 -12.22 1.46 4.83
N ASP A 13 -12.54 0.17 4.91
CA ASP A 13 -12.88 -0.45 6.20
C ASP A 13 -11.66 -1.15 6.79
N ASN A 14 -10.99 -1.96 5.98
CA ASN A 14 -9.81 -2.70 6.44
C ASN A 14 -8.65 -2.50 5.46
N TRP A 15 -8.88 -2.85 4.20
CA TRP A 15 -7.85 -2.71 3.17
C TRP A 15 -7.05 -1.43 3.37
N LYS A 16 -5.87 -1.55 3.95
CA LYS A 16 -5.01 -0.40 4.20
C LYS A 16 -4.46 0.16 2.88
N VAL A 17 -5.26 1.00 2.23
CA VAL A 17 -4.85 1.60 0.96
C VAL A 17 -3.81 2.68 1.17
N ASP A 18 -3.70 3.15 2.42
CA ASP A 18 -2.72 4.19 2.75
C ASP A 18 -1.34 3.84 2.21
N CYS A 19 -0.98 4.43 1.08
CA CYS A 19 0.31 4.18 0.46
C CYS A 19 1.36 5.17 0.96
N LYS A 20 2.63 4.83 0.79
CA LYS A 20 3.72 5.69 1.22
C LYS A 20 3.50 7.12 0.77
N CYS A 21 2.87 7.28 -0.39
CA CYS A 21 2.60 8.60 -0.94
C CYS A 21 1.70 9.41 0.00
N GLY A 22 0.61 8.78 0.44
CA GLY A 22 -0.31 9.45 1.34
C GLY A 22 -1.74 9.36 0.87
N THR A 23 -2.08 8.26 0.19
CA THR A 23 -3.43 8.06 -0.31
C THR A 23 -4.19 7.04 0.54
N LYS A 24 -5.05 7.55 1.42
CA LYS A 24 -5.83 6.69 2.29
C LYS A 24 -7.19 6.38 1.67
N ASP A 25 -7.24 6.33 0.34
CA ASP A 25 -8.48 6.05 -0.37
C ASP A 25 -8.19 5.36 -1.70
N ASP A 26 -9.26 4.92 -2.37
CA ASP A 26 -9.12 4.24 -3.65
C ASP A 26 -9.67 5.10 -4.79
N ASP A 27 -8.76 5.76 -5.50
CA ASP A 27 -9.15 6.62 -6.61
C ASP A 27 -9.43 5.80 -7.86
N GLY A 28 -9.50 4.48 -7.70
CA GLY A 28 -9.77 3.60 -8.82
C GLY A 28 -8.53 3.34 -9.66
N GLU A 29 -7.36 3.48 -9.05
CA GLU A 29 -6.10 3.26 -9.74
C GLU A 29 -5.50 1.90 -9.37
N ARG A 30 -5.00 1.20 -10.38
CA ARG A 30 -4.40 -0.12 -10.16
C ARG A 30 -3.52 -0.11 -8.92
N MET A 31 -3.72 -1.10 -8.05
CA MET A 31 -2.94 -1.21 -6.82
C MET A 31 -2.71 -2.67 -6.46
N LEU A 32 -1.92 -2.90 -5.40
CA LEU A 32 -1.62 -4.25 -4.95
C LEU A 32 -1.21 -4.25 -3.49
N ALA A 33 -1.77 -5.18 -2.72
CA ALA A 33 -1.46 -5.29 -1.31
C ALA A 33 -0.14 -6.01 -1.08
N CYS A 34 0.63 -5.54 -0.10
CA CYS A 34 1.93 -6.14 0.22
C CYS A 34 1.75 -7.53 0.82
N ASP A 35 2.25 -8.54 0.11
CA ASP A 35 2.16 -9.92 0.58
C ASP A 35 2.49 -10.01 2.07
N GLY A 36 3.44 -9.19 2.51
CA GLY A 36 3.84 -9.20 3.91
C GLY A 36 2.84 -8.49 4.80
N CYS A 37 2.99 -7.18 4.93
CA CYS A 37 2.09 -6.39 5.76
C CYS A 37 0.64 -6.50 5.27
N GLY A 38 0.37 -5.90 4.12
CA GLY A 38 -0.97 -5.96 3.56
C GLY A 38 -1.51 -4.58 3.21
N VAL A 39 -0.69 -3.77 2.57
CA VAL A 39 -1.08 -2.43 2.18
C VAL A 39 -1.06 -2.25 0.67
N TRP A 40 -2.12 -1.67 0.13
CA TRP A 40 -2.23 -1.45 -1.31
C TRP A 40 -1.42 -0.22 -1.73
N HIS A 41 -0.53 -0.41 -2.70
CA HIS A 41 0.30 0.68 -3.20
C HIS A 41 0.06 0.91 -4.69
N HIS A 42 0.28 2.15 -5.13
CA HIS A 42 0.10 2.50 -6.53
C HIS A 42 1.15 1.84 -7.41
N THR A 43 0.77 0.74 -8.05
CA THR A 43 1.69 0.00 -8.92
C THR A 43 2.57 0.96 -9.72
N ARG A 44 2.03 2.14 -10.03
CA ARG A 44 2.77 3.14 -10.78
C ARG A 44 3.81 3.83 -9.91
N CYS A 45 3.35 4.48 -8.86
CA CYS A 45 4.24 5.19 -7.94
C CYS A 45 5.42 4.30 -7.55
N ILE A 46 5.17 3.01 -7.44
CA ILE A 46 6.21 2.05 -7.07
C ILE A 46 7.09 1.71 -8.27
N GLY A 47 6.49 1.73 -9.46
CA GLY A 47 7.24 1.42 -10.67
C GLY A 47 6.39 0.75 -11.72
N ILE A 48 5.69 -0.32 -11.32
CA ILE A 48 4.84 -1.06 -12.25
C ILE A 48 3.83 -0.12 -12.92
N ASN A 49 4.11 0.22 -14.17
CA ASN A 49 3.23 1.11 -14.93
C ASN A 49 2.06 0.32 -15.53
N ASN A 50 1.21 1.02 -16.28
CA ASN A 50 0.05 0.40 -16.90
C ASN A 50 0.47 -0.77 -17.79
N ALA A 51 1.53 -0.55 -18.56
CA ALA A 51 2.04 -1.59 -19.45
C ALA A 51 2.89 -2.61 -18.70
N ASP A 52 2.24 -3.40 -17.86
CA ASP A 52 2.93 -4.42 -17.08
C ASP A 52 1.94 -5.31 -16.33
N ALA A 53 2.44 -6.38 -15.74
CA ALA A 53 1.59 -7.31 -15.00
C ALA A 53 1.93 -7.28 -13.51
N LEU A 54 1.06 -7.89 -12.71
CA LEU A 54 1.27 -7.94 -11.26
C LEU A 54 2.09 -9.16 -10.87
N PRO A 55 3.15 -8.93 -10.07
CA PRO A 55 4.03 -10.00 -9.61
C PRO A 55 3.35 -10.91 -8.59
N SER A 56 3.74 -12.18 -8.58
CA SER A 56 3.17 -13.14 -7.65
C SER A 56 3.32 -12.68 -6.21
N LYS A 57 4.49 -12.14 -5.89
CA LYS A 57 4.77 -11.65 -4.54
C LYS A 57 5.52 -10.32 -4.59
N PHE A 58 5.06 -9.35 -3.82
CA PHE A 58 5.68 -8.04 -3.77
C PHE A 58 6.03 -7.65 -2.34
N LEU A 59 7.18 -7.02 -2.16
CA LEU A 59 7.62 -6.60 -0.84
C LEU A 59 7.71 -5.08 -0.76
N CYS A 60 6.92 -4.49 0.13
CA CYS A 60 6.91 -3.05 0.32
C CYS A 60 8.19 -2.57 1.00
N PHE A 61 8.58 -1.33 0.72
CA PHE A 61 9.78 -0.75 1.30
C PHE A 61 9.97 -1.22 2.74
N ARG A 62 9.08 -0.78 3.62
CA ARG A 62 9.14 -1.16 5.03
C ARG A 62 9.63 -2.59 5.19
N CYS A 63 9.12 -3.48 4.35
CA CYS A 63 9.50 -4.89 4.40
C CYS A 63 10.90 -5.09 3.84
N ILE A 64 11.08 -4.77 2.57
CA ILE A 64 12.37 -4.91 1.92
C ILE A 64 13.52 -4.64 2.89
N GLU A 65 13.30 -3.68 3.78
CA GLU A 65 14.31 -3.30 4.77
C GLU A 65 14.20 -4.18 6.01
N LEU A 66 12.98 -4.41 6.46
CA LEU A 66 12.73 -5.25 7.64
C LEU A 66 13.38 -6.62 7.48
N SER A 67 13.27 -7.18 6.29
CA SER A 67 13.85 -8.50 6.02
C SER A 67 13.35 -9.54 7.01
N GLY A 68 12.06 -9.46 7.34
CA GLY A 68 11.49 -10.40 8.29
C GLY A 68 10.48 -11.33 7.64
N PRO A 69 10.98 -12.42 7.04
CA PRO A 69 10.13 -13.41 6.37
C PRO A 69 9.28 -14.21 7.36
N SER A 70 9.51 -13.99 8.65
CA SER A 70 8.77 -14.69 9.69
C SER A 70 8.08 -13.70 10.62
N SER A 71 7.52 -12.65 10.05
CA SER A 71 6.83 -11.62 10.83
C SER A 71 5.34 -11.58 10.49
N GLY A 72 4.52 -12.08 11.40
CA GLY A 72 3.08 -12.08 11.16
C GLY A 72 2.32 -12.83 12.25
ZN ZN B . 1.92 5.35 -3.85
ZN ZN C . 5.21 -4.78 3.58
N GLY A 1 -16.96 27.54 1.53
CA GLY A 1 -18.27 27.44 2.12
C GLY A 1 -18.75 25.99 2.22
N SER A 2 -18.75 25.46 3.44
CA SER A 2 -19.19 24.09 3.66
C SER A 2 -19.91 23.96 5.00
N SER A 3 -20.44 22.77 5.27
CA SER A 3 -21.16 22.52 6.52
C SER A 3 -21.26 21.02 6.79
N GLY A 4 -21.04 20.63 8.04
CA GLY A 4 -21.12 19.24 8.41
C GLY A 4 -22.51 18.67 8.25
N SER A 5 -22.87 18.30 7.03
CA SER A 5 -24.18 17.74 6.75
C SER A 5 -24.21 16.24 7.02
N SER A 6 -25.42 15.68 7.09
CA SER A 6 -25.58 14.26 7.36
C SER A 6 -24.93 13.42 6.25
N GLY A 7 -24.26 12.35 6.65
CA GLY A 7 -23.60 11.49 5.68
C GLY A 7 -22.14 11.23 6.02
N MET A 8 -21.83 9.97 6.30
CA MET A 8 -20.46 9.59 6.66
C MET A 8 -19.84 8.73 5.56
N GLU A 9 -19.16 9.37 4.62
CA GLU A 9 -18.53 8.66 3.52
C GLU A 9 -17.84 7.39 4.02
N ARG A 10 -18.33 6.24 3.56
CA ARG A 10 -17.77 4.96 3.96
C ARG A 10 -16.54 4.61 3.12
N GLY A 11 -15.94 3.47 3.41
CA GLY A 11 -14.76 3.05 2.67
C GLY A 11 -14.64 1.54 2.59
N VAL A 12 -13.44 1.06 2.27
CA VAL A 12 -13.19 -0.37 2.15
C VAL A 12 -13.72 -1.13 3.37
N ASP A 13 -13.66 -2.45 3.31
CA ASP A 13 -14.14 -3.28 4.41
C ASP A 13 -12.98 -4.04 5.05
N ASN A 14 -12.18 -4.70 4.22
CA ASN A 14 -11.05 -5.48 4.70
C ASN A 14 -9.78 -5.12 3.93
N TRP A 15 -9.53 -3.82 3.78
CA TRP A 15 -8.36 -3.35 3.07
C TRP A 15 -7.79 -2.09 3.72
N LYS A 16 -6.55 -1.76 3.39
CA LYS A 16 -5.89 -0.59 3.95
C LYS A 16 -5.24 0.25 2.85
N VAL A 17 -5.98 0.45 1.76
CA VAL A 17 -5.48 1.23 0.63
C VAL A 17 -4.82 2.52 1.10
N ASP A 18 -3.55 2.68 0.76
CA ASP A 18 -2.79 3.87 1.14
C ASP A 18 -1.60 4.09 0.23
N CYS A 19 -1.68 5.11 -0.63
CA CYS A 19 -0.61 5.41 -1.56
C CYS A 19 0.29 6.50 -1.00
N LYS A 20 1.41 6.75 -1.69
CA LYS A 20 2.36 7.76 -1.26
C LYS A 20 1.95 9.14 -1.74
N CYS A 21 1.41 9.21 -2.96
CA CYS A 21 0.96 10.47 -3.54
C CYS A 21 -0.13 11.10 -2.69
N GLY A 22 -1.06 10.27 -2.22
CA GLY A 22 -2.15 10.76 -1.40
C GLY A 22 -3.39 9.89 -1.49
N THR A 23 -3.63 9.32 -2.67
CA THR A 23 -4.78 8.45 -2.88
C THR A 23 -4.74 7.24 -1.96
N LYS A 24 -5.82 7.05 -1.22
CA LYS A 24 -5.92 5.92 -0.30
C LYS A 24 -7.24 5.18 -0.46
N ASP A 25 -7.89 5.40 -1.60
CA ASP A 25 -9.17 4.75 -1.90
C ASP A 25 -9.20 4.26 -3.33
N ASP A 26 -9.95 3.18 -3.56
CA ASP A 26 -10.07 2.59 -4.90
C ASP A 26 -10.78 3.55 -5.84
N ASP A 27 -10.06 3.99 -6.88
CA ASP A 27 -10.63 4.91 -7.87
C ASP A 27 -10.78 4.22 -9.22
N GLY A 28 -9.65 3.78 -9.77
CA GLY A 28 -9.68 3.13 -11.07
C GLY A 28 -8.34 2.49 -11.42
N GLU A 29 -7.26 3.10 -10.93
CA GLU A 29 -5.92 2.57 -11.20
C GLU A 29 -5.64 1.32 -10.39
N ARG A 30 -5.12 0.29 -11.05
CA ARG A 30 -4.81 -0.96 -10.38
C ARG A 30 -3.95 -0.72 -9.14
N MET A 31 -4.04 -1.63 -8.18
CA MET A 31 -3.27 -1.52 -6.94
C MET A 31 -2.88 -2.90 -6.42
N LEU A 32 -1.88 -2.93 -5.55
CA LEU A 32 -1.41 -4.20 -4.98
C LEU A 32 -0.98 -4.00 -3.53
N ALA A 33 -1.46 -4.89 -2.66
CA ALA A 33 -1.12 -4.82 -1.24
C ALA A 33 0.13 -5.63 -0.93
N CYS A 34 0.93 -5.15 0.01
CA CYS A 34 2.16 -5.84 0.41
C CYS A 34 1.84 -7.22 0.98
N ASP A 35 2.28 -8.25 0.27
CA ASP A 35 2.06 -9.63 0.71
C ASP A 35 2.28 -9.77 2.21
N GLY A 36 3.27 -9.04 2.73
CA GLY A 36 3.56 -9.09 4.15
C GLY A 36 2.53 -8.37 4.99
N CYS A 37 2.60 -7.05 5.01
CA CYS A 37 1.67 -6.24 5.78
C CYS A 37 0.26 -6.31 5.18
N GLY A 38 0.09 -5.72 4.00
CA GLY A 38 -1.20 -5.73 3.35
C GLY A 38 -1.71 -4.33 3.04
N VAL A 39 -0.86 -3.53 2.41
CA VAL A 39 -1.23 -2.16 2.05
C VAL A 39 -1.18 -1.95 0.54
N TRP A 40 -2.34 -1.76 -0.07
CA TRP A 40 -2.43 -1.55 -1.50
C TRP A 40 -1.70 -0.29 -1.91
N HIS A 41 -1.20 -0.26 -3.15
CA HIS A 41 -0.48 0.89 -3.66
C HIS A 41 -0.62 0.99 -5.18
N HIS A 42 -0.68 2.21 -5.69
CA HIS A 42 -0.80 2.45 -7.12
C HIS A 42 0.33 1.76 -7.89
N THR A 43 0.00 0.68 -8.58
CA THR A 43 0.99 -0.06 -9.35
C THR A 43 1.96 0.88 -10.05
N ARG A 44 1.43 1.98 -10.56
CA ARG A 44 2.23 2.97 -11.28
C ARG A 44 3.18 3.69 -10.31
N CYS A 45 2.60 4.35 -9.31
CA CYS A 45 3.37 5.08 -8.33
C CYS A 45 4.55 4.25 -7.84
N ILE A 46 4.28 3.02 -7.43
CA ILE A 46 5.31 2.12 -6.93
C ILE A 46 6.39 1.90 -7.99
N GLY A 47 6.01 2.07 -9.26
CA GLY A 47 6.96 1.88 -10.34
C GLY A 47 6.66 0.66 -11.18
N ILE A 48 5.38 0.49 -11.53
CA ILE A 48 4.96 -0.65 -12.34
C ILE A 48 3.84 -0.25 -13.30
N ASN A 49 4.15 -0.23 -14.59
CA ASN A 49 3.17 0.12 -15.60
C ASN A 49 2.44 -1.12 -16.12
N ASN A 50 1.32 -0.90 -16.79
CA ASN A 50 0.53 -2.00 -17.34
C ASN A 50 1.43 -3.02 -18.05
N ALA A 51 2.35 -2.52 -18.87
CA ALA A 51 3.27 -3.38 -19.60
C ALA A 51 3.75 -4.53 -18.72
N ASP A 52 4.19 -4.21 -17.51
CA ASP A 52 4.68 -5.21 -16.58
C ASP A 52 3.54 -5.77 -15.73
N ALA A 53 3.60 -7.06 -15.43
CA ALA A 53 2.58 -7.71 -14.62
C ALA A 53 2.86 -7.53 -13.13
N LEU A 54 1.90 -7.93 -12.31
CA LEU A 54 2.05 -7.82 -10.85
C LEU A 54 2.89 -8.95 -10.30
N PRO A 55 3.90 -8.60 -9.48
CA PRO A 55 4.81 -9.58 -8.88
C PRO A 55 4.11 -10.42 -7.82
N SER A 56 4.16 -11.74 -7.98
CA SER A 56 3.53 -12.65 -7.04
C SER A 56 3.68 -12.15 -5.61
N LYS A 57 4.86 -11.62 -5.30
CA LYS A 57 5.13 -11.09 -3.97
C LYS A 57 5.69 -9.68 -4.04
N PHE A 58 5.27 -8.82 -3.11
CA PHE A 58 5.73 -7.44 -3.08
C PHE A 58 5.97 -6.99 -1.64
N LEU A 59 7.21 -6.63 -1.35
CA LEU A 59 7.58 -6.18 -0.01
C LEU A 59 7.74 -4.66 0.03
N CYS A 60 7.00 -4.01 0.92
CA CYS A 60 7.05 -2.57 1.05
C CYS A 60 8.44 -2.12 1.50
N PHE A 61 8.75 -0.85 1.24
CA PHE A 61 10.06 -0.29 1.62
C PHE A 61 10.51 -0.84 2.97
N ARG A 62 9.72 -0.56 4.01
CA ARG A 62 10.04 -1.01 5.35
C ARG A 62 10.36 -2.50 5.36
N CYS A 63 9.44 -3.30 4.83
CA CYS A 63 9.62 -4.74 4.77
C CYS A 63 10.95 -5.10 4.11
N ILE A 64 11.09 -4.73 2.84
CA ILE A 64 12.30 -5.00 2.10
C ILE A 64 13.53 -4.96 3.00
N GLU A 65 13.51 -4.06 3.98
CA GLU A 65 14.61 -3.91 4.92
C GLU A 65 14.47 -4.88 6.08
N LEU A 66 13.27 -4.95 6.65
CA LEU A 66 12.99 -5.82 7.78
C LEU A 66 13.39 -7.26 7.45
N SER A 67 13.03 -7.71 6.25
CA SER A 67 13.36 -9.07 5.82
C SER A 67 14.75 -9.48 6.29
N GLY A 68 14.91 -10.75 6.60
CA GLY A 68 16.19 -11.25 7.07
C GLY A 68 16.25 -11.43 8.57
N PRO A 69 17.35 -12.00 9.06
CA PRO A 69 17.55 -12.24 10.50
C PRO A 69 17.75 -10.94 11.27
N SER A 70 16.66 -10.36 11.75
CA SER A 70 16.73 -9.11 12.50
C SER A 70 16.12 -9.28 13.89
N SER A 71 16.41 -10.42 14.53
CA SER A 71 15.89 -10.70 15.86
C SER A 71 17.02 -10.93 16.85
N GLY A 72 17.32 -9.91 17.64
CA GLY A 72 18.39 -10.03 18.62
C GLY A 72 17.91 -10.63 19.92
ZN ZN B . -0.47 7.07 -6.12
ZN ZN C . 5.19 -4.81 4.10
N GLY A 1 1.80 23.54 28.80
CA GLY A 1 1.61 22.21 28.25
C GLY A 1 0.28 22.06 27.53
N SER A 2 0.28 21.28 26.45
CA SER A 2 -0.93 21.06 25.67
C SER A 2 -0.83 19.77 24.86
N SER A 3 -1.94 19.39 24.22
CA SER A 3 -1.98 18.19 23.41
C SER A 3 -3.12 18.23 22.41
N GLY A 4 -2.79 18.19 21.13
CA GLY A 4 -3.81 18.22 20.09
C GLY A 4 -3.34 17.59 18.80
N SER A 5 -4.11 16.61 18.31
CA SER A 5 -3.76 15.92 17.08
C SER A 5 -5.02 15.61 16.25
N SER A 6 -4.93 15.83 14.95
CA SER A 6 -6.06 15.58 14.06
C SER A 6 -5.67 14.63 12.93
N GLY A 7 -6.65 14.24 12.12
CA GLY A 7 -6.38 13.34 11.02
C GLY A 7 -7.41 13.46 9.91
N MET A 8 -8.69 13.42 10.28
CA MET A 8 -9.76 13.53 9.30
C MET A 8 -9.45 12.69 8.06
N GLU A 9 -8.91 11.50 8.26
CA GLU A 9 -8.56 10.62 7.16
C GLU A 9 -9.47 9.40 7.13
N ARG A 10 -10.35 9.34 6.14
CA ARG A 10 -11.28 8.22 6.01
C ARG A 10 -10.75 7.18 5.03
N GLY A 11 -10.06 6.17 5.56
CA GLY A 11 -9.51 5.13 4.72
C GLY A 11 -10.15 3.77 4.98
N VAL A 12 -10.21 2.94 3.95
CA VAL A 12 -10.79 1.61 4.07
C VAL A 12 -10.01 0.77 5.07
N ASP A 13 -10.68 0.37 6.15
CA ASP A 13 -10.05 -0.44 7.19
C ASP A 13 -9.66 -1.81 6.63
N ASN A 14 -10.63 -2.51 6.07
CA ASN A 14 -10.38 -3.83 5.50
C ASN A 14 -9.16 -3.82 4.59
N TRP A 15 -9.17 -2.91 3.62
CA TRP A 15 -8.07 -2.78 2.68
C TRP A 15 -7.34 -1.46 2.87
N LYS A 16 -6.34 -1.45 3.74
CA LYS A 16 -5.56 -0.25 4.01
C LYS A 16 -4.95 0.32 2.72
N VAL A 17 -5.57 1.37 2.20
CA VAL A 17 -5.11 2.00 0.98
C VAL A 17 -4.21 3.20 1.29
N ASP A 18 -2.92 2.95 1.45
CA ASP A 18 -1.96 4.02 1.75
C ASP A 18 -0.86 4.06 0.70
N CYS A 19 -0.42 5.27 0.37
CA CYS A 19 0.64 5.44 -0.63
C CYS A 19 1.55 6.61 -0.24
N LYS A 20 2.61 6.80 -1.02
CA LYS A 20 3.56 7.88 -0.76
C LYS A 20 3.15 9.15 -1.50
N CYS A 21 2.55 8.98 -2.67
CA CYS A 21 2.11 10.12 -3.47
C CYS A 21 1.23 11.06 -2.66
N GLY A 22 0.27 10.49 -1.94
CA GLY A 22 -0.61 11.29 -1.11
C GLY A 22 -2.08 10.95 -1.34
N THR A 23 -2.36 9.67 -1.55
CA THR A 23 -3.72 9.21 -1.77
C THR A 23 -4.27 8.47 -0.56
N LYS A 24 -5.52 8.75 -0.21
CA LYS A 24 -6.16 8.11 0.93
C LYS A 24 -7.36 7.29 0.49
N ASP A 25 -7.82 7.52 -0.74
CA ASP A 25 -8.96 6.79 -1.29
C ASP A 25 -8.66 6.29 -2.70
N ASP A 26 -9.35 5.24 -3.10
CA ASP A 26 -9.16 4.67 -4.44
C ASP A 26 -9.66 5.63 -5.51
N ASP A 27 -8.72 6.30 -6.17
CA ASP A 27 -9.06 7.25 -7.23
C ASP A 27 -9.23 6.53 -8.57
N GLY A 28 -9.85 5.36 -8.53
CA GLY A 28 -10.06 4.59 -9.75
C GLY A 28 -8.76 4.16 -10.39
N GLU A 29 -7.82 3.72 -9.57
CA GLU A 29 -6.53 3.28 -10.07
C GLU A 29 -6.15 1.92 -9.48
N ARG A 30 -5.48 1.09 -10.29
CA ARG A 30 -5.07 -0.24 -9.85
C ARG A 30 -4.10 -0.14 -8.67
N MET A 31 -4.08 -1.19 -7.84
CA MET A 31 -3.19 -1.22 -6.68
C MET A 31 -2.90 -2.65 -6.26
N LEU A 32 -1.91 -2.82 -5.39
CA LEU A 32 -1.53 -4.15 -4.91
C LEU A 32 -1.11 -4.10 -3.45
N ALA A 33 -1.67 -5.00 -2.65
CA ALA A 33 -1.36 -5.07 -1.22
C ALA A 33 -0.05 -5.80 -0.98
N CYS A 34 0.74 -5.32 -0.02
CA CYS A 34 2.02 -5.94 0.30
C CYS A 34 1.82 -7.27 1.02
N ASP A 35 2.01 -8.37 0.29
CA ASP A 35 1.84 -9.70 0.86
C ASP A 35 2.26 -9.72 2.32
N GLY A 36 3.36 -9.04 2.64
CA GLY A 36 3.85 -9.00 4.00
C GLY A 36 2.86 -8.35 4.95
N CYS A 37 2.85 -7.02 4.96
CA CYS A 37 1.94 -6.28 5.83
C CYS A 37 0.51 -6.32 5.29
N GLY A 38 0.31 -5.74 4.11
CA GLY A 38 -1.00 -5.72 3.49
C GLY A 38 -1.45 -4.33 3.12
N VAL A 39 -0.52 -3.54 2.58
CA VAL A 39 -0.83 -2.17 2.18
C VAL A 39 -0.90 -2.06 0.65
N TRP A 40 -2.05 -1.60 0.17
CA TRP A 40 -2.25 -1.43 -1.27
C TRP A 40 -1.42 -0.29 -1.82
N HIS A 41 -0.61 -0.57 -2.84
CA HIS A 41 0.24 0.44 -3.45
C HIS A 41 -0.14 0.66 -4.92
N HIS A 42 -0.04 1.90 -5.36
CA HIS A 42 -0.39 2.25 -6.73
C HIS A 42 0.62 1.65 -7.71
N THR A 43 0.22 0.57 -8.37
CA THR A 43 1.09 -0.12 -9.33
C THR A 43 1.89 0.89 -10.15
N ARG A 44 1.23 1.95 -10.61
CA ARG A 44 1.88 2.98 -11.40
C ARG A 44 2.94 3.71 -10.58
N CYS A 45 2.58 4.06 -9.35
CA CYS A 45 3.49 4.76 -8.45
C CYS A 45 4.79 3.98 -8.28
N ILE A 46 4.66 2.70 -7.94
CA ILE A 46 5.82 1.84 -7.75
C ILE A 46 6.64 1.73 -9.02
N GLY A 47 5.98 1.92 -10.16
CA GLY A 47 6.67 1.84 -11.43
C GLY A 47 5.84 1.14 -12.50
N ILE A 48 5.18 0.05 -12.10
CA ILE A 48 4.35 -0.71 -13.02
C ILE A 48 3.70 0.20 -14.05
N ASN A 49 3.44 -0.35 -15.23
CA ASN A 49 2.81 0.41 -16.31
C ASN A 49 1.65 -0.37 -16.93
N ASN A 50 0.98 0.25 -17.90
CA ASN A 50 -0.14 -0.40 -18.57
C ASN A 50 0.34 -1.51 -19.49
N ALA A 51 1.55 -1.36 -20.01
CA ALA A 51 2.14 -2.36 -20.90
C ALA A 51 2.80 -3.48 -20.11
N ASP A 52 2.18 -3.87 -19.00
CA ASP A 52 2.72 -4.93 -18.16
C ASP A 52 1.71 -5.31 -17.08
N ALA A 53 1.69 -6.59 -16.72
CA ALA A 53 0.78 -7.09 -15.69
C ALA A 53 1.35 -6.83 -14.30
N LEU A 54 0.63 -7.30 -13.28
CA LEU A 54 1.06 -7.12 -11.89
C LEU A 54 1.90 -8.30 -11.43
N PRO A 55 2.86 -8.02 -10.54
CA PRO A 55 3.76 -9.05 -10.00
C PRO A 55 3.03 -10.01 -9.05
N SER A 56 3.57 -11.22 -8.92
CA SER A 56 2.97 -12.23 -8.06
C SER A 56 3.16 -11.86 -6.58
N LYS A 57 4.33 -11.35 -6.26
CA LYS A 57 4.64 -10.96 -4.89
C LYS A 57 5.39 -9.62 -4.85
N PHE A 58 4.91 -8.70 -4.03
CA PHE A 58 5.53 -7.38 -3.91
C PHE A 58 5.62 -6.96 -2.45
N LEU A 59 6.78 -6.44 -2.05
CA LEU A 59 6.99 -5.99 -0.68
C LEU A 59 7.20 -4.49 -0.63
N CYS A 60 6.59 -3.85 0.36
CA CYS A 60 6.71 -2.40 0.53
C CYS A 60 8.13 -2.02 0.93
N PHE A 61 8.45 -0.74 0.80
CA PHE A 61 9.78 -0.24 1.16
C PHE A 61 10.19 -0.72 2.55
N ARG A 62 9.21 -0.81 3.45
CA ARG A 62 9.46 -1.25 4.81
C ARG A 62 9.84 -2.72 4.84
N CYS A 63 9.16 -3.53 4.04
CA CYS A 63 9.42 -4.96 3.98
C CYS A 63 10.81 -5.22 3.39
N ILE A 64 11.38 -4.22 2.75
CA ILE A 64 12.70 -4.34 2.16
C ILE A 64 13.78 -4.54 3.21
N GLU A 65 13.67 -3.79 4.30
CA GLU A 65 14.63 -3.89 5.40
C GLU A 65 14.12 -4.84 6.49
N LEU A 66 12.82 -4.81 6.71
CA LEU A 66 12.20 -5.67 7.72
C LEU A 66 12.44 -7.14 7.41
N SER A 67 12.29 -7.50 6.14
CA SER A 67 12.49 -8.87 5.71
C SER A 67 13.60 -9.55 6.51
N GLY A 68 14.67 -8.80 6.76
CA GLY A 68 15.79 -9.35 7.52
C GLY A 68 15.33 -10.08 8.77
N PRO A 69 16.18 -11.00 9.26
CA PRO A 69 15.88 -11.80 10.45
C PRO A 69 15.90 -10.96 11.73
N SER A 70 16.23 -9.68 11.58
CA SER A 70 16.30 -8.78 12.71
C SER A 70 17.13 -9.37 13.84
N SER A 71 18.25 -9.99 13.47
CA SER A 71 19.14 -10.60 14.46
C SER A 71 19.26 -9.74 15.69
N GLY A 72 19.56 -8.46 15.49
CA GLY A 72 19.70 -7.54 16.61
C GLY A 72 18.75 -7.86 17.75
ZN ZN B . 0.35 6.52 -5.13
ZN ZN C . 5.16 -4.57 3.79
N GLY A 1 -22.47 9.03 14.83
CA GLY A 1 -21.25 8.26 14.95
C GLY A 1 -20.07 9.10 15.39
N SER A 2 -18.88 8.79 14.88
CA SER A 2 -17.68 9.52 15.22
C SER A 2 -17.48 10.72 14.29
N SER A 3 -17.87 11.89 14.76
CA SER A 3 -17.74 13.11 13.97
C SER A 3 -16.29 13.35 13.57
N GLY A 4 -15.38 13.22 14.53
CA GLY A 4 -13.98 13.42 14.26
C GLY A 4 -13.71 14.68 13.45
N SER A 5 -14.23 15.81 13.93
CA SER A 5 -14.06 17.08 13.24
C SER A 5 -14.15 16.89 11.73
N SER A 6 -15.10 16.09 11.29
CA SER A 6 -15.29 15.82 9.87
C SER A 6 -16.67 15.24 9.61
N GLY A 7 -17.38 15.79 8.62
CA GLY A 7 -18.70 15.32 8.29
C GLY A 7 -18.67 14.24 7.22
N MET A 8 -19.47 14.44 6.17
CA MET A 8 -19.54 13.47 5.08
C MET A 8 -18.20 13.37 4.37
N GLU A 9 -17.70 12.14 4.24
CA GLU A 9 -16.41 11.90 3.59
C GLU A 9 -16.36 10.50 3.01
N ARG A 10 -15.97 10.40 1.74
CA ARG A 10 -15.87 9.11 1.07
C ARG A 10 -15.19 8.08 1.95
N GLY A 11 -15.98 7.22 2.58
CA GLY A 11 -15.43 6.20 3.46
C GLY A 11 -14.46 5.29 2.73
N VAL A 12 -13.35 4.96 3.40
CA VAL A 12 -12.34 4.09 2.81
C VAL A 12 -12.46 2.66 3.34
N ASP A 13 -12.20 1.69 2.48
CA ASP A 13 -12.28 0.28 2.87
C ASP A 13 -11.23 -0.05 3.92
N ASN A 14 -11.57 -0.97 4.82
CA ASN A 14 -10.64 -1.38 5.89
C ASN A 14 -9.22 -1.49 5.36
N TRP A 15 -9.06 -2.15 4.21
CA TRP A 15 -7.75 -2.32 3.61
C TRP A 15 -6.96 -1.01 3.62
N LYS A 16 -5.81 -1.03 4.27
CA LYS A 16 -4.96 0.15 4.35
C LYS A 16 -4.38 0.51 3.00
N VAL A 17 -5.15 1.26 2.21
CA VAL A 17 -4.71 1.67 0.88
C VAL A 17 -3.83 2.91 0.96
N ASP A 18 -2.94 2.94 1.95
CA ASP A 18 -2.04 4.06 2.12
C ASP A 18 -0.90 4.02 1.10
N CYS A 19 -0.81 5.08 0.30
CA CYS A 19 0.22 5.16 -0.73
C CYS A 19 1.34 6.11 -0.30
N LYS A 20 2.40 6.18 -1.10
CA LYS A 20 3.53 7.05 -0.80
C LYS A 20 3.24 8.47 -1.26
N CYS A 21 2.62 8.62 -2.42
CA CYS A 21 2.29 9.93 -2.97
C CYS A 21 1.55 10.77 -1.94
N GLY A 22 0.54 10.17 -1.31
CA GLY A 22 -0.24 10.88 -0.31
C GLY A 22 -1.73 10.60 -0.43
N THR A 23 -2.07 9.38 -0.84
CA THR A 23 -3.45 8.98 -0.99
C THR A 23 -3.95 8.25 0.24
N LYS A 24 -5.19 8.53 0.63
CA LYS A 24 -5.80 7.90 1.81
C LYS A 24 -6.77 6.80 1.39
N ASP A 25 -7.64 7.11 0.44
CA ASP A 25 -8.62 6.15 -0.05
C ASP A 25 -8.44 5.91 -1.54
N ASP A 26 -9.23 5.00 -2.08
CA ASP A 26 -9.17 4.66 -3.50
C ASP A 26 -9.42 5.90 -4.36
N ASP A 27 -8.49 6.19 -5.27
CA ASP A 27 -8.61 7.35 -6.14
C ASP A 27 -9.16 6.94 -7.50
N GLY A 28 -8.61 5.87 -8.06
CA GLY A 28 -9.06 5.39 -9.36
C GLY A 28 -8.10 4.40 -9.98
N GLU A 29 -6.81 4.63 -9.78
CA GLU A 29 -5.79 3.74 -10.32
C GLU A 29 -5.74 2.42 -9.55
N ARG A 30 -5.45 1.33 -10.26
CA ARG A 30 -5.37 0.02 -9.64
C ARG A 30 -4.34 0.00 -8.51
N MET A 31 -4.52 -0.91 -7.57
CA MET A 31 -3.61 -1.03 -6.43
C MET A 31 -3.38 -2.49 -6.08
N LEU A 32 -2.20 -2.78 -5.51
CA LEU A 32 -1.87 -4.14 -5.12
C LEU A 32 -1.30 -4.17 -3.71
N ALA A 33 -1.75 -5.15 -2.92
CA ALA A 33 -1.29 -5.28 -1.54
C ALA A 33 0.13 -5.83 -1.50
N CYS A 34 0.96 -5.25 -0.63
CA CYS A 34 2.34 -5.68 -0.48
C CYS A 34 2.43 -7.05 0.18
N ASP A 35 2.65 -8.08 -0.63
CA ASP A 35 2.77 -9.44 -0.11
C ASP A 35 3.43 -9.45 1.26
N GLY A 36 4.43 -8.60 1.43
CA GLY A 36 5.14 -8.53 2.71
C GLY A 36 4.21 -8.29 3.87
N CYS A 37 3.65 -7.08 3.94
CA CYS A 37 2.73 -6.73 5.03
C CYS A 37 1.28 -6.80 4.56
N GLY A 38 0.98 -6.11 3.47
CA GLY A 38 -0.37 -6.12 2.94
C GLY A 38 -0.94 -4.72 2.74
N VAL A 39 -0.14 -3.85 2.13
CA VAL A 39 -0.56 -2.47 1.88
C VAL A 39 -0.75 -2.21 0.39
N TRP A 40 -1.99 -1.92 0.00
CA TRP A 40 -2.31 -1.65 -1.40
C TRP A 40 -1.55 -0.41 -1.89
N HIS A 41 -0.68 -0.61 -2.88
CA HIS A 41 0.09 0.48 -3.45
C HIS A 41 -0.35 0.79 -4.88
N HIS A 42 -0.26 2.05 -5.27
CA HIS A 42 -0.65 2.47 -6.61
C HIS A 42 0.31 1.89 -7.65
N THR A 43 -0.12 0.83 -8.31
CA THR A 43 0.69 0.18 -9.34
C THR A 43 1.53 1.21 -10.09
N ARG A 44 0.89 2.27 -10.55
CA ARG A 44 1.58 3.32 -11.30
C ARG A 44 2.66 3.96 -10.44
N CYS A 45 2.26 4.54 -9.31
CA CYS A 45 3.18 5.20 -8.41
C CYS A 45 4.47 4.39 -8.26
N ILE A 46 4.32 3.17 -7.74
CA ILE A 46 5.47 2.28 -7.55
C ILE A 46 6.30 2.17 -8.82
N GLY A 47 5.62 2.20 -9.97
CA GLY A 47 6.31 2.10 -11.25
C GLY A 47 5.50 1.36 -12.28
N ILE A 48 4.91 0.24 -11.88
CA ILE A 48 4.10 -0.56 -12.79
C ILE A 48 3.43 0.31 -13.85
N ASN A 49 3.31 -0.23 -15.06
CA ASN A 49 2.69 0.50 -16.16
C ASN A 49 1.22 0.09 -16.32
N ASN A 50 0.37 1.08 -16.57
CA ASN A 50 -1.05 0.84 -16.74
C ASN A 50 -1.30 -0.49 -17.47
N ALA A 51 -0.48 -0.75 -18.50
CA ALA A 51 -0.60 -1.97 -19.27
C ALA A 51 0.02 -3.15 -18.54
N ASP A 52 1.24 -2.97 -18.07
CA ASP A 52 1.94 -4.02 -17.34
C ASP A 52 1.00 -4.74 -16.38
N ALA A 53 1.37 -5.97 -16.01
CA ALA A 53 0.55 -6.77 -15.10
C ALA A 53 1.08 -6.69 -13.67
N LEU A 54 0.36 -7.31 -12.74
CA LEU A 54 0.76 -7.30 -11.34
C LEU A 54 1.80 -8.38 -11.06
N PRO A 55 2.88 -8.00 -10.36
CA PRO A 55 3.96 -8.92 -10.02
C PRO A 55 3.53 -9.96 -8.98
N SER A 56 3.79 -11.22 -9.28
CA SER A 56 3.42 -12.32 -8.39
C SER A 56 3.63 -11.91 -6.93
N LYS A 57 4.75 -11.25 -6.66
CA LYS A 57 5.08 -10.81 -5.31
C LYS A 57 5.74 -9.44 -5.33
N PHE A 58 5.24 -8.53 -4.50
CA PHE A 58 5.78 -7.17 -4.42
C PHE A 58 6.01 -6.76 -2.97
N LEU A 59 7.23 -6.34 -2.67
CA LEU A 59 7.58 -5.91 -1.31
C LEU A 59 7.79 -4.41 -1.26
N CYS A 60 7.40 -3.81 -0.13
CA CYS A 60 7.55 -2.36 0.05
C CYS A 60 8.87 -2.03 0.77
N PHE A 61 9.45 -0.89 0.41
CA PHE A 61 10.70 -0.47 1.01
C PHE A 61 10.75 -0.83 2.50
N ARG A 62 9.69 -0.47 3.21
CA ARG A 62 9.61 -0.75 4.65
C ARG A 62 9.97 -2.21 4.94
N CYS A 63 9.30 -3.12 4.24
CA CYS A 63 9.56 -4.55 4.42
C CYS A 63 10.97 -4.91 3.97
N ILE A 64 11.36 -4.41 2.81
CA ILE A 64 12.68 -4.69 2.26
C ILE A 64 13.72 -4.81 3.37
N GLU A 65 13.58 -3.98 4.40
CA GLU A 65 14.50 -4.00 5.53
C GLU A 65 13.97 -4.88 6.65
N LEU A 66 12.66 -4.82 6.88
CA LEU A 66 12.03 -5.61 7.92
C LEU A 66 12.37 -7.10 7.76
N SER A 67 12.28 -7.59 6.53
CA SER A 67 12.57 -8.99 6.25
C SER A 67 14.07 -9.25 6.34
N GLY A 68 14.53 -9.58 7.54
CA GLY A 68 15.95 -9.87 7.74
C GLY A 68 16.29 -11.32 7.47
N PRO A 69 15.86 -12.21 8.38
CA PRO A 69 16.10 -13.65 8.27
C PRO A 69 15.33 -14.28 7.12
N SER A 70 14.51 -13.49 6.45
CA SER A 70 13.71 -13.98 5.33
C SER A 70 13.06 -15.32 5.67
N SER A 71 12.47 -15.39 6.85
CA SER A 71 11.81 -16.62 7.31
C SER A 71 10.42 -16.74 6.69
N GLY A 72 10.32 -16.47 5.39
CA GLY A 72 9.04 -16.55 4.71
C GLY A 72 9.00 -17.68 3.71
ZN ZN B . 0.05 6.87 -5.03
ZN ZN C . 5.25 -4.29 3.01
N GLY A 1 -19.16 27.66 8.44
CA GLY A 1 -18.22 26.62 8.85
C GLY A 1 -18.87 25.26 8.96
N SER A 2 -18.10 24.21 8.74
CA SER A 2 -18.61 22.85 8.82
C SER A 2 -18.19 22.18 10.13
N SER A 3 -19.06 22.27 11.12
CA SER A 3 -18.79 21.68 12.43
C SER A 3 -20.07 21.57 13.25
N GLY A 4 -20.12 20.57 14.12
CA GLY A 4 -21.28 20.37 14.97
C GLY A 4 -21.27 19.03 15.67
N SER A 5 -21.99 18.05 15.12
CA SER A 5 -22.06 16.73 15.70
C SER A 5 -21.49 15.68 14.75
N SER A 6 -20.19 15.44 14.86
CA SER A 6 -19.51 14.46 14.01
C SER A 6 -18.72 13.46 14.84
N GLY A 7 -19.17 12.21 14.85
CA GLY A 7 -18.50 11.18 15.60
C GLY A 7 -17.10 10.91 15.10
N MET A 8 -16.69 9.65 15.16
CA MET A 8 -15.36 9.26 14.70
C MET A 8 -15.19 9.53 13.21
N GLU A 9 -13.96 9.44 12.72
CA GLU A 9 -13.68 9.68 11.31
C GLU A 9 -12.69 8.64 10.77
N ARG A 10 -13.20 7.71 9.97
CA ARG A 10 -12.37 6.67 9.39
C ARG A 10 -12.82 6.32 7.97
N GLY A 11 -11.94 5.70 7.21
CA GLY A 11 -12.28 5.33 5.85
C GLY A 11 -12.25 3.83 5.63
N VAL A 12 -11.08 3.30 5.27
CA VAL A 12 -10.93 1.87 5.03
C VAL A 12 -10.17 1.21 6.16
N ASP A 13 -10.55 -0.01 6.49
CA ASP A 13 -9.90 -0.76 7.56
C ASP A 13 -9.41 -2.12 7.05
N ASN A 14 -10.27 -2.82 6.32
CA ASN A 14 -9.92 -4.12 5.78
C ASN A 14 -8.73 -4.03 4.84
N TRP A 15 -8.84 -3.16 3.83
CA TRP A 15 -7.78 -2.96 2.87
C TRP A 15 -6.83 -1.84 3.30
N LYS A 16 -5.66 -2.21 3.79
CA LYS A 16 -4.67 -1.25 4.24
C LYS A 16 -4.18 -0.40 3.08
N VAL A 17 -4.97 0.60 2.69
CA VAL A 17 -4.61 1.48 1.59
C VAL A 17 -3.75 2.64 2.08
N ASP A 18 -2.54 2.74 1.56
CA ASP A 18 -1.62 3.80 1.94
C ASP A 18 -0.41 3.83 1.01
N CYS A 19 -0.11 5.01 0.46
CA CYS A 19 1.01 5.18 -0.45
C CYS A 19 1.73 6.50 -0.18
N LYS A 20 3.05 6.49 -0.33
CA LYS A 20 3.86 7.68 -0.11
C LYS A 20 3.25 8.89 -0.83
N CYS A 21 2.68 8.65 -1.99
CA CYS A 21 2.05 9.71 -2.77
C CYS A 21 1.19 10.61 -1.88
N GLY A 22 0.37 9.98 -1.05
CA GLY A 22 -0.49 10.74 -0.16
C GLY A 22 -1.94 10.28 -0.22
N THR A 23 -2.13 8.98 -0.45
CA THR A 23 -3.47 8.41 -0.54
C THR A 23 -3.82 7.63 0.72
N LYS A 24 -5.10 7.61 1.06
CA LYS A 24 -5.57 6.89 2.25
C LYS A 24 -6.66 5.89 1.88
N ASP A 25 -7.56 6.31 1.00
CA ASP A 25 -8.65 5.45 0.57
C ASP A 25 -8.58 5.19 -0.93
N ASP A 26 -9.50 4.38 -1.44
CA ASP A 26 -9.54 4.05 -2.87
C ASP A 26 -9.62 5.31 -3.71
N ASP A 27 -8.55 5.62 -4.42
CA ASP A 27 -8.49 6.80 -5.27
C ASP A 27 -9.01 6.48 -6.68
N GLY A 28 -8.36 5.53 -7.34
CA GLY A 28 -8.77 5.15 -8.68
C GLY A 28 -7.72 4.33 -9.40
N GLU A 29 -6.46 4.62 -9.11
CA GLU A 29 -5.34 3.90 -9.74
C GLU A 29 -5.20 2.50 -9.16
N ARG A 30 -5.09 1.50 -10.03
CA ARG A 30 -4.94 0.12 -9.60
C ARG A 30 -3.97 0.01 -8.43
N MET A 31 -4.22 -0.96 -7.55
CA MET A 31 -3.38 -1.17 -6.39
C MET A 31 -3.26 -2.66 -6.05
N LEU A 32 -2.25 -3.01 -5.28
CA LEU A 32 -2.03 -4.40 -4.88
C LEU A 32 -1.43 -4.48 -3.48
N ALA A 33 -1.97 -5.39 -2.67
CA ALA A 33 -1.49 -5.57 -1.30
C ALA A 33 -0.09 -6.18 -1.30
N CYS A 34 0.83 -5.52 -0.60
CA CYS A 34 2.21 -5.99 -0.51
C CYS A 34 2.28 -7.31 0.26
N ASP A 35 2.56 -8.39 -0.44
CA ASP A 35 2.66 -9.71 0.18
C ASP A 35 3.45 -9.63 1.49
N GLY A 36 4.51 -8.82 1.49
CA GLY A 36 5.32 -8.67 2.68
C GLY A 36 4.50 -8.31 3.91
N CYS A 37 3.97 -7.10 3.92
CA CYS A 37 3.15 -6.63 5.03
C CYS A 37 1.67 -6.68 4.69
N GLY A 38 1.31 -6.07 3.56
CA GLY A 38 -0.08 -6.06 3.14
C GLY A 38 -0.63 -4.65 2.98
N VAL A 39 0.01 -3.88 2.11
CA VAL A 39 -0.41 -2.51 1.86
C VAL A 39 -0.69 -2.27 0.38
N TRP A 40 -1.78 -1.58 0.08
CA TRP A 40 -2.15 -1.28 -1.30
C TRP A 40 -1.40 -0.06 -1.82
N HIS A 41 -0.71 -0.22 -2.95
CA HIS A 41 0.04 0.87 -3.55
C HIS A 41 -0.32 1.03 -5.02
N HIS A 42 -0.35 2.28 -5.48
CA HIS A 42 -0.69 2.58 -6.87
C HIS A 42 0.34 1.95 -7.82
N THR A 43 0.10 0.71 -8.21
CA THR A 43 1.00 0.00 -9.12
C THR A 43 1.60 0.95 -10.16
N ARG A 44 0.74 1.71 -10.81
CA ARG A 44 1.17 2.66 -11.84
C ARG A 44 2.35 3.48 -11.33
N CYS A 45 2.27 3.94 -10.09
CA CYS A 45 3.33 4.74 -9.49
C CYS A 45 4.48 3.85 -9.02
N ILE A 46 4.14 2.66 -8.55
CA ILE A 46 5.15 1.72 -8.08
C ILE A 46 6.22 1.46 -9.14
N GLY A 47 5.77 1.05 -10.32
CA GLY A 47 6.70 0.77 -11.41
C GLY A 47 6.23 -0.36 -12.30
N ILE A 48 4.94 -0.37 -12.59
CA ILE A 48 4.36 -1.41 -13.44
C ILE A 48 3.43 -0.80 -14.49
N ASN A 49 3.67 -1.12 -15.75
CA ASN A 49 2.85 -0.62 -16.84
C ASN A 49 1.75 -1.61 -17.21
N ASN A 50 0.54 -1.09 -17.41
CA ASN A 50 -0.60 -1.94 -17.75
C ASN A 50 -0.17 -3.08 -18.67
N ALA A 51 0.72 -2.78 -19.61
CA ALA A 51 1.22 -3.78 -20.54
C ALA A 51 1.63 -5.05 -19.81
N ASP A 52 2.46 -4.91 -18.80
CA ASP A 52 2.93 -6.04 -18.02
C ASP A 52 1.84 -6.53 -17.06
N ALA A 53 2.08 -7.70 -16.45
CA ALA A 53 1.12 -8.27 -15.51
C ALA A 53 1.54 -8.01 -14.08
N LEU A 54 0.71 -8.45 -13.13
CA LEU A 54 1.00 -8.27 -11.72
C LEU A 54 1.91 -9.37 -11.20
N PRO A 55 2.97 -8.98 -10.47
CA PRO A 55 3.93 -9.93 -9.90
C PRO A 55 3.34 -10.76 -8.77
N SER A 56 3.48 -12.08 -8.87
CA SER A 56 2.95 -12.98 -7.86
C SER A 56 3.14 -12.41 -6.46
N LYS A 57 4.30 -11.81 -6.23
CA LYS A 57 4.61 -11.21 -4.93
C LYS A 57 5.31 -9.87 -5.10
N PHE A 58 4.93 -8.90 -4.27
CA PHE A 58 5.52 -7.57 -4.32
C PHE A 58 5.80 -7.04 -2.92
N LEU A 59 7.05 -6.68 -2.68
CA LEU A 59 7.46 -6.16 -1.38
C LEU A 59 7.65 -4.65 -1.42
N CYS A 60 7.35 -3.98 -0.32
CA CYS A 60 7.48 -2.53 -0.24
C CYS A 60 8.81 -2.14 0.40
N PHE A 61 9.16 -0.87 0.28
CA PHE A 61 10.41 -0.36 0.84
C PHE A 61 10.56 -0.80 2.30
N ARG A 62 9.57 -0.49 3.12
CA ARG A 62 9.59 -0.85 4.53
C ARG A 62 10.02 -2.30 4.71
N CYS A 63 9.41 -3.20 3.95
CA CYS A 63 9.72 -4.61 4.02
C CYS A 63 11.20 -4.85 3.77
N ILE A 64 11.72 -4.23 2.73
CA ILE A 64 13.14 -4.37 2.38
C ILE A 64 14.00 -4.48 3.62
N GLU A 65 13.55 -3.86 4.70
CA GLU A 65 14.30 -3.89 5.96
C GLU A 65 13.78 -5.01 6.87
N LEU A 66 12.46 -5.10 7.00
CA LEU A 66 11.84 -6.13 7.83
C LEU A 66 12.32 -7.52 7.42
N SER A 67 12.34 -7.78 6.12
CA SER A 67 12.77 -9.06 5.60
C SER A 67 14.18 -9.39 6.06
N GLY A 68 14.31 -10.47 6.83
CA GLY A 68 15.61 -10.88 7.34
C GLY A 68 16.58 -11.23 6.23
N PRO A 69 17.72 -10.53 6.18
CA PRO A 69 18.74 -10.76 5.16
C PRO A 69 19.45 -12.09 5.35
N SER A 70 19.31 -12.98 4.36
CA SER A 70 19.94 -14.30 4.41
C SER A 70 21.46 -14.17 4.40
N SER A 71 21.98 -13.50 3.38
CA SER A 71 23.42 -13.32 3.25
C SER A 71 24.03 -12.75 4.53
N GLY A 72 23.52 -11.60 4.95
CA GLY A 72 24.02 -10.96 6.16
C GLY A 72 23.58 -11.70 7.41
ZN ZN B . 1.59 5.94 -5.14
ZN ZN C . 5.52 -4.47 2.64
N GLY A 1 -19.34 15.22 4.70
CA GLY A 1 -17.90 15.19 4.90
C GLY A 1 -17.49 15.66 6.28
N SER A 2 -16.23 15.44 6.62
CA SER A 2 -15.72 15.83 7.94
C SER A 2 -14.20 16.05 7.88
N SER A 3 -13.75 17.18 8.41
CA SER A 3 -12.34 17.51 8.43
C SER A 3 -11.96 18.24 9.71
N GLY A 4 -10.67 18.18 10.05
CA GLY A 4 -10.20 18.85 11.26
C GLY A 4 -9.22 17.98 12.04
N SER A 5 -9.49 17.80 13.33
CA SER A 5 -8.62 17.00 14.17
C SER A 5 -8.28 15.66 13.52
N SER A 6 -7.04 15.54 13.06
CA SER A 6 -6.58 14.32 12.41
C SER A 6 -6.62 13.14 13.37
N GLY A 7 -7.47 12.16 13.06
CA GLY A 7 -7.60 10.99 13.92
C GLY A 7 -8.67 10.03 13.45
N MET A 8 -9.80 10.60 13.02
CA MET A 8 -10.92 9.78 12.55
C MET A 8 -10.55 9.07 11.25
N GLU A 9 -10.67 7.75 11.25
CA GLU A 9 -10.35 6.95 10.08
C GLU A 9 -11.52 6.93 9.09
N ARG A 10 -12.09 8.10 8.86
CA ARG A 10 -13.23 8.22 7.94
C ARG A 10 -12.82 7.83 6.52
N GLY A 11 -13.65 7.02 5.88
CA GLY A 11 -13.36 6.58 4.53
C GLY A 11 -12.93 5.13 4.47
N VAL A 12 -11.86 4.86 3.71
CA VAL A 12 -11.34 3.51 3.58
C VAL A 12 -10.83 2.98 4.91
N ASP A 13 -11.43 1.88 5.37
CA ASP A 13 -11.03 1.26 6.63
C ASP A 13 -10.72 -0.22 6.44
N ASN A 14 -11.62 -0.93 5.78
CA ASN A 14 -11.45 -2.36 5.53
C ASN A 14 -9.98 -2.68 5.24
N TRP A 15 -9.41 -1.97 4.26
CA TRP A 15 -8.03 -2.18 3.89
C TRP A 15 -7.12 -1.11 4.48
N LYS A 16 -5.82 -1.26 4.30
CA LYS A 16 -4.86 -0.29 4.82
C LYS A 16 -4.22 0.51 3.67
N VAL A 17 -5.03 0.86 2.68
CA VAL A 17 -4.55 1.63 1.54
C VAL A 17 -3.67 2.78 1.99
N ASP A 18 -2.51 2.92 1.34
CA ASP A 18 -1.57 3.97 1.67
C ASP A 18 -0.42 4.01 0.67
N CYS A 19 -0.22 5.17 0.04
CA CYS A 19 0.84 5.34 -0.93
C CYS A 19 1.93 6.28 -0.40
N LYS A 20 2.94 6.53 -1.23
CA LYS A 20 4.04 7.41 -0.85
C LYS A 20 3.89 8.77 -1.51
N CYS A 21 3.26 8.80 -2.68
CA CYS A 21 3.06 10.04 -3.41
C CYS A 21 2.21 11.02 -2.61
N GLY A 22 1.14 10.50 -2.00
CA GLY A 22 0.27 11.34 -1.20
C GLY A 22 -1.09 10.70 -0.95
N THR A 23 -1.56 9.95 -1.94
CA THR A 23 -2.86 9.29 -1.82
C THR A 23 -2.86 8.28 -0.68
N LYS A 24 -3.62 8.58 0.36
CA LYS A 24 -3.72 7.69 1.52
C LYS A 24 -4.87 6.71 1.37
N ASP A 25 -5.99 7.19 0.85
CA ASP A 25 -7.16 6.35 0.64
C ASP A 25 -7.39 6.08 -0.84
N ASP A 26 -8.04 4.97 -1.15
CA ASP A 26 -8.32 4.59 -2.53
C ASP A 26 -9.09 5.70 -3.24
N ASP A 27 -8.52 6.21 -4.33
CA ASP A 27 -9.15 7.27 -5.10
C ASP A 27 -9.74 6.72 -6.40
N GLY A 28 -8.87 6.22 -7.27
CA GLY A 28 -9.32 5.67 -8.54
C GLY A 28 -8.18 5.10 -9.36
N GLU A 29 -7.23 4.45 -8.69
CA GLU A 29 -6.09 3.85 -9.37
C GLU A 29 -5.88 2.41 -8.91
N ARG A 30 -5.17 1.64 -9.73
CA ARG A 30 -4.90 0.24 -9.41
C ARG A 30 -3.86 0.13 -8.29
N MET A 31 -3.97 -0.92 -7.50
CA MET A 31 -3.05 -1.15 -6.38
C MET A 31 -2.88 -2.64 -6.11
N LEU A 32 -1.88 -2.98 -5.31
CA LEU A 32 -1.61 -4.37 -4.97
C LEU A 32 -1.17 -4.50 -3.51
N ALA A 33 -1.61 -5.57 -2.86
CA ALA A 33 -1.26 -5.81 -1.47
C ALA A 33 0.17 -6.32 -1.34
N CYS A 34 0.87 -5.86 -0.30
CA CYS A 34 2.25 -6.27 -0.07
C CYS A 34 2.31 -7.54 0.77
N ASP A 35 2.74 -8.63 0.15
CA ASP A 35 2.85 -9.91 0.85
C ASP A 35 3.47 -9.73 2.23
N GLY A 36 4.43 -8.82 2.32
CA GLY A 36 5.09 -8.57 3.59
C GLY A 36 4.11 -8.22 4.70
N CYS A 37 3.59 -7.00 4.67
CA CYS A 37 2.64 -6.55 5.67
C CYS A 37 1.21 -6.63 5.15
N GLY A 38 1.00 -6.10 3.95
CA GLY A 38 -0.33 -6.13 3.35
C GLY A 38 -0.92 -4.74 3.18
N VAL A 39 -0.31 -3.94 2.33
CA VAL A 39 -0.77 -2.57 2.08
C VAL A 39 -0.90 -2.30 0.59
N TRP A 40 -1.99 -1.63 0.22
CA TRP A 40 -2.23 -1.30 -1.19
C TRP A 40 -1.36 -0.13 -1.63
N HIS A 41 -0.68 -0.30 -2.76
CA HIS A 41 0.19 0.74 -3.29
C HIS A 41 -0.06 0.94 -4.78
N HIS A 42 -0.05 2.20 -5.23
CA HIS A 42 -0.27 2.51 -6.63
C HIS A 42 0.72 1.75 -7.52
N THR A 43 0.21 0.72 -8.19
CA THR A 43 1.04 -0.09 -9.07
C THR A 43 2.00 0.77 -9.88
N ARG A 44 1.49 1.90 -10.38
CA ARG A 44 2.30 2.81 -11.18
C ARG A 44 3.41 3.44 -10.33
N CYS A 45 3.01 4.07 -9.23
CA CYS A 45 3.97 4.71 -8.34
C CYS A 45 5.13 3.78 -8.03
N ILE A 46 4.82 2.53 -7.70
CA ILE A 46 5.84 1.54 -7.39
C ILE A 46 6.64 1.15 -8.64
N GLY A 47 5.93 1.00 -9.75
CA GLY A 47 6.59 0.63 -10.99
C GLY A 47 5.64 -0.03 -11.97
N ILE A 48 5.03 -1.14 -11.57
CA ILE A 48 4.09 -1.86 -12.42
C ILE A 48 3.05 -0.92 -13.01
N ASN A 49 2.71 -1.15 -14.27
CA ASN A 49 1.71 -0.32 -14.95
C ASN A 49 0.39 -1.07 -15.10
N ASN A 50 -0.64 -0.34 -15.50
CA ASN A 50 -1.97 -0.93 -15.68
C ASN A 50 -1.90 -2.17 -16.58
N ALA A 51 -1.15 -2.06 -17.66
CA ALA A 51 -0.99 -3.17 -18.60
C ALA A 51 -0.28 -4.35 -17.95
N ASP A 52 0.94 -4.10 -17.48
CA ASP A 52 1.73 -5.14 -16.83
C ASP A 52 0.88 -5.93 -15.85
N ALA A 53 1.43 -7.05 -15.37
CA ALA A 53 0.72 -7.90 -14.43
C ALA A 53 1.31 -7.77 -13.03
N LEU A 54 0.68 -8.44 -12.06
CA LEU A 54 1.15 -8.40 -10.68
C LEU A 54 2.05 -9.59 -10.38
N PRO A 55 3.19 -9.33 -9.70
CA PRO A 55 4.14 -10.36 -9.33
C PRO A 55 3.61 -11.30 -8.25
N SER A 56 4.32 -12.40 -8.03
CA SER A 56 3.91 -13.38 -7.03
C SER A 56 4.04 -12.81 -5.62
N LYS A 57 5.15 -12.11 -5.38
CA LYS A 57 5.40 -11.50 -4.08
C LYS A 57 6.01 -10.11 -4.23
N PHE A 58 5.51 -9.16 -3.45
CA PHE A 58 6.01 -7.79 -3.50
C PHE A 58 6.14 -7.21 -2.09
N LEU A 59 7.26 -6.55 -1.84
CA LEU A 59 7.51 -5.95 -0.53
C LEU A 59 7.68 -4.43 -0.65
N CYS A 60 7.18 -3.71 0.34
CA CYS A 60 7.27 -2.26 0.35
C CYS A 60 8.62 -1.80 0.88
N PHE A 61 9.01 -0.58 0.52
CA PHE A 61 10.29 -0.02 0.95
C PHE A 61 10.65 -0.52 2.35
N ARG A 62 9.68 -0.43 3.27
CA ARG A 62 9.89 -0.86 4.64
C ARG A 62 10.11 -2.37 4.71
N CYS A 63 9.11 -3.13 4.27
CA CYS A 63 9.19 -4.58 4.28
C CYS A 63 10.54 -5.05 3.75
N ILE A 64 10.99 -4.45 2.66
CA ILE A 64 12.27 -4.81 2.05
C ILE A 64 13.38 -4.88 3.10
N GLU A 65 13.28 -4.03 4.12
CA GLU A 65 14.26 -4.00 5.19
C GLU A 65 13.81 -4.85 6.37
N LEU A 66 12.55 -4.71 6.74
CA LEU A 66 11.99 -5.47 7.85
C LEU A 66 12.24 -6.96 7.68
N SER A 67 12.13 -7.44 6.43
CA SER A 67 12.34 -8.85 6.14
C SER A 67 11.35 -9.72 6.89
N GLY A 68 10.06 -9.41 6.73
CA GLY A 68 9.04 -10.18 7.41
C GLY A 68 8.67 -9.61 8.76
N PRO A 69 7.37 -9.63 9.08
CA PRO A 69 6.87 -9.11 10.36
C PRO A 69 7.28 -9.98 11.54
N SER A 70 8.02 -11.04 11.26
CA SER A 70 8.47 -11.95 12.31
C SER A 70 9.06 -11.18 13.47
N SER A 71 8.26 -10.97 14.51
CA SER A 71 8.69 -10.24 15.70
C SER A 71 9.60 -11.11 16.55
N GLY A 72 9.14 -12.32 16.86
CA GLY A 72 9.91 -13.23 17.67
C GLY A 72 10.86 -14.09 16.86
ZN ZN B . 0.79 6.98 -5.39
ZN ZN C . 4.77 -4.18 3.23
N GLY A 1 -9.97 20.86 15.31
CA GLY A 1 -9.74 19.62 16.02
C GLY A 1 -10.72 19.39 17.14
N SER A 2 -12.01 19.49 16.82
CA SER A 2 -13.06 19.29 17.82
C SER A 2 -12.97 17.91 18.46
N SER A 3 -12.80 17.88 19.77
CA SER A 3 -12.69 16.62 20.50
C SER A 3 -14.07 16.07 20.84
N GLY A 4 -14.96 16.04 19.84
CA GLY A 4 -16.30 15.55 20.05
C GLY A 4 -16.46 14.10 19.60
N SER A 5 -16.12 13.84 18.33
CA SER A 5 -16.23 12.51 17.78
C SER A 5 -14.86 11.84 17.68
N SER A 6 -14.79 10.58 18.08
CA SER A 6 -13.54 9.83 18.03
C SER A 6 -12.77 10.12 16.75
N GLY A 7 -13.48 10.10 15.63
CA GLY A 7 -12.85 10.36 14.35
C GLY A 7 -12.39 9.09 13.66
N MET A 8 -13.30 8.13 13.54
CA MET A 8 -12.97 6.86 12.90
C MET A 8 -13.90 6.59 11.71
N GLU A 9 -14.14 7.62 10.92
CA GLU A 9 -15.01 7.51 9.75
C GLU A 9 -14.29 7.97 8.49
N ARG A 10 -13.43 8.98 8.63
CA ARG A 10 -12.68 9.51 7.51
C ARG A 10 -11.71 8.47 6.96
N GLY A 11 -11.62 8.40 5.63
CA GLY A 11 -10.72 7.44 5.01
C GLY A 11 -11.34 6.07 4.85
N VAL A 12 -11.20 5.49 3.66
CA VAL A 12 -11.76 4.18 3.38
C VAL A 12 -11.50 3.21 4.53
N ASP A 13 -12.53 2.48 4.94
CA ASP A 13 -12.42 1.52 6.02
C ASP A 13 -12.60 0.10 5.51
N ASN A 14 -11.99 -0.20 4.38
CA ASN A 14 -12.09 -1.53 3.78
C ASN A 14 -10.71 -2.08 3.42
N TRP A 15 -9.91 -1.25 2.76
CA TRP A 15 -8.56 -1.64 2.35
C TRP A 15 -7.54 -0.61 2.81
N LYS A 16 -6.58 -1.06 3.61
CA LYS A 16 -5.53 -0.18 4.12
C LYS A 16 -4.73 0.42 2.97
N VAL A 17 -5.22 1.53 2.42
CA VAL A 17 -4.54 2.20 1.32
C VAL A 17 -3.67 3.35 1.82
N ASP A 18 -2.36 3.18 1.70
CA ASP A 18 -1.42 4.20 2.15
C ASP A 18 -0.08 4.06 1.42
N CYS A 19 0.37 5.14 0.80
CA CYS A 19 1.64 5.14 0.08
C CYS A 19 2.44 6.40 0.38
N LYS A 20 3.74 6.34 0.11
CA LYS A 20 4.63 7.48 0.35
C LYS A 20 4.11 8.72 -0.35
N CYS A 21 3.64 8.55 -1.59
CA CYS A 21 3.13 9.66 -2.37
C CYS A 21 2.13 10.49 -1.55
N GLY A 22 1.38 9.82 -0.68
CA GLY A 22 0.42 10.51 0.15
C GLY A 22 -1.02 10.13 -0.20
N THR A 23 -1.18 8.94 -0.78
CA THR A 23 -2.51 8.47 -1.16
C THR A 23 -3.17 7.72 -0.01
N LYS A 24 -4.17 8.34 0.59
CA LYS A 24 -4.90 7.73 1.70
C LYS A 24 -5.98 6.78 1.20
N ASP A 25 -6.71 7.21 0.18
CA ASP A 25 -7.77 6.40 -0.41
C ASP A 25 -7.49 6.13 -1.88
N ASP A 26 -8.13 5.09 -2.42
CA ASP A 26 -7.95 4.72 -3.81
C ASP A 26 -8.72 5.68 -4.72
N ASP A 27 -7.99 6.55 -5.40
CA ASP A 27 -8.61 7.51 -6.30
C ASP A 27 -9.16 6.82 -7.55
N GLY A 28 -8.34 5.97 -8.15
CA GLY A 28 -8.75 5.26 -9.35
C GLY A 28 -7.59 4.66 -10.10
N GLU A 29 -6.59 4.17 -9.36
CA GLU A 29 -5.41 3.56 -9.96
C GLU A 29 -5.21 2.14 -9.45
N ARG A 30 -4.52 1.32 -10.25
CA ARG A 30 -4.27 -0.06 -9.88
C ARG A 30 -3.26 -0.15 -8.74
N MET A 31 -3.57 -0.95 -7.73
CA MET A 31 -2.69 -1.12 -6.58
C MET A 31 -2.56 -2.59 -6.21
N LEU A 32 -1.71 -2.87 -5.23
CA LEU A 32 -1.49 -4.25 -4.78
C LEU A 32 -1.16 -4.28 -3.29
N ALA A 33 -1.83 -5.17 -2.57
CA ALA A 33 -1.61 -5.31 -1.14
C ALA A 33 -0.35 -6.12 -0.85
N CYS A 34 0.54 -5.56 -0.04
CA CYS A 34 1.79 -6.24 0.31
C CYS A 34 1.51 -7.57 0.99
N ASP A 35 1.68 -8.65 0.24
CA ASP A 35 1.45 -10.00 0.77
C ASP A 35 1.86 -10.08 2.24
N GLY A 36 2.91 -9.35 2.60
CA GLY A 36 3.38 -9.36 3.97
C GLY A 36 2.47 -8.60 4.90
N CYS A 37 2.71 -7.31 5.07
CA CYS A 37 1.90 -6.47 5.94
C CYS A 37 0.44 -6.43 5.45
N GLY A 38 0.24 -5.89 4.26
CA GLY A 38 -1.09 -5.80 3.69
C GLY A 38 -1.46 -4.38 3.31
N VAL A 39 -0.49 -3.64 2.76
CA VAL A 39 -0.73 -2.27 2.35
C VAL A 39 -0.77 -2.16 0.83
N TRP A 40 -1.81 -1.50 0.33
CA TRP A 40 -1.98 -1.32 -1.11
C TRP A 40 -1.11 -0.18 -1.62
N HIS A 41 -0.51 -0.36 -2.79
CA HIS A 41 0.35 0.66 -3.38
C HIS A 41 0.22 0.66 -4.90
N HIS A 42 0.36 1.85 -5.50
CA HIS A 42 0.25 1.98 -6.95
C HIS A 42 1.37 1.20 -7.65
N THR A 43 0.96 0.20 -8.43
CA THR A 43 1.92 -0.62 -9.16
C THR A 43 2.95 0.23 -9.88
N ARG A 44 2.48 1.16 -10.69
CA ARG A 44 3.37 2.05 -11.44
C ARG A 44 4.28 2.82 -10.49
N CYS A 45 3.76 3.15 -9.32
CA CYS A 45 4.53 3.90 -8.33
C CYS A 45 5.69 3.06 -7.80
N ILE A 46 5.46 1.76 -7.64
CA ILE A 46 6.48 0.85 -7.16
C ILE A 46 7.39 0.38 -8.29
N GLY A 47 6.90 0.47 -9.51
CA GLY A 47 7.68 0.05 -10.66
C GLY A 47 6.85 -0.65 -11.71
N ILE A 48 6.06 -1.63 -11.27
CA ILE A 48 5.21 -2.38 -12.18
C ILE A 48 4.14 -1.50 -12.80
N ASN A 49 4.38 -1.07 -14.03
CA ASN A 49 3.43 -0.20 -14.73
C ASN A 49 2.27 -1.02 -15.30
N ASN A 50 1.07 -0.44 -15.28
CA ASN A 50 -0.11 -1.11 -15.79
C ASN A 50 0.23 -1.99 -16.99
N ALA A 51 1.11 -1.49 -17.85
CA ALA A 51 1.52 -2.23 -19.04
C ALA A 51 1.68 -3.71 -18.73
N ASP A 52 2.59 -4.02 -17.80
CA ASP A 52 2.85 -5.40 -17.41
C ASP A 52 1.92 -5.82 -16.27
N ALA A 53 1.95 -7.11 -15.94
CA ALA A 53 1.12 -7.63 -14.87
C ALA A 53 1.83 -7.51 -13.52
N LEU A 54 1.20 -8.06 -12.48
CA LEU A 54 1.76 -8.01 -11.14
C LEU A 54 2.53 -9.30 -10.82
N PRO A 55 3.59 -9.17 -10.02
CA PRO A 55 4.42 -10.31 -9.61
C PRO A 55 3.69 -11.25 -8.66
N SER A 56 4.25 -12.44 -8.48
CA SER A 56 3.65 -13.44 -7.60
C SER A 56 3.58 -12.93 -6.16
N LYS A 57 4.64 -12.26 -5.72
CA LYS A 57 4.70 -11.72 -4.37
C LYS A 57 5.38 -10.35 -4.37
N PHE A 58 4.87 -9.45 -3.54
CA PHE A 58 5.43 -8.10 -3.43
C PHE A 58 5.43 -7.63 -1.99
N LEU A 59 6.47 -6.88 -1.62
CA LEU A 59 6.59 -6.36 -0.27
C LEU A 59 6.79 -4.84 -0.28
N CYS A 60 6.07 -4.15 0.60
CA CYS A 60 6.18 -2.69 0.69
C CYS A 60 7.57 -2.27 1.16
N PHE A 61 7.89 -1.00 0.96
CA PHE A 61 9.19 -0.48 1.37
C PHE A 61 9.59 -1.00 2.74
N ARG A 62 8.84 -0.61 3.76
CA ARG A 62 9.12 -1.06 5.12
C ARG A 62 9.65 -2.49 5.14
N CYS A 63 8.98 -3.37 4.42
CA CYS A 63 9.39 -4.77 4.34
C CYS A 63 10.75 -4.91 3.68
N ILE A 64 10.92 -4.23 2.55
CA ILE A 64 12.18 -4.28 1.81
C ILE A 64 13.37 -4.35 2.76
N GLU A 65 13.29 -3.60 3.85
CA GLU A 65 14.36 -3.58 4.84
C GLU A 65 14.15 -4.66 5.90
N LEU A 66 12.88 -4.92 6.23
CA LEU A 66 12.55 -5.92 7.23
C LEU A 66 13.09 -7.29 6.82
N SER A 67 12.94 -7.63 5.55
CA SER A 67 13.41 -8.91 5.04
C SER A 67 14.62 -8.72 4.13
N GLY A 68 15.80 -9.04 4.65
CA GLY A 68 17.02 -8.89 3.88
C GLY A 68 17.28 -10.07 2.96
N PRO A 69 18.18 -10.97 3.39
CA PRO A 69 18.53 -12.16 2.61
C PRO A 69 17.40 -13.18 2.57
N SER A 70 16.27 -12.83 3.18
CA SER A 70 15.11 -13.71 3.22
C SER A 70 15.45 -15.00 3.97
N SER A 71 15.94 -14.87 5.19
CA SER A 71 16.30 -16.01 6.01
C SER A 71 15.19 -16.33 7.01
N GLY A 72 14.48 -17.43 6.76
CA GLY A 72 13.39 -17.83 7.65
C GLY A 72 12.16 -18.29 6.90
ZN ZN B . 2.56 5.74 -4.51
ZN ZN C . 5.08 -4.98 3.73
N GLY A 1 -33.53 10.44 13.81
CA GLY A 1 -33.80 9.02 13.71
C GLY A 1 -32.60 8.18 14.12
N SER A 2 -32.36 7.10 13.38
CA SER A 2 -31.24 6.20 13.68
C SER A 2 -29.99 6.65 12.94
N SER A 3 -29.10 7.34 13.66
CA SER A 3 -27.86 7.83 13.08
C SER A 3 -26.80 8.07 14.16
N GLY A 4 -25.56 7.71 13.85
CA GLY A 4 -24.48 7.89 14.80
C GLY A 4 -23.21 8.38 14.16
N SER A 5 -22.67 9.49 14.65
CA SER A 5 -21.45 10.06 14.10
C SER A 5 -20.23 9.60 14.89
N SER A 6 -19.52 8.62 14.34
CA SER A 6 -18.33 8.08 15.00
C SER A 6 -17.44 7.35 14.00
N GLY A 7 -16.16 7.22 14.33
CA GLY A 7 -15.22 6.55 13.45
C GLY A 7 -14.31 7.52 12.73
N MET A 8 -13.04 7.49 13.08
CA MET A 8 -12.05 8.38 12.46
C MET A 8 -11.44 7.72 11.23
N GLU A 9 -12.23 7.56 10.17
CA GLU A 9 -11.76 6.94 8.94
C GLU A 9 -12.35 7.63 7.72
N ARG A 10 -11.49 8.10 6.82
CA ARG A 10 -11.92 8.78 5.62
C ARG A 10 -12.46 7.79 4.60
N GLY A 11 -11.62 6.86 4.17
CA GLY A 11 -12.03 5.86 3.20
C GLY A 11 -10.87 4.99 2.74
N VAL A 12 -11.20 3.78 2.27
CA VAL A 12 -10.18 2.85 1.80
C VAL A 12 -10.74 1.93 0.72
N ASP A 13 -9.95 1.69 -0.32
CA ASP A 13 -10.35 0.83 -1.42
C ASP A 13 -10.81 -0.53 -0.90
N ASN A 14 -9.90 -1.23 -0.22
CA ASN A 14 -10.20 -2.54 0.32
C ASN A 14 -9.71 -2.66 1.77
N TRP A 15 -8.39 -2.67 1.94
CA TRP A 15 -7.81 -2.78 3.27
C TRP A 15 -7.12 -1.48 3.67
N LYS A 16 -5.94 -1.24 3.10
CA LYS A 16 -5.18 -0.03 3.39
C LYS A 16 -4.45 0.47 2.15
N VAL A 17 -4.69 1.73 1.78
CA VAL A 17 -4.06 2.32 0.62
C VAL A 17 -3.29 3.57 1.00
N ASP A 18 -2.49 3.48 2.05
CA ASP A 18 -1.68 4.60 2.52
C ASP A 18 -0.35 4.68 1.77
N CYS A 19 -0.37 5.29 0.59
CA CYS A 19 0.83 5.42 -0.21
C CYS A 19 1.75 6.51 0.34
N LYS A 20 2.97 6.56 -0.18
CA LYS A 20 3.94 7.56 0.26
C LYS A 20 3.80 8.85 -0.53
N CYS A 21 3.48 8.72 -1.82
CA CYS A 21 3.32 9.87 -2.69
C CYS A 21 2.52 10.96 -2.00
N GLY A 22 1.45 10.57 -1.33
CA GLY A 22 0.61 11.54 -0.62
C GLY A 22 -0.86 11.26 -0.79
N THR A 23 -1.22 9.98 -0.85
CA THR A 23 -2.61 9.58 -1.00
C THR A 23 -3.15 8.95 0.29
N LYS A 24 -4.39 9.30 0.62
CA LYS A 24 -5.02 8.77 1.83
C LYS A 24 -6.01 7.66 1.47
N ASP A 25 -6.67 7.80 0.34
CA ASP A 25 -7.64 6.79 -0.10
C ASP A 25 -7.50 6.54 -1.60
N ASP A 26 -8.37 5.69 -2.13
CA ASP A 26 -8.34 5.36 -3.56
C ASP A 26 -8.51 6.62 -4.41
N ASP A 27 -7.86 6.62 -5.56
CA ASP A 27 -7.92 7.76 -6.48
C ASP A 27 -8.25 7.31 -7.90
N GLY A 28 -9.10 6.29 -8.01
CA GLY A 28 -9.47 5.78 -9.31
C GLY A 28 -8.30 5.19 -10.06
N GLU A 29 -7.41 4.53 -9.34
CA GLU A 29 -6.23 3.92 -9.94
C GLU A 29 -6.06 2.47 -9.47
N ARG A 30 -5.05 1.80 -10.02
CA ARG A 30 -4.77 0.42 -9.65
C ARG A 30 -3.79 0.34 -8.48
N MET A 31 -3.87 -0.73 -7.71
CA MET A 31 -2.99 -0.92 -6.56
C MET A 31 -2.80 -2.40 -6.26
N LEU A 32 -1.91 -2.70 -5.32
CA LEU A 32 -1.63 -4.08 -4.94
C LEU A 32 -1.14 -4.15 -3.50
N ALA A 33 -1.67 -5.11 -2.75
CA ALA A 33 -1.28 -5.30 -1.36
C ALA A 33 0.11 -5.90 -1.25
N CYS A 34 0.96 -5.29 -0.44
CA CYS A 34 2.32 -5.77 -0.25
C CYS A 34 2.34 -7.10 0.50
N ASP A 35 2.63 -8.18 -0.22
CA ASP A 35 2.67 -9.51 0.38
C ASP A 35 3.22 -9.44 1.80
N GLY A 36 4.18 -8.55 2.02
CA GLY A 36 4.77 -8.40 3.34
C GLY A 36 3.78 -7.92 4.37
N CYS A 37 3.67 -6.61 4.52
CA CYS A 37 2.74 -6.02 5.48
C CYS A 37 1.30 -6.22 5.05
N GLY A 38 1.00 -5.89 3.80
CA GLY A 38 -0.35 -6.04 3.29
C GLY A 38 -1.06 -4.72 3.11
N VAL A 39 -0.50 -3.87 2.24
CA VAL A 39 -1.09 -2.56 1.97
C VAL A 39 -1.17 -2.29 0.48
N TRP A 40 -2.35 -1.88 0.02
CA TRP A 40 -2.56 -1.60 -1.39
C TRP A 40 -1.78 -0.35 -1.82
N HIS A 41 -0.81 -0.53 -2.70
CA HIS A 41 0.00 0.57 -3.18
C HIS A 41 -0.14 0.73 -4.70
N HIS A 42 -0.04 1.96 -5.17
CA HIS A 42 -0.15 2.26 -6.59
C HIS A 42 0.92 1.51 -7.38
N THR A 43 0.48 0.66 -8.31
CA THR A 43 1.40 -0.12 -9.13
C THR A 43 2.33 0.80 -9.92
N ARG A 44 1.83 1.96 -10.29
CA ARG A 44 2.63 2.93 -11.05
C ARG A 44 3.72 3.55 -10.18
N CYS A 45 3.40 3.77 -8.90
CA CYS A 45 4.35 4.35 -7.97
C CYS A 45 5.55 3.43 -7.77
N ILE A 46 5.28 2.16 -7.49
CA ILE A 46 6.34 1.18 -7.29
C ILE A 46 7.15 0.98 -8.56
N GLY A 47 6.52 1.24 -9.70
CA GLY A 47 7.20 1.08 -10.97
C GLY A 47 6.57 0.00 -11.84
N ILE A 48 5.32 0.24 -12.25
CA ILE A 48 4.60 -0.71 -13.08
C ILE A 48 3.57 -0.01 -13.95
N ASN A 49 3.68 -0.23 -15.26
CA ASN A 49 2.75 0.39 -16.21
C ASN A 49 1.64 -0.59 -16.60
N ASN A 50 0.61 -0.07 -17.25
CA ASN A 50 -0.51 -0.89 -17.68
C ASN A 50 -0.04 -2.07 -18.54
N ALA A 51 0.90 -1.78 -19.42
CA ALA A 51 1.45 -2.81 -20.30
C ALA A 51 2.08 -3.95 -19.51
N ASP A 52 2.90 -3.58 -18.52
CA ASP A 52 3.57 -4.57 -17.68
C ASP A 52 2.56 -5.31 -16.80
N ALA A 53 2.98 -6.44 -16.24
CA ALA A 53 2.12 -7.23 -15.38
C ALA A 53 2.52 -7.10 -13.92
N LEU A 54 1.67 -7.59 -13.02
CA LEU A 54 1.94 -7.53 -11.60
C LEU A 54 2.81 -8.70 -11.15
N PRO A 55 3.81 -8.40 -10.31
CA PRO A 55 4.73 -9.43 -9.79
C PRO A 55 4.05 -10.38 -8.81
N SER A 56 4.48 -11.64 -8.82
CA SER A 56 3.91 -12.65 -7.94
C SER A 56 3.91 -12.17 -6.50
N LYS A 57 5.03 -11.57 -6.08
CA LYS A 57 5.16 -11.06 -4.72
C LYS A 57 5.97 -9.77 -4.70
N PHE A 58 5.39 -8.73 -4.11
CA PHE A 58 6.05 -7.43 -4.02
C PHE A 58 6.25 -7.02 -2.56
N LEU A 59 7.42 -6.48 -2.26
CA LEU A 59 7.74 -6.05 -0.91
C LEU A 59 8.08 -4.56 -0.88
N CYS A 60 7.25 -3.78 -0.19
CA CYS A 60 7.46 -2.35 -0.09
C CYS A 60 8.75 -2.04 0.68
N PHE A 61 9.41 -0.95 0.30
CA PHE A 61 10.66 -0.55 0.95
C PHE A 61 10.62 -0.88 2.44
N ARG A 62 9.50 -0.54 3.09
CA ARG A 62 9.34 -0.79 4.51
C ARG A 62 9.76 -2.21 4.87
N CYS A 63 9.02 -3.19 4.33
CA CYS A 63 9.31 -4.60 4.58
C CYS A 63 10.69 -4.97 4.06
N ILE A 64 11.00 -4.50 2.85
CA ILE A 64 12.29 -4.78 2.23
C ILE A 64 13.43 -4.63 3.23
N GLU A 65 13.26 -3.72 4.17
CA GLU A 65 14.28 -3.47 5.19
C GLU A 65 14.18 -4.51 6.31
N LEU A 66 12.96 -4.89 6.66
CA LEU A 66 12.72 -5.87 7.71
C LEU A 66 13.44 -7.18 7.41
N SER A 67 13.41 -7.59 6.14
CA SER A 67 14.05 -8.82 5.71
C SER A 67 15.48 -8.90 6.25
N GLY A 68 16.22 -7.81 6.11
CA GLY A 68 17.59 -7.77 6.59
C GLY A 68 17.79 -8.59 7.84
N PRO A 69 17.39 -8.02 9.00
CA PRO A 69 17.52 -8.68 10.29
C PRO A 69 16.57 -9.86 10.43
N SER A 70 17.03 -10.93 11.08
CA SER A 70 16.22 -12.12 11.28
C SER A 70 15.71 -12.66 9.95
N SER A 71 16.59 -12.65 8.94
CA SER A 71 16.22 -13.15 7.62
C SER A 71 15.82 -14.61 7.67
N GLY A 72 14.61 -14.90 7.19
CA GLY A 72 14.13 -16.28 7.18
C GLY A 72 13.24 -16.58 5.99
ZN ZN B . 1.28 6.42 -4.81
ZN ZN C . 5.33 -3.97 3.06
N GLY A 1 -14.95 25.20 7.76
CA GLY A 1 -14.34 23.98 8.24
C GLY A 1 -14.68 22.78 7.37
N SER A 2 -15.61 21.95 7.86
CA SER A 2 -16.01 20.75 7.12
C SER A 2 -17.53 20.63 7.09
N SER A 3 -18.14 21.07 5.99
CA SER A 3 -19.59 21.01 5.84
C SER A 3 -19.97 20.28 4.55
N GLY A 4 -21.25 19.94 4.43
CA GLY A 4 -21.73 19.25 3.24
C GLY A 4 -22.20 17.85 3.55
N SER A 5 -22.61 17.12 2.51
CA SER A 5 -23.10 15.75 2.68
C SER A 5 -22.56 14.85 1.58
N SER A 6 -22.30 13.60 1.92
CA SER A 6 -21.77 12.63 0.95
C SER A 6 -21.68 11.24 1.58
N GLY A 7 -21.87 10.21 0.75
CA GLY A 7 -21.81 8.85 1.24
C GLY A 7 -20.40 8.28 1.19
N MET A 8 -19.61 8.59 2.22
CA MET A 8 -18.24 8.11 2.29
C MET A 8 -17.61 8.46 3.64
N GLU A 9 -16.74 7.58 4.12
CA GLU A 9 -16.07 7.80 5.40
C GLU A 9 -14.62 7.32 5.35
N ARG A 10 -13.79 7.88 6.22
CA ARG A 10 -12.38 7.52 6.27
C ARG A 10 -12.16 6.32 7.19
N GLY A 11 -10.90 5.90 7.31
CA GLY A 11 -10.57 4.76 8.15
C GLY A 11 -10.78 3.43 7.44
N VAL A 12 -9.70 2.89 6.88
CA VAL A 12 -9.77 1.62 6.17
C VAL A 12 -8.74 0.64 6.70
N ASP A 13 -9.20 -0.54 7.09
CA ASP A 13 -8.32 -1.58 7.62
C ASP A 13 -8.13 -2.70 6.61
N ASN A 14 -9.17 -3.51 6.42
CA ASN A 14 -9.12 -4.62 5.49
C ASN A 14 -8.27 -4.27 4.28
N TRP A 15 -8.31 -3.01 3.87
CA TRP A 15 -7.55 -2.54 2.73
C TRP A 15 -6.85 -1.22 3.03
N LYS A 16 -5.55 -1.29 3.30
CA LYS A 16 -4.77 -0.10 3.61
C LYS A 16 -4.04 0.41 2.38
N VAL A 17 -3.87 1.73 2.29
CA VAL A 17 -3.18 2.33 1.15
C VAL A 17 -2.10 3.30 1.63
N ASP A 18 -0.85 2.88 1.51
CA ASP A 18 0.28 3.71 1.92
C ASP A 18 1.24 3.93 0.76
N CYS A 19 1.15 5.11 0.14
CA CYS A 19 2.00 5.45 -0.99
C CYS A 19 2.73 6.77 -0.73
N LYS A 20 3.90 6.92 -1.35
CA LYS A 20 4.70 8.13 -1.19
C LYS A 20 3.92 9.35 -1.65
N CYS A 21 2.89 9.15 -2.44
CA CYS A 21 2.07 10.23 -2.94
C CYS A 21 1.30 10.90 -1.80
N GLY A 22 0.77 10.08 -0.89
CA GLY A 22 0.02 10.62 0.24
C GLY A 22 -1.44 10.27 0.16
N THR A 23 -1.76 9.13 -0.42
CA THR A 23 -3.14 8.69 -0.56
C THR A 23 -3.63 8.01 0.71
N LYS A 24 -4.67 8.57 1.32
CA LYS A 24 -5.24 8.02 2.55
C LYS A 24 -6.15 6.84 2.24
N ASP A 25 -7.01 7.00 1.25
CA ASP A 25 -7.94 5.94 0.85
C ASP A 25 -8.07 5.87 -0.66
N ASP A 26 -8.59 4.76 -1.15
CA ASP A 26 -8.78 4.56 -2.59
C ASP A 26 -9.61 5.68 -3.19
N ASP A 27 -9.31 6.03 -4.44
CA ASP A 27 -10.04 7.10 -5.13
C ASP A 27 -10.50 6.64 -6.51
N GLY A 28 -9.57 6.07 -7.27
CA GLY A 28 -9.90 5.59 -8.61
C GLY A 28 -8.81 4.70 -9.19
N GLU A 29 -7.56 4.97 -8.82
CA GLU A 29 -6.43 4.19 -9.30
C GLU A 29 -6.40 2.81 -8.65
N ARG A 30 -5.76 1.86 -9.32
CA ARG A 30 -5.66 0.50 -8.80
C ARG A 30 -4.37 0.32 -8.01
N MET A 31 -4.42 -0.57 -7.01
CA MET A 31 -3.26 -0.83 -6.18
C MET A 31 -3.08 -2.33 -5.96
N LEU A 32 -2.03 -2.71 -5.24
CA LEU A 32 -1.75 -4.11 -4.95
C LEU A 32 -1.26 -4.29 -3.53
N ALA A 33 -1.83 -5.27 -2.84
CA ALA A 33 -1.46 -5.55 -1.45
C ALA A 33 -0.05 -6.13 -1.38
N CYS A 34 0.73 -5.64 -0.42
CA CYS A 34 2.10 -6.10 -0.24
C CYS A 34 2.14 -7.36 0.63
N ASP A 35 2.34 -8.51 -0.02
CA ASP A 35 2.39 -9.78 0.70
C ASP A 35 3.23 -9.66 1.97
N GLY A 36 4.34 -8.95 1.87
CA GLY A 36 5.22 -8.77 3.02
C GLY A 36 4.44 -8.39 4.27
N CYS A 37 4.01 -7.13 4.33
CA CYS A 37 3.26 -6.65 5.49
C CYS A 37 1.75 -6.73 5.23
N GLY A 38 1.34 -6.34 4.02
CA GLY A 38 -0.07 -6.39 3.68
C GLY A 38 -0.66 -5.00 3.48
N VAL A 39 -0.11 -4.25 2.53
CA VAL A 39 -0.59 -2.91 2.24
C VAL A 39 -0.72 -2.67 0.74
N TRP A 40 -1.72 -1.90 0.35
CA TRP A 40 -1.96 -1.59 -1.06
C TRP A 40 -1.09 -0.42 -1.51
N HIS A 41 -0.64 -0.47 -2.76
CA HIS A 41 0.19 0.59 -3.31
C HIS A 41 -0.10 0.80 -4.79
N HIS A 42 0.09 2.02 -5.27
CA HIS A 42 -0.15 2.35 -6.68
C HIS A 42 0.74 1.52 -7.58
N THR A 43 0.13 0.75 -8.47
CA THR A 43 0.87 -0.10 -9.40
C THR A 43 1.70 0.74 -10.37
N ARG A 44 1.07 1.75 -10.95
CA ARG A 44 1.75 2.64 -11.90
C ARG A 44 2.94 3.32 -11.23
N CYS A 45 2.80 3.63 -9.94
CA CYS A 45 3.86 4.29 -9.20
C CYS A 45 5.11 3.42 -9.12
N ILE A 46 4.89 2.13 -8.84
CA ILE A 46 6.00 1.18 -8.73
C ILE A 46 6.53 0.82 -10.12
N GLY A 47 5.64 0.80 -11.11
CA GLY A 47 6.03 0.46 -12.47
C GLY A 47 4.94 -0.26 -13.23
N ILE A 48 4.39 -1.30 -12.61
CA ILE A 48 3.33 -2.08 -13.24
C ILE A 48 2.06 -1.25 -13.41
N ASN A 49 1.64 -1.07 -14.66
CA ASN A 49 0.45 -0.29 -14.95
C ASN A 49 -0.78 -1.19 -15.02
N ASN A 50 -1.89 -0.72 -14.45
CA ASN A 50 -3.13 -1.48 -14.44
C ASN A 50 -3.31 -2.25 -15.75
N ALA A 51 -2.88 -1.65 -16.85
CA ALA A 51 -2.99 -2.27 -18.16
C ALA A 51 -2.52 -3.72 -18.11
N ASP A 52 -1.33 -3.93 -17.56
CA ASP A 52 -0.76 -5.26 -17.44
C ASP A 52 -1.07 -5.88 -16.09
N ALA A 53 -0.80 -7.18 -15.96
CA ALA A 53 -1.05 -7.89 -14.71
C ALA A 53 0.07 -7.65 -13.71
N LEU A 54 -0.24 -7.80 -12.42
CA LEU A 54 0.74 -7.60 -11.37
C LEU A 54 1.23 -8.93 -10.82
N PRO A 55 2.38 -8.90 -10.13
CA PRO A 55 2.98 -10.10 -9.53
C PRO A 55 2.17 -10.63 -8.35
N SER A 56 2.24 -11.94 -8.14
CA SER A 56 1.50 -12.57 -7.05
C SER A 56 2.01 -12.08 -5.69
N LYS A 57 3.31 -11.82 -5.62
CA LYS A 57 3.94 -11.35 -4.38
C LYS A 57 4.70 -10.05 -4.63
N PHE A 58 4.32 -9.00 -3.90
CA PHE A 58 4.97 -7.70 -4.03
C PHE A 58 5.37 -7.15 -2.66
N LEU A 59 6.58 -6.63 -2.57
CA LEU A 59 7.08 -6.07 -1.32
C LEU A 59 7.22 -4.55 -1.42
N CYS A 60 7.12 -3.88 -0.28
CA CYS A 60 7.23 -2.43 -0.24
C CYS A 60 8.57 -1.99 0.37
N PHE A 61 9.05 -0.84 -0.06
CA PHE A 61 10.33 -0.32 0.44
C PHE A 61 10.54 -0.68 1.90
N ARG A 62 9.53 -0.38 2.72
CA ARG A 62 9.60 -0.68 4.15
C ARG A 62 9.99 -2.15 4.38
N CYS A 63 9.20 -3.05 3.81
CA CYS A 63 9.45 -4.47 3.96
C CYS A 63 10.92 -4.80 3.74
N ILE A 64 11.47 -4.27 2.66
CA ILE A 64 12.89 -4.50 2.34
C ILE A 64 13.73 -4.59 3.59
N GLU A 65 13.35 -3.81 4.60
CA GLU A 65 14.09 -3.80 5.88
C GLU A 65 13.51 -4.84 6.84
N LEU A 66 12.18 -4.92 6.89
CA LEU A 66 11.51 -5.86 7.77
C LEU A 66 11.98 -7.29 7.50
N SER A 67 12.13 -7.62 6.21
CA SER A 67 12.57 -8.95 5.82
C SER A 67 13.67 -9.46 6.75
N GLY A 68 13.42 -10.62 7.37
CA GLY A 68 14.38 -11.20 8.28
C GLY A 68 14.08 -12.65 8.60
N PRO A 69 14.52 -13.10 9.78
CA PRO A 69 14.31 -14.48 10.23
C PRO A 69 12.84 -14.77 10.55
N SER A 70 12.03 -13.71 10.55
CA SER A 70 10.61 -13.86 10.85
C SER A 70 9.96 -14.88 9.93
N SER A 71 9.52 -15.99 10.50
CA SER A 71 8.89 -17.06 9.73
C SER A 71 7.38 -16.85 9.66
N GLY A 72 6.88 -16.47 8.49
CA GLY A 72 5.46 -16.25 8.31
C GLY A 72 4.94 -16.81 7.01
ZN ZN B . 1.50 6.63 -5.60
ZN ZN C . 5.23 -4.27 2.94
N GLY A 1 1.73 15.90 19.33
CA GLY A 1 1.85 14.95 20.42
C GLY A 1 1.46 15.56 21.75
N SER A 2 0.15 15.69 21.97
CA SER A 2 -0.36 16.27 23.21
C SER A 2 -0.83 15.17 24.17
N SER A 3 -1.58 14.21 23.63
CA SER A 3 -2.09 13.11 24.44
C SER A 3 -1.55 11.78 23.93
N GLY A 4 -1.67 11.54 22.63
CA GLY A 4 -1.18 10.31 22.05
C GLY A 4 -1.35 10.26 20.55
N SER A 5 -0.89 11.31 19.87
CA SER A 5 -1.00 11.39 18.42
C SER A 5 -2.37 10.92 17.95
N SER A 6 -3.41 11.32 18.67
CA SER A 6 -4.78 10.93 18.33
C SER A 6 -4.98 10.95 16.81
N GLY A 7 -4.94 9.77 16.21
CA GLY A 7 -5.13 9.66 14.78
C GLY A 7 -5.44 8.25 14.33
N MET A 8 -6.34 8.12 13.36
CA MET A 8 -6.72 6.81 12.84
C MET A 8 -6.13 6.58 11.46
N GLU A 9 -5.93 5.31 11.10
CA GLU A 9 -5.37 4.95 9.80
C GLU A 9 -5.95 5.84 8.70
N ARG A 10 -5.08 6.32 7.81
CA ARG A 10 -5.51 7.17 6.71
C ARG A 10 -5.79 6.35 5.45
N GLY A 11 -7.01 5.83 5.36
CA GLY A 11 -7.37 5.02 4.21
C GLY A 11 -8.42 3.98 4.54
N VAL A 12 -8.97 3.35 3.51
CA VAL A 12 -10.00 2.33 3.69
C VAL A 12 -9.71 1.49 4.93
N ASP A 13 -10.77 1.09 5.63
CA ASP A 13 -10.64 0.28 6.83
C ASP A 13 -10.27 -1.15 6.48
N ASN A 14 -11.05 -1.77 5.60
CA ASN A 14 -10.81 -3.15 5.18
C ASN A 14 -9.34 -3.35 4.85
N TRP A 15 -8.82 -2.59 3.89
CA TRP A 15 -7.43 -2.70 3.49
C TRP A 15 -6.77 -1.32 3.45
N LYS A 16 -5.52 -1.26 3.90
CA LYS A 16 -4.78 -0.01 3.92
C LYS A 16 -4.44 0.45 2.51
N VAL A 17 -4.77 1.70 2.20
CA VAL A 17 -4.50 2.25 0.87
C VAL A 17 -3.73 3.57 0.98
N ASP A 18 -2.43 3.47 1.20
CA ASP A 18 -1.58 4.66 1.31
C ASP A 18 -0.51 4.67 0.23
N CYS A 19 -0.15 5.87 -0.21
CA CYS A 19 0.86 6.03 -1.26
C CYS A 19 1.59 7.36 -1.11
N LYS A 20 2.64 7.54 -1.90
CA LYS A 20 3.42 8.77 -1.86
C LYS A 20 2.82 9.83 -2.77
N CYS A 21 2.31 9.40 -3.92
CA CYS A 21 1.69 10.32 -4.87
C CYS A 21 0.80 11.33 -4.16
N GLY A 22 0.00 10.84 -3.22
CA GLY A 22 -0.89 11.71 -2.47
C GLY A 22 -2.31 11.18 -2.43
N THR A 23 -2.45 9.86 -2.47
CA THR A 23 -3.76 9.22 -2.42
C THR A 23 -4.02 8.58 -1.06
N LYS A 24 -5.26 8.69 -0.59
CA LYS A 24 -5.63 8.11 0.69
C LYS A 24 -6.68 7.01 0.51
N ASP A 25 -7.36 7.04 -0.63
CA ASP A 25 -8.38 6.03 -0.92
C ASP A 25 -8.34 5.64 -2.39
N ASP A 26 -9.18 4.66 -2.76
CA ASP A 26 -9.23 4.20 -4.14
C ASP A 26 -9.77 5.29 -5.06
N ASP A 27 -8.89 5.83 -5.89
CA ASP A 27 -9.26 6.89 -6.83
C ASP A 27 -9.82 6.30 -8.12
N GLY A 28 -9.03 5.41 -8.74
CA GLY A 28 -9.46 4.80 -9.99
C GLY A 28 -8.48 3.74 -10.47
N GLU A 29 -7.19 3.98 -10.23
CA GLU A 29 -6.16 3.04 -10.65
C GLU A 29 -6.08 1.85 -9.69
N ARG A 30 -5.70 0.69 -10.22
CA ARG A 30 -5.59 -0.52 -9.42
C ARG A 30 -4.34 -0.50 -8.57
N MET A 31 -4.37 -1.21 -7.45
CA MET A 31 -3.23 -1.27 -6.54
C MET A 31 -2.95 -2.70 -6.12
N LEU A 32 -1.86 -2.90 -5.39
CA LEU A 32 -1.47 -4.23 -4.92
C LEU A 32 -1.03 -4.18 -3.46
N ALA A 33 -1.57 -5.09 -2.66
CA ALA A 33 -1.23 -5.16 -1.24
C ALA A 33 0.16 -5.74 -1.03
N CYS A 34 0.83 -5.31 0.02
CA CYS A 34 2.17 -5.79 0.33
C CYS A 34 2.12 -7.18 0.94
N ASP A 35 2.63 -8.16 0.20
CA ASP A 35 2.65 -9.54 0.65
C ASP A 35 3.03 -9.62 2.13
N GLY A 36 3.87 -8.68 2.57
CA GLY A 36 4.30 -8.65 3.96
C GLY A 36 3.25 -8.07 4.88
N CYS A 37 3.11 -6.75 4.85
CA CYS A 37 2.13 -6.07 5.70
C CYS A 37 0.72 -6.25 5.15
N GLY A 38 0.44 -5.59 4.03
CA GLY A 38 -0.87 -5.68 3.42
C GLY A 38 -1.31 -4.39 2.78
N VAL A 39 -0.51 -3.33 2.96
CA VAL A 39 -0.82 -2.03 2.39
C VAL A 39 -0.83 -2.09 0.86
N TRP A 40 -1.80 -1.42 0.26
CA TRP A 40 -1.93 -1.40 -1.20
C TRP A 40 -1.17 -0.21 -1.78
N HIS A 41 -0.85 -0.29 -3.07
CA HIS A 41 -0.14 0.77 -3.75
C HIS A 41 -0.41 0.75 -5.24
N HIS A 42 -0.37 1.92 -5.87
CA HIS A 42 -0.62 2.03 -7.30
C HIS A 42 0.42 1.23 -8.10
N THR A 43 -0.08 0.34 -8.97
CA THR A 43 0.81 -0.49 -9.77
C THR A 43 1.79 0.36 -10.57
N ARG A 44 1.34 1.54 -10.99
CA ARG A 44 2.18 2.45 -11.76
C ARG A 44 3.23 3.11 -10.86
N CYS A 45 2.81 3.51 -9.66
CA CYS A 45 3.71 4.16 -8.72
C CYS A 45 4.89 3.25 -8.38
N ILE A 46 4.61 1.96 -8.26
CA ILE A 46 5.65 0.99 -7.94
C ILE A 46 6.52 0.68 -9.16
N GLY A 47 5.95 0.89 -10.34
CA GLY A 47 6.69 0.63 -11.57
C GLY A 47 6.41 -0.74 -12.15
N ILE A 48 5.24 -0.88 -12.78
CA ILE A 48 4.85 -2.15 -13.38
C ILE A 48 4.82 -2.06 -14.89
N ASN A 49 5.24 -3.13 -15.56
CA ASN A 49 5.27 -3.16 -17.02
C ASN A 49 3.88 -3.52 -17.58
N ASN A 50 3.60 -3.05 -18.78
CA ASN A 50 2.33 -3.31 -19.42
C ASN A 50 2.08 -4.82 -19.56
N ALA A 51 3.17 -5.57 -19.65
CA ALA A 51 3.08 -7.02 -19.78
C ALA A 51 2.99 -7.69 -18.41
N ASP A 52 2.37 -7.01 -17.47
CA ASP A 52 2.22 -7.54 -16.11
C ASP A 52 1.37 -6.60 -15.25
N ALA A 53 0.64 -7.18 -14.29
CA ALA A 53 -0.20 -6.40 -13.41
C ALA A 53 0.21 -6.58 -11.94
N LEU A 54 1.07 -7.57 -11.70
CA LEU A 54 1.54 -7.85 -10.35
C LEU A 54 2.93 -8.48 -10.38
N PRO A 55 3.87 -7.87 -9.63
CA PRO A 55 5.25 -8.36 -9.55
C PRO A 55 5.36 -9.67 -8.80
N SER A 56 6.42 -10.42 -9.08
CA SER A 56 6.64 -11.71 -8.43
C SER A 56 6.61 -11.58 -6.91
N LYS A 57 7.26 -10.54 -6.40
CA LYS A 57 7.30 -10.29 -4.96
C LYS A 57 7.27 -8.80 -4.67
N PHE A 58 6.19 -8.34 -4.07
CA PHE A 58 6.03 -6.93 -3.73
C PHE A 58 6.34 -6.69 -2.25
N LEU A 59 7.49 -6.06 -1.98
CA LEU A 59 7.89 -5.78 -0.61
C LEU A 59 8.01 -4.28 -0.39
N CYS A 60 6.98 -3.69 0.22
CA CYS A 60 6.97 -2.26 0.50
C CYS A 60 8.30 -1.82 1.11
N PHE A 61 8.60 -0.53 0.99
CA PHE A 61 9.83 0.03 1.52
C PHE A 61 10.23 -0.70 2.81
N ARG A 62 9.51 -0.44 3.88
CA ARG A 62 9.79 -1.05 5.17
C ARG A 62 10.15 -2.53 4.99
N CYS A 63 9.21 -3.31 4.49
CA CYS A 63 9.43 -4.73 4.26
C CYS A 63 10.84 -5.00 3.77
N ILE A 64 11.19 -4.41 2.63
CA ILE A 64 12.51 -4.57 2.05
C ILE A 64 13.58 -4.70 3.14
N GLU A 65 13.47 -3.85 4.16
CA GLU A 65 14.43 -3.88 5.26
C GLU A 65 14.09 -4.98 6.26
N LEU A 66 12.80 -5.18 6.49
CA LEU A 66 12.34 -6.21 7.42
C LEU A 66 12.86 -7.58 7.01
N SER A 67 12.82 -7.86 5.71
CA SER A 67 13.29 -9.14 5.19
C SER A 67 14.53 -9.62 5.94
N GLY A 68 14.31 -10.55 6.88
CA GLY A 68 15.42 -11.08 7.66
C GLY A 68 16.09 -12.26 6.98
N PRO A 69 15.36 -13.38 6.87
CA PRO A 69 15.88 -14.60 6.26
C PRO A 69 16.06 -14.45 4.75
N SER A 70 15.94 -13.22 4.26
CA SER A 70 16.09 -12.94 2.83
C SER A 70 17.56 -12.88 2.43
N SER A 71 18.33 -13.86 2.91
CA SER A 71 19.76 -13.92 2.61
C SER A 71 20.37 -15.22 3.12
N GLY A 72 21.33 -15.74 2.38
CA GLY A 72 21.99 -16.99 2.76
C GLY A 72 22.93 -17.50 1.69
ZN ZN B . 0.37 6.21 -5.88
ZN ZN C . 5.28 -4.17 3.73
N GLY A 1 5.86 15.85 12.83
CA GLY A 1 4.77 16.66 12.32
C GLY A 1 3.42 16.15 12.74
N SER A 2 2.44 17.04 12.80
CA SER A 2 1.08 16.66 13.20
C SER A 2 0.15 16.62 12.00
N SER A 3 -0.16 15.41 11.54
CA SER A 3 -1.04 15.23 10.39
C SER A 3 -2.50 15.43 10.79
N GLY A 4 -2.96 14.63 11.73
CA GLY A 4 -4.34 14.73 12.18
C GLY A 4 -4.50 14.34 13.64
N SER A 5 -5.72 13.93 14.00
CA SER A 5 -6.00 13.52 15.37
C SER A 5 -5.72 12.03 15.57
N SER A 6 -4.99 11.72 16.64
CA SER A 6 -4.64 10.34 16.94
C SER A 6 -5.82 9.61 17.58
N GLY A 7 -5.80 8.28 17.51
CA GLY A 7 -6.88 7.49 18.08
C GLY A 7 -7.44 6.48 17.11
N MET A 8 -8.66 6.01 17.38
CA MET A 8 -9.30 5.03 16.51
C MET A 8 -9.36 5.52 15.07
N GLU A 9 -8.85 4.70 14.15
CA GLU A 9 -8.85 5.05 12.74
C GLU A 9 -10.26 4.95 12.14
N ARG A 10 -10.57 5.84 11.21
CA ARG A 10 -11.87 5.84 10.55
C ARG A 10 -11.74 5.51 9.08
N GLY A 11 -12.44 4.47 8.64
CA GLY A 11 -12.39 4.07 7.25
C GLY A 11 -12.18 2.58 7.07
N VAL A 12 -11.55 2.19 5.96
CA VAL A 12 -11.30 0.79 5.69
C VAL A 12 -10.16 0.25 6.55
N ASP A 13 -10.27 -1.02 6.93
CA ASP A 13 -9.26 -1.65 7.77
C ASP A 13 -8.57 -2.80 7.02
N ASN A 14 -9.37 -3.73 6.51
CA ASN A 14 -8.84 -4.87 5.77
C ASN A 14 -7.88 -4.41 4.67
N TRP A 15 -8.36 -3.54 3.80
CA TRP A 15 -7.54 -3.02 2.71
C TRP A 15 -6.80 -1.76 3.14
N LYS A 16 -5.68 -1.92 3.81
CA LYS A 16 -4.88 -0.79 4.27
C LYS A 16 -4.23 -0.07 3.10
N VAL A 17 -4.78 1.07 2.74
CA VAL A 17 -4.25 1.86 1.63
C VAL A 17 -3.53 3.10 2.14
N ASP A 18 -2.20 3.06 2.11
CA ASP A 18 -1.39 4.18 2.57
C ASP A 18 -0.26 4.47 1.58
N CYS A 19 -0.49 5.42 0.68
CA CYS A 19 0.50 5.79 -0.32
C CYS A 19 1.11 7.15 -0.01
N LYS A 20 2.21 7.48 -0.67
CA LYS A 20 2.88 8.76 -0.47
C LYS A 20 2.08 9.90 -1.08
N CYS A 21 1.36 9.61 -2.15
CA CYS A 21 0.54 10.61 -2.82
C CYS A 21 -0.40 11.31 -1.83
N GLY A 22 -1.04 10.51 -0.97
CA GLY A 22 -1.95 11.07 0.00
C GLY A 22 -3.36 10.54 -0.14
N THR A 23 -3.48 9.27 -0.53
CA THR A 23 -4.78 8.66 -0.72
C THR A 23 -5.29 8.04 0.58
N LYS A 24 -6.41 8.57 1.08
CA LYS A 24 -7.01 8.08 2.31
C LYS A 24 -7.74 6.76 2.08
N ASP A 25 -8.49 6.70 0.99
CA ASP A 25 -9.25 5.50 0.65
C ASP A 25 -9.26 5.28 -0.87
N ASP A 26 -9.72 4.10 -1.28
CA ASP A 26 -9.80 3.77 -2.70
C ASP A 26 -10.62 4.80 -3.46
N ASP A 27 -9.96 5.54 -4.35
CA ASP A 27 -10.64 6.56 -5.14
C ASP A 27 -11.13 5.98 -6.47
N GLY A 28 -10.28 5.20 -7.12
CA GLY A 28 -10.64 4.59 -8.39
C GLY A 28 -9.43 4.23 -9.23
N GLU A 29 -8.39 3.72 -8.58
CA GLU A 29 -7.16 3.33 -9.27
C GLU A 29 -6.73 1.94 -8.84
N ARG A 30 -5.98 1.27 -9.72
CA ARG A 30 -5.49 -0.09 -9.44
C ARG A 30 -4.40 -0.06 -8.38
N MET A 31 -4.44 -1.04 -7.47
CA MET A 31 -3.46 -1.12 -6.40
C MET A 31 -3.18 -2.58 -6.04
N LEU A 32 -2.04 -2.81 -5.38
CA LEU A 32 -1.66 -4.15 -4.98
C LEU A 32 -1.15 -4.17 -3.54
N ALA A 33 -1.59 -5.16 -2.77
CA ALA A 33 -1.18 -5.29 -1.38
C ALA A 33 0.18 -5.97 -1.28
N CYS A 34 1.13 -5.28 -0.64
CA CYS A 34 2.47 -5.82 -0.48
C CYS A 34 2.43 -7.29 -0.06
N ASP A 35 2.95 -8.16 -0.92
CA ASP A 35 2.97 -9.58 -0.63
C ASP A 35 3.34 -9.85 0.82
N GLY A 36 4.24 -9.03 1.36
CA GLY A 36 4.66 -9.19 2.74
C GLY A 36 3.66 -8.61 3.73
N CYS A 37 3.80 -7.32 4.01
CA CYS A 37 2.92 -6.64 4.94
C CYS A 37 1.46 -6.77 4.49
N GLY A 38 1.14 -6.13 3.36
CA GLY A 38 -0.21 -6.17 2.84
C GLY A 38 -0.83 -4.79 2.68
N VAL A 39 -0.08 -3.88 2.08
CA VAL A 39 -0.56 -2.52 1.87
C VAL A 39 -0.82 -2.25 0.39
N TRP A 40 -2.00 -1.74 0.09
CA TRP A 40 -2.38 -1.44 -1.29
C TRP A 40 -1.71 -0.16 -1.77
N HIS A 41 -0.78 -0.30 -2.70
CA HIS A 41 -0.07 0.84 -3.25
C HIS A 41 -0.32 0.98 -4.75
N HIS A 42 -0.47 2.22 -5.21
CA HIS A 42 -0.72 2.49 -6.62
C HIS A 42 0.31 1.78 -7.50
N THR A 43 -0.15 0.79 -8.24
CA THR A 43 0.73 0.02 -9.12
C THR A 43 1.59 0.95 -9.98
N ARG A 44 1.03 2.10 -10.33
CA ARG A 44 1.75 3.08 -11.15
C ARG A 44 2.85 3.75 -10.35
N CYS A 45 2.55 4.08 -9.10
CA CYS A 45 3.52 4.73 -8.22
C CYS A 45 4.76 3.86 -8.03
N ILE A 46 4.53 2.58 -7.77
CA ILE A 46 5.62 1.64 -7.57
C ILE A 46 6.44 1.47 -8.84
N GLY A 47 5.78 1.50 -9.98
CA GLY A 47 6.46 1.36 -11.26
C GLY A 47 5.77 0.38 -12.19
N ILE A 48 4.48 0.60 -12.41
CA ILE A 48 3.71 -0.27 -13.28
C ILE A 48 2.99 0.54 -14.36
N ASN A 49 3.62 0.64 -15.54
CA ASN A 49 3.05 1.38 -16.66
C ASN A 49 2.15 0.47 -17.50
N ASN A 50 1.21 1.08 -18.21
CA ASN A 50 0.29 0.34 -19.06
C ASN A 50 1.02 -0.78 -19.81
N ALA A 51 2.21 -0.46 -20.30
CA ALA A 51 3.01 -1.44 -21.03
C ALA A 51 3.40 -2.61 -20.14
N ASP A 52 3.77 -2.31 -18.90
CA ASP A 52 4.15 -3.34 -17.94
C ASP A 52 2.93 -4.03 -17.35
N ALA A 53 3.15 -5.14 -16.66
CA ALA A 53 2.07 -5.90 -16.05
C ALA A 53 2.23 -5.97 -14.53
N LEU A 54 1.29 -6.64 -13.87
CA LEU A 54 1.34 -6.79 -12.42
C LEU A 54 2.36 -7.85 -12.01
N PRO A 55 3.31 -7.46 -11.15
CA PRO A 55 4.35 -8.36 -10.66
C PRO A 55 3.80 -9.44 -9.73
N SER A 56 4.31 -10.67 -9.87
CA SER A 56 3.87 -11.78 -9.04
C SER A 56 4.02 -11.45 -7.56
N LYS A 57 5.11 -10.77 -7.22
CA LYS A 57 5.37 -10.38 -5.84
C LYS A 57 6.00 -9.00 -5.76
N PHE A 58 5.59 -8.23 -4.76
CA PHE A 58 6.11 -6.87 -4.58
C PHE A 58 6.51 -6.64 -3.12
N LEU A 59 7.77 -6.26 -2.92
CA LEU A 59 8.28 -6.00 -1.58
C LEU A 59 8.43 -4.50 -1.33
N CYS A 60 7.45 -3.93 -0.63
CA CYS A 60 7.48 -2.51 -0.31
C CYS A 60 8.76 -2.12 0.41
N PHE A 61 9.27 -0.93 0.11
CA PHE A 61 10.49 -0.45 0.73
C PHE A 61 10.62 -0.97 2.17
N ARG A 62 9.56 -0.82 2.94
CA ARG A 62 9.55 -1.28 4.33
C ARG A 62 10.06 -2.71 4.44
N CYS A 63 9.40 -3.61 3.72
CA CYS A 63 9.79 -5.03 3.73
C CYS A 63 11.31 -5.17 3.75
N ILE A 64 11.94 -4.84 2.63
CA ILE A 64 13.39 -4.93 2.52
C ILE A 64 14.07 -4.64 3.85
N GLU A 65 13.49 -3.71 4.61
CA GLU A 65 14.04 -3.34 5.91
C GLU A 65 13.54 -4.28 7.01
N LEU A 66 12.25 -4.60 6.96
CA LEU A 66 11.65 -5.49 7.94
C LEU A 66 12.40 -6.82 8.00
N SER A 67 12.77 -7.33 6.84
CA SER A 67 13.50 -8.60 6.75
C SER A 67 14.71 -8.59 7.68
N GLY A 68 15.02 -9.74 8.27
CA GLY A 68 16.16 -9.84 9.15
C GLY A 68 15.76 -9.95 10.61
N PRO A 69 15.90 -8.86 11.36
CA PRO A 69 15.56 -8.82 12.78
C PRO A 69 14.05 -8.88 13.01
N SER A 70 13.66 -9.38 14.18
CA SER A 70 12.24 -9.49 14.52
C SER A 70 11.58 -8.13 14.52
N SER A 71 10.24 -8.13 14.59
CA SER A 71 9.47 -6.89 14.60
C SER A 71 9.48 -6.26 15.99
N GLY A 72 9.81 -4.97 16.04
CA GLY A 72 9.86 -4.27 17.32
C GLY A 72 8.52 -3.63 17.66
ZN ZN B . 0.40 6.70 -5.05
ZN ZN C . 5.89 -4.65 2.86
N GLY A 1 2.30 19.55 10.91
CA GLY A 1 2.42 20.17 12.21
C GLY A 1 1.11 20.23 12.95
N SER A 2 0.08 20.76 12.30
CA SER A 2 -1.25 20.87 12.90
C SER A 2 -1.81 19.49 13.24
N SER A 3 -2.17 19.30 14.50
CA SER A 3 -2.72 18.02 14.95
C SER A 3 -3.66 17.44 13.90
N GLY A 4 -3.31 16.27 13.38
CA GLY A 4 -4.14 15.63 12.39
C GLY A 4 -4.22 14.13 12.57
N SER A 5 -5.09 13.68 13.47
CA SER A 5 -5.25 12.26 13.75
C SER A 5 -6.57 11.74 13.18
N SER A 6 -6.65 10.43 13.02
CA SER A 6 -7.87 9.80 12.48
C SER A 6 -9.08 10.15 13.33
N GLY A 7 -10.01 10.89 12.75
CA GLY A 7 -11.21 11.27 13.47
C GLY A 7 -12.21 10.14 13.59
N MET A 8 -13.45 10.39 13.20
CA MET A 8 -14.50 9.38 13.27
C MET A 8 -14.88 8.90 11.87
N GLU A 9 -13.87 8.67 11.03
CA GLU A 9 -14.10 8.21 9.67
C GLU A 9 -14.15 6.68 9.61
N ARG A 10 -15.30 6.15 9.22
CA ARG A 10 -15.48 4.71 9.13
C ARG A 10 -14.98 4.17 7.79
N GLY A 11 -13.77 4.60 7.41
CA GLY A 11 -13.19 4.15 6.16
C GLY A 11 -12.77 2.70 6.20
N VAL A 12 -11.88 2.32 5.28
CA VAL A 12 -11.38 0.95 5.21
C VAL A 12 -10.91 0.47 6.58
N ASP A 13 -11.11 -0.82 6.84
CA ASP A 13 -10.70 -1.41 8.11
C ASP A 13 -9.62 -2.48 7.89
N ASN A 14 -9.93 -3.44 7.03
CA ASN A 14 -8.99 -4.53 6.74
C ASN A 14 -8.03 -4.12 5.63
N TRP A 15 -8.55 -3.45 4.62
CA TRP A 15 -7.72 -3.00 3.50
C TRP A 15 -6.95 -1.73 3.86
N LYS A 16 -5.64 -1.86 3.99
CA LYS A 16 -4.79 -0.73 4.33
C LYS A 16 -4.43 0.08 3.09
N VAL A 17 -5.33 0.06 2.10
CA VAL A 17 -5.12 0.80 0.86
C VAL A 17 -4.87 2.28 1.13
N ASP A 18 -3.62 2.61 1.47
CA ASP A 18 -3.25 3.99 1.77
C ASP A 18 -2.03 4.41 0.95
N CYS A 19 -2.18 5.50 0.20
CA CYS A 19 -1.10 6.01 -0.63
C CYS A 19 -0.75 7.45 -0.27
N LYS A 20 0.49 7.84 -0.53
CA LYS A 20 0.95 9.20 -0.24
C LYS A 20 0.10 10.23 -0.99
N CYS A 21 -0.51 9.80 -2.08
CA CYS A 21 -1.34 10.69 -2.88
C CYS A 21 -2.53 11.20 -2.08
N GLY A 22 -3.13 10.31 -1.30
CA GLY A 22 -4.27 10.69 -0.48
C GLY A 22 -5.47 9.79 -0.70
N THR A 23 -5.22 8.57 -1.15
CA THR A 23 -6.29 7.60 -1.41
C THR A 23 -6.56 6.76 -0.17
N LYS A 24 -7.80 6.82 0.29
CA LYS A 24 -8.22 6.05 1.47
C LYS A 24 -8.91 4.75 1.07
N ASP A 25 -9.35 4.69 -0.19
CA ASP A 25 -10.03 3.51 -0.70
C ASP A 25 -9.76 3.33 -2.19
N ASP A 26 -10.16 2.18 -2.73
CA ASP A 26 -9.96 1.89 -4.14
C ASP A 26 -10.62 2.94 -5.02
N ASP A 27 -9.81 3.72 -5.73
CA ASP A 27 -10.32 4.77 -6.60
C ASP A 27 -10.73 4.19 -7.96
N GLY A 28 -9.74 3.69 -8.71
CA GLY A 28 -10.01 3.12 -10.01
C GLY A 28 -8.80 2.47 -10.63
N GLU A 29 -7.62 2.98 -10.28
CA GLU A 29 -6.37 2.44 -10.81
C GLU A 29 -6.00 1.15 -10.10
N ARG A 30 -5.24 0.29 -10.79
CA ARG A 30 -4.81 -0.98 -10.22
C ARG A 30 -4.01 -0.76 -8.94
N MET A 31 -4.16 -1.70 -8.00
CA MET A 31 -3.46 -1.61 -6.72
C MET A 31 -2.98 -2.98 -6.27
N LEU A 32 -1.89 -3.01 -5.53
CA LEU A 32 -1.33 -4.26 -5.02
C LEU A 32 -0.92 -4.13 -3.55
N ALA A 33 -1.43 -5.04 -2.72
CA ALA A 33 -1.11 -5.02 -1.31
C ALA A 33 0.18 -5.78 -1.02
N CYS A 34 1.01 -5.23 -0.16
CA CYS A 34 2.28 -5.85 0.20
C CYS A 34 2.05 -7.21 0.87
N ASP A 35 2.28 -8.27 0.10
CA ASP A 35 2.11 -9.63 0.61
C ASP A 35 2.47 -9.71 2.09
N GLY A 36 3.51 -8.98 2.48
CA GLY A 36 3.95 -8.98 3.86
C GLY A 36 2.94 -8.32 4.78
N CYS A 37 2.95 -6.99 4.81
CA CYS A 37 2.04 -6.24 5.66
C CYS A 37 0.61 -6.32 5.13
N GLY A 38 0.38 -5.71 3.97
CA GLY A 38 -0.95 -5.72 3.37
C GLY A 38 -1.47 -4.33 3.08
N VAL A 39 -0.64 -3.51 2.43
CA VAL A 39 -1.02 -2.15 2.10
C VAL A 39 -0.96 -1.92 0.60
N TRP A 40 -2.12 -1.70 -0.02
CA TRP A 40 -2.19 -1.46 -1.45
C TRP A 40 -1.47 -0.17 -1.83
N HIS A 41 -0.99 -0.11 -3.07
CA HIS A 41 -0.28 1.07 -3.55
C HIS A 41 -0.42 1.20 -5.07
N HIS A 42 -0.73 2.41 -5.53
CA HIS A 42 -0.88 2.66 -6.95
C HIS A 42 0.27 2.06 -7.75
N THR A 43 0.03 0.90 -8.36
CA THR A 43 1.05 0.22 -9.14
C THR A 43 1.91 1.22 -9.90
N ARG A 44 1.29 2.29 -10.37
CA ARG A 44 2.00 3.32 -11.12
C ARG A 44 2.91 4.14 -10.20
N CYS A 45 2.37 4.54 -9.05
CA CYS A 45 3.13 5.32 -8.08
C CYS A 45 4.45 4.64 -7.74
N ILE A 46 4.41 3.31 -7.64
CA ILE A 46 5.60 2.54 -7.32
C ILE A 46 6.53 2.43 -8.53
N GLY A 47 5.94 2.46 -9.72
CA GLY A 47 6.71 2.35 -10.94
C GLY A 47 5.99 1.60 -12.03
N ILE A 48 5.37 0.48 -11.67
CA ILE A 48 4.64 -0.33 -12.63
C ILE A 48 4.04 0.53 -13.74
N ASN A 49 4.06 0.00 -14.96
CA ASN A 49 3.52 0.73 -16.11
C ASN A 49 2.09 0.28 -16.41
N ASN A 50 1.26 1.22 -16.86
CA ASN A 50 -0.12 0.92 -17.19
C ASN A 50 -0.23 -0.36 -18.01
N ALA A 51 0.76 -0.59 -18.88
CA ALA A 51 0.78 -1.77 -19.72
C ALA A 51 1.35 -2.97 -18.97
N ASP A 52 2.46 -2.76 -18.27
CA ASP A 52 3.10 -3.82 -17.51
C ASP A 52 2.08 -4.53 -16.62
N ALA A 53 2.47 -5.70 -16.11
CA ALA A 53 1.60 -6.48 -15.25
C ALA A 53 2.00 -6.33 -13.78
N LEU A 54 1.30 -7.03 -12.90
CA LEU A 54 1.58 -6.98 -11.47
C LEU A 54 2.62 -8.03 -11.09
N PRO A 55 3.54 -7.64 -10.18
CA PRO A 55 4.60 -8.55 -9.71
C PRO A 55 4.06 -9.67 -8.83
N SER A 56 4.35 -10.90 -9.22
CA SER A 56 3.89 -12.06 -8.46
C SER A 56 3.97 -11.80 -6.96
N LYS A 57 5.05 -11.17 -6.53
CA LYS A 57 5.25 -10.86 -5.12
C LYS A 57 5.85 -9.46 -4.95
N PHE A 58 5.36 -8.74 -3.94
CA PHE A 58 5.84 -7.40 -3.67
C PHE A 58 6.01 -7.17 -2.17
N LEU A 59 7.01 -6.37 -1.82
CA LEU A 59 7.30 -6.08 -0.42
C LEU A 59 7.66 -4.61 -0.23
N CYS A 60 6.74 -3.84 0.33
CA CYS A 60 6.96 -2.42 0.56
C CYS A 60 8.36 -2.18 1.13
N PHE A 61 8.90 -0.99 0.88
CA PHE A 61 10.23 -0.63 1.36
C PHE A 61 10.45 -1.14 2.79
N ARG A 62 9.53 -0.77 3.68
CA ARG A 62 9.62 -1.20 5.07
C ARG A 62 9.98 -2.68 5.18
N CYS A 63 9.32 -3.50 4.37
CA CYS A 63 9.57 -4.93 4.37
C CYS A 63 10.99 -5.24 3.90
N ILE A 64 11.35 -4.71 2.73
CA ILE A 64 12.68 -4.92 2.18
C ILE A 64 13.75 -4.81 3.25
N GLU A 65 13.58 -3.85 4.16
CA GLU A 65 14.53 -3.63 5.24
C GLU A 65 14.24 -4.56 6.42
N LEU A 66 12.96 -4.73 6.71
CA LEU A 66 12.55 -5.60 7.81
C LEU A 66 13.11 -7.00 7.65
N SER A 67 13.08 -7.52 6.43
CA SER A 67 13.60 -8.85 6.13
C SER A 67 15.01 -9.02 6.70
N GLY A 68 15.46 -10.27 6.78
CA GLY A 68 16.78 -10.55 7.30
C GLY A 68 17.71 -11.12 6.24
N PRO A 69 18.76 -11.84 6.69
CA PRO A 69 19.73 -12.44 5.79
C PRO A 69 19.15 -13.60 4.99
N SER A 70 18.77 -13.33 3.74
CA SER A 70 18.19 -14.35 2.87
C SER A 70 19.09 -14.61 1.67
N SER A 71 18.70 -15.58 0.84
CA SER A 71 19.46 -15.92 -0.35
C SER A 71 19.78 -14.68 -1.17
N GLY A 72 21.07 -14.41 -1.38
CA GLY A 72 21.48 -13.25 -2.14
C GLY A 72 21.89 -12.09 -1.27
ZN ZN B . -0.52 6.90 -5.26
ZN ZN C . 5.34 -4.52 3.75
N GLY A 1 7.44 23.97 6.28
CA GLY A 1 7.62 22.84 7.19
C GLY A 1 6.32 22.08 7.41
N SER A 2 6.43 20.75 7.49
CA SER A 2 5.25 19.90 7.69
C SER A 2 5.65 18.58 8.34
N SER A 3 4.91 18.17 9.37
CA SER A 3 5.19 16.94 10.07
C SER A 3 4.08 15.91 9.81
N GLY A 4 4.28 14.69 10.32
CA GLY A 4 3.30 13.65 10.14
C GLY A 4 3.21 12.72 11.33
N SER A 5 2.89 13.27 12.49
CA SER A 5 2.79 12.48 13.72
C SER A 5 1.50 11.65 13.72
N SER A 6 1.45 10.65 14.58
CA SER A 6 0.29 9.77 14.68
C SER A 6 -0.94 10.55 15.13
N GLY A 7 -2.03 10.40 14.39
CA GLY A 7 -3.26 11.09 14.74
C GLY A 7 -4.35 10.16 15.21
N MET A 8 -5.06 9.56 14.26
CA MET A 8 -6.14 8.63 14.59
C MET A 8 -5.86 7.25 14.02
N GLU A 9 -6.12 6.22 14.81
CA GLU A 9 -5.89 4.84 14.38
C GLU A 9 -7.16 4.23 13.81
N ARG A 10 -7.44 4.52 12.55
CA ARG A 10 -8.63 3.99 11.88
C ARG A 10 -8.26 3.29 10.58
N GLY A 11 -8.97 2.21 10.27
CA GLY A 11 -8.71 1.46 9.06
C GLY A 11 -9.85 1.54 8.07
N VAL A 12 -9.58 2.08 6.88
CA VAL A 12 -10.60 2.21 5.85
C VAL A 12 -11.38 0.91 5.68
N ASP A 13 -10.66 -0.21 5.68
CA ASP A 13 -11.28 -1.51 5.53
C ASP A 13 -10.25 -2.62 5.71
N ASN A 14 -10.73 -3.87 5.74
CA ASN A 14 -9.86 -5.02 5.92
C ASN A 14 -8.51 -4.79 5.22
N TRP A 15 -8.56 -4.46 3.93
CA TRP A 15 -7.36 -4.21 3.16
C TRP A 15 -6.83 -2.80 3.40
N LYS A 16 -5.61 -2.70 3.89
CA LYS A 16 -4.98 -1.42 4.16
C LYS A 16 -4.64 -0.69 2.86
N VAL A 17 -5.59 0.10 2.37
CA VAL A 17 -5.39 0.85 1.14
C VAL A 17 -4.51 2.08 1.36
N ASP A 18 -4.50 2.56 2.60
CA ASP A 18 -3.70 3.72 2.96
C ASP A 18 -2.31 3.64 2.33
N CYS A 19 -1.82 4.79 1.85
CA CYS A 19 -0.52 4.85 1.22
C CYS A 19 0.35 5.91 1.86
N LYS A 20 1.62 5.98 1.45
CA LYS A 20 2.55 6.96 2.00
C LYS A 20 2.32 8.33 1.37
N CYS A 21 1.94 8.34 0.11
CA CYS A 21 1.70 9.58 -0.62
C CYS A 21 0.59 10.39 0.06
N GLY A 22 -0.51 9.73 0.37
CA GLY A 22 -1.63 10.41 1.02
C GLY A 22 -2.96 9.72 0.75
N THR A 23 -3.07 9.10 -0.42
CA THR A 23 -4.29 8.41 -0.80
C THR A 23 -4.70 7.38 0.25
N LYS A 24 -5.80 7.66 0.93
CA LYS A 24 -6.31 6.75 1.97
C LYS A 24 -7.37 5.82 1.42
N ASP A 25 -8.24 6.36 0.57
CA ASP A 25 -9.31 5.57 -0.04
C ASP A 25 -9.01 5.30 -1.51
N ASP A 26 -9.90 4.54 -2.16
CA ASP A 26 -9.73 4.20 -3.57
C ASP A 26 -10.21 5.34 -4.46
N ASP A 27 -9.26 6.09 -5.00
CA ASP A 27 -9.59 7.21 -5.88
C ASP A 27 -9.97 6.72 -7.27
N GLY A 28 -9.00 6.13 -7.97
CA GLY A 28 -9.26 5.62 -9.30
C GLY A 28 -7.98 5.21 -10.02
N GLU A 29 -7.07 4.60 -9.28
CA GLU A 29 -5.80 4.16 -9.85
C GLU A 29 -5.52 2.69 -9.52
N ARG A 30 -4.53 2.12 -10.18
CA ARG A 30 -4.17 0.72 -9.96
C ARG A 30 -3.35 0.57 -8.69
N MET A 31 -3.67 -0.46 -7.90
CA MET A 31 -2.95 -0.71 -6.66
C MET A 31 -2.76 -2.21 -6.43
N LEU A 32 -1.83 -2.56 -5.56
CA LEU A 32 -1.55 -3.96 -5.25
C LEU A 32 -1.14 -4.13 -3.80
N ALA A 33 -1.63 -5.19 -3.16
CA ALA A 33 -1.30 -5.47 -1.77
C ALA A 33 0.15 -5.95 -1.63
N CYS A 34 0.79 -5.58 -0.52
CA CYS A 34 2.16 -5.97 -0.27
C CYS A 34 2.23 -7.16 0.69
N ASP A 35 2.60 -8.32 0.16
CA ASP A 35 2.71 -9.52 0.97
C ASP A 35 3.44 -9.23 2.28
N GLY A 36 4.41 -8.33 2.23
CA GLY A 36 5.16 -7.98 3.42
C GLY A 36 4.27 -7.60 4.59
N CYS A 37 3.64 -6.43 4.49
CA CYS A 37 2.76 -5.96 5.55
C CYS A 37 1.30 -6.27 5.23
N GLY A 38 0.88 -5.89 4.02
CA GLY A 38 -0.49 -6.14 3.61
C GLY A 38 -1.22 -4.86 3.25
N VAL A 39 -0.54 -3.96 2.55
CA VAL A 39 -1.14 -2.70 2.15
C VAL A 39 -1.22 -2.58 0.63
N TRP A 40 -2.34 -2.09 0.13
CA TRP A 40 -2.55 -1.93 -1.31
C TRP A 40 -1.93 -0.63 -1.80
N HIS A 41 -0.67 -0.69 -2.19
CA HIS A 41 0.04 0.49 -2.70
C HIS A 41 -0.12 0.62 -4.21
N HIS A 42 -0.14 1.86 -4.69
CA HIS A 42 -0.28 2.12 -6.12
C HIS A 42 0.95 1.64 -6.89
N THR A 43 0.72 0.89 -7.96
CA THR A 43 1.81 0.37 -8.77
C THR A 43 2.75 1.50 -9.20
N ARG A 44 2.18 2.54 -9.81
CA ARG A 44 2.97 3.68 -10.27
C ARG A 44 3.65 4.37 -9.09
N CYS A 45 2.93 4.50 -7.99
CA CYS A 45 3.46 5.15 -6.80
C CYS A 45 4.68 4.40 -6.27
N ILE A 46 4.63 3.08 -6.33
CA ILE A 46 5.72 2.25 -5.85
C ILE A 46 6.85 2.18 -6.89
N GLY A 47 6.47 2.21 -8.16
CA GLY A 47 7.45 2.15 -9.23
C GLY A 47 7.13 1.08 -10.27
N ILE A 48 5.93 1.17 -10.82
CA ILE A 48 5.50 0.20 -11.83
C ILE A 48 4.45 0.81 -12.76
N ASN A 49 4.84 1.08 -14.00
CA ASN A 49 3.93 1.67 -14.97
C ASN A 49 2.89 0.65 -15.42
N ASN A 50 1.89 1.13 -16.15
CA ASN A 50 0.82 0.25 -16.64
C ASN A 50 1.26 -0.47 -17.91
N ALA A 51 2.46 -1.03 -17.89
CA ALA A 51 2.99 -1.75 -19.04
C ALA A 51 3.55 -3.11 -18.61
N ASP A 52 4.27 -3.12 -17.49
CA ASP A 52 4.87 -4.35 -16.98
C ASP A 52 3.90 -5.05 -16.02
N ALA A 53 3.68 -6.34 -16.25
CA ALA A 53 2.79 -7.13 -15.41
C ALA A 53 3.13 -6.95 -13.94
N LEU A 54 2.26 -7.45 -13.07
CA LEU A 54 2.46 -7.34 -11.63
C LEU A 54 3.39 -8.45 -11.13
N PRO A 55 4.36 -8.08 -10.29
CA PRO A 55 5.32 -9.03 -9.73
C PRO A 55 4.68 -9.96 -8.71
N SER A 56 4.97 -11.25 -8.83
CA SER A 56 4.42 -12.25 -7.92
C SER A 56 4.47 -11.75 -6.47
N LYS A 57 5.58 -11.13 -6.10
CA LYS A 57 5.75 -10.62 -4.75
C LYS A 57 6.07 -9.12 -4.78
N PHE A 58 5.40 -8.36 -3.91
CA PHE A 58 5.61 -6.92 -3.84
C PHE A 58 5.84 -6.48 -2.40
N LEU A 59 7.10 -6.39 -2.01
CA LEU A 59 7.45 -5.98 -0.65
C LEU A 59 7.91 -4.52 -0.63
N CYS A 60 7.01 -3.63 -0.19
CA CYS A 60 7.32 -2.22 -0.12
C CYS A 60 8.70 -1.99 0.50
N PHE A 61 9.38 -0.93 0.06
CA PHE A 61 10.70 -0.61 0.58
C PHE A 61 10.82 -0.96 2.05
N ARG A 62 10.07 -0.26 2.89
CA ARG A 62 10.09 -0.51 4.33
C ARG A 62 10.23 -2.00 4.62
N CYS A 63 9.29 -2.79 4.13
CA CYS A 63 9.31 -4.23 4.34
C CYS A 63 10.66 -4.82 3.94
N ILE A 64 11.08 -4.54 2.72
CA ILE A 64 12.36 -5.04 2.22
C ILE A 64 13.42 -5.03 3.31
N GLU A 65 13.33 -4.05 4.21
CA GLU A 65 14.28 -3.93 5.31
C GLU A 65 13.79 -4.69 6.54
N LEU A 66 12.50 -4.55 6.84
CA LEU A 66 11.91 -5.22 8.00
C LEU A 66 12.15 -6.73 7.93
N SER A 67 11.94 -7.31 6.75
CA SER A 67 12.14 -8.74 6.56
C SER A 67 13.63 -9.09 6.57
N GLY A 68 13.97 -10.16 7.28
CA GLY A 68 15.36 -10.58 7.36
C GLY A 68 15.53 -11.87 8.14
N PRO A 69 15.15 -11.83 9.43
CA PRO A 69 15.25 -13.00 10.31
C PRO A 69 14.26 -14.10 9.95
N SER A 70 13.44 -13.84 8.94
CA SER A 70 12.43 -14.80 8.49
C SER A 70 12.79 -15.36 7.12
N SER A 71 12.45 -16.62 6.89
CA SER A 71 12.73 -17.27 5.63
C SER A 71 14.23 -17.22 5.32
N GLY A 72 15.05 -17.51 6.32
CA GLY A 72 16.49 -17.48 6.13
C GLY A 72 17.10 -16.16 6.52
ZN ZN B . 0.77 6.04 -3.09
ZN ZN C . 4.97 -3.79 3.00
N GLY A 1 -4.73 23.21 19.39
CA GLY A 1 -3.80 22.21 18.90
C GLY A 1 -4.48 20.90 18.55
N SER A 2 -4.38 20.50 17.29
CA SER A 2 -5.01 19.27 16.83
C SER A 2 -4.46 18.07 17.60
N SER A 3 -5.23 16.99 17.65
CA SER A 3 -4.83 15.78 18.36
C SER A 3 -5.24 14.54 17.57
N GLY A 4 -4.45 13.48 17.71
CA GLY A 4 -4.75 12.24 17.01
C GLY A 4 -5.42 11.21 17.91
N SER A 5 -6.75 11.21 17.90
CA SER A 5 -7.52 10.28 18.73
C SER A 5 -8.04 9.13 17.88
N SER A 6 -7.83 7.90 18.38
CA SER A 6 -8.29 6.71 17.66
C SER A 6 -9.64 6.25 18.20
N GLY A 7 -10.39 5.53 17.36
CA GLY A 7 -11.69 5.04 17.75
C GLY A 7 -12.53 4.60 16.57
N MET A 8 -13.74 5.13 16.47
CA MET A 8 -14.65 4.77 15.39
C MET A 8 -13.91 4.77 14.05
N GLU A 9 -13.54 3.57 13.59
CA GLU A 9 -12.83 3.43 12.33
C GLU A 9 -13.51 4.24 11.23
N ARG A 10 -12.90 5.36 10.86
CA ARG A 10 -13.45 6.23 9.83
C ARG A 10 -12.34 6.90 9.04
N GLY A 11 -12.42 6.83 7.71
CA GLY A 11 -11.41 7.44 6.86
C GLY A 11 -11.13 6.62 5.63
N VAL A 12 -10.69 5.38 5.83
CA VAL A 12 -10.37 4.49 4.72
C VAL A 12 -11.14 3.18 4.82
N ASP A 13 -11.55 2.64 3.68
CA ASP A 13 -12.30 1.39 3.64
C ASP A 13 -11.48 0.26 4.25
N ASN A 14 -12.12 -0.91 4.39
CA ASN A 14 -11.45 -2.07 4.95
C ASN A 14 -10.01 -2.18 4.45
N TRP A 15 -9.84 -2.01 3.14
CA TRP A 15 -8.51 -2.08 2.53
C TRP A 15 -7.69 -0.84 2.87
N LYS A 16 -6.56 -1.05 3.52
CA LYS A 16 -5.68 0.04 3.91
C LYS A 16 -4.95 0.61 2.69
N VAL A 17 -5.26 1.86 2.36
CA VAL A 17 -4.64 2.52 1.21
C VAL A 17 -3.77 3.69 1.64
N ASP A 18 -2.46 3.48 1.68
CA ASP A 18 -1.53 4.51 2.08
C ASP A 18 -0.31 4.52 1.17
N CYS A 19 -0.19 5.56 0.36
CA CYS A 19 0.93 5.69 -0.56
C CYS A 19 1.74 6.95 -0.26
N LYS A 20 2.93 7.05 -0.84
CA LYS A 20 3.80 8.20 -0.64
C LYS A 20 3.44 9.32 -1.61
N CYS A 21 3.03 8.95 -2.82
CA CYS A 21 2.65 9.93 -3.84
C CYS A 21 1.78 11.02 -3.25
N GLY A 22 0.77 10.62 -2.47
CA GLY A 22 -0.12 11.58 -1.85
C GLY A 22 -1.57 11.15 -1.91
N THR A 23 -1.80 9.84 -1.90
CA THR A 23 -3.15 9.30 -1.95
C THR A 23 -3.62 8.83 -0.58
N LYS A 24 -4.83 9.22 -0.21
CA LYS A 24 -5.40 8.84 1.08
C LYS A 24 -6.47 7.78 0.91
N ASP A 25 -7.35 7.99 -0.08
CA ASP A 25 -8.44 7.06 -0.35
C ASP A 25 -8.35 6.53 -1.77
N ASP A 26 -9.29 5.67 -2.14
CA ASP A 26 -9.32 5.08 -3.47
C ASP A 26 -9.62 6.15 -4.53
N ASP A 27 -8.67 6.38 -5.42
CA ASP A 27 -8.83 7.38 -6.47
C ASP A 27 -9.55 6.77 -7.68
N GLY A 28 -9.12 5.58 -8.07
CA GLY A 28 -9.72 4.92 -9.22
C GLY A 28 -8.79 3.90 -9.86
N GLU A 29 -7.49 4.16 -9.77
CA GLU A 29 -6.50 3.26 -10.36
C GLU A 29 -6.37 1.99 -9.53
N ARG A 30 -5.85 0.94 -10.15
CA ARG A 30 -5.68 -0.34 -9.48
C ARG A 30 -4.54 -0.27 -8.45
N MET A 31 -4.61 -1.12 -7.44
CA MET A 31 -3.59 -1.14 -6.40
C MET A 31 -3.14 -2.57 -6.10
N LEU A 32 -1.96 -2.72 -5.51
CA LEU A 32 -1.44 -4.03 -5.17
C LEU A 32 -1.15 -4.13 -3.68
N ALA A 33 -1.55 -5.26 -3.08
CA ALA A 33 -1.33 -5.48 -1.66
C ALA A 33 0.09 -5.98 -1.39
N CYS A 34 0.64 -5.57 -0.25
CA CYS A 34 1.98 -5.98 0.13
C CYS A 34 1.95 -7.20 1.05
N ASP A 35 2.45 -8.32 0.54
CA ASP A 35 2.48 -9.56 1.32
C ASP A 35 3.17 -9.35 2.66
N GLY A 36 4.17 -8.46 2.67
CA GLY A 36 4.91 -8.18 3.89
C GLY A 36 3.99 -7.79 5.03
N CYS A 37 3.42 -6.60 4.95
CA CYS A 37 2.52 -6.10 5.99
C CYS A 37 1.07 -6.15 5.52
N GLY A 38 0.81 -5.61 4.34
CA GLY A 38 -0.54 -5.61 3.80
C GLY A 38 -1.03 -4.22 3.48
N VAL A 39 -0.49 -3.61 2.43
CA VAL A 39 -0.88 -2.27 2.03
C VAL A 39 -1.08 -2.19 0.52
N TRP A 40 -2.14 -1.48 0.11
CA TRP A 40 -2.44 -1.33 -1.30
C TRP A 40 -1.59 -0.23 -1.93
N HIS A 41 -0.44 -0.62 -2.49
CA HIS A 41 0.46 0.33 -3.12
C HIS A 41 0.23 0.38 -4.63
N HIS A 42 -0.01 1.58 -5.15
CA HIS A 42 -0.25 1.76 -6.58
C HIS A 42 0.80 1.02 -7.40
N THR A 43 0.37 -0.04 -8.08
CA THR A 43 1.27 -0.82 -8.91
C THR A 43 2.18 0.07 -9.74
N ARG A 44 1.64 1.19 -10.21
CA ARG A 44 2.41 2.13 -11.02
C ARG A 44 3.48 2.83 -10.18
N CYS A 45 3.06 3.34 -9.02
CA CYS A 45 3.98 4.03 -8.12
C CYS A 45 5.19 3.16 -7.79
N ILE A 46 4.92 1.92 -7.38
CA ILE A 46 5.98 0.98 -7.05
C ILE A 46 6.93 0.77 -8.22
N GLY A 47 6.36 0.63 -9.41
CA GLY A 47 7.16 0.43 -10.60
C GLY A 47 6.35 -0.08 -11.78
N ILE A 48 5.56 -1.12 -11.55
CA ILE A 48 4.72 -1.69 -12.60
C ILE A 48 4.35 -0.65 -13.64
N ASN A 49 4.35 -1.05 -14.90
CA ASN A 49 4.02 -0.14 -15.99
C ASN A 49 2.59 -0.39 -16.48
N ASN A 50 1.70 -0.70 -15.55
CA ASN A 50 0.30 -0.95 -15.89
C ASN A 50 0.19 -1.67 -17.23
N ALA A 51 1.20 -2.49 -17.54
CA ALA A 51 1.22 -3.23 -18.80
C ALA A 51 1.32 -4.73 -18.54
N ASP A 52 2.20 -5.11 -17.62
CA ASP A 52 2.40 -6.50 -17.28
C ASP A 52 1.51 -6.91 -16.11
N ALA A 53 1.44 -8.22 -15.85
CA ALA A 53 0.62 -8.74 -14.77
C ALA A 53 1.13 -8.26 -13.41
N LEU A 54 0.47 -8.68 -12.34
CA LEU A 54 0.85 -8.29 -10.99
C LEU A 54 1.86 -9.27 -10.41
N PRO A 55 2.80 -8.76 -9.60
CA PRO A 55 3.83 -9.57 -8.96
C PRO A 55 3.27 -10.48 -7.88
N SER A 56 3.36 -11.79 -8.09
CA SER A 56 2.86 -12.76 -7.14
C SER A 56 3.01 -12.26 -5.71
N LYS A 57 4.16 -11.63 -5.43
CA LYS A 57 4.44 -11.11 -4.11
C LYS A 57 5.22 -9.79 -4.19
N PHE A 58 4.89 -8.85 -3.33
CA PHE A 58 5.57 -7.56 -3.31
C PHE A 58 5.77 -7.07 -1.88
N LEU A 59 6.80 -6.25 -1.68
CA LEU A 59 7.11 -5.72 -0.35
C LEU A 59 7.43 -4.24 -0.44
N CYS A 60 6.87 -3.46 0.48
CA CYS A 60 7.10 -2.02 0.52
C CYS A 60 8.55 -1.71 0.91
N PHE A 61 8.92 -0.44 0.81
CA PHE A 61 10.28 -0.02 1.16
C PHE A 61 10.64 -0.45 2.58
N ARG A 62 9.81 -0.04 3.54
CA ARG A 62 10.05 -0.37 4.94
C ARG A 62 10.12 -1.88 5.13
N CYS A 63 9.37 -2.62 4.30
CA CYS A 63 9.36 -4.08 4.38
C CYS A 63 10.66 -4.67 3.86
N ILE A 64 11.05 -4.28 2.65
CA ILE A 64 12.27 -4.77 2.04
C ILE A 64 13.36 -4.98 3.09
N GLU A 65 13.35 -4.13 4.12
CA GLU A 65 14.33 -4.22 5.19
C GLU A 65 13.90 -5.24 6.25
N LEU A 66 12.62 -5.18 6.61
CA LEU A 66 12.07 -6.09 7.62
C LEU A 66 12.29 -7.54 7.20
N SER A 67 12.07 -7.83 5.93
CA SER A 67 12.25 -9.18 5.40
C SER A 67 13.72 -9.55 5.33
N GLY A 68 14.00 -10.86 5.33
CA GLY A 68 15.38 -11.31 5.26
C GLY A 68 15.68 -12.39 6.28
N PRO A 69 15.52 -12.05 7.57
CA PRO A 69 15.78 -12.99 8.66
C PRO A 69 14.75 -14.11 8.73
N SER A 70 13.78 -14.06 7.83
CA SER A 70 12.72 -15.08 7.78
C SER A 70 12.81 -15.89 6.50
N SER A 71 12.27 -17.10 6.53
CA SER A 71 12.29 -17.98 5.38
C SER A 71 10.87 -18.26 4.88
N GLY A 72 10.59 -17.85 3.65
CA GLY A 72 9.27 -18.06 3.08
C GLY A 72 9.21 -19.29 2.20
ZN ZN B . 0.66 6.17 -5.22
ZN ZN C . 4.79 -3.94 3.51
N GLY A 1 -1.64 17.98 12.54
CA GLY A 1 -2.57 17.04 11.94
C GLY A 1 -4.02 17.42 12.16
N SER A 2 -4.38 17.61 13.43
CA SER A 2 -5.75 17.99 13.77
C SER A 2 -6.76 17.23 12.92
N SER A 3 -6.50 15.93 12.72
CA SER A 3 -7.38 15.10 11.92
C SER A 3 -8.51 14.52 12.77
N GLY A 4 -9.56 15.31 12.96
CA GLY A 4 -10.69 14.87 13.75
C GLY A 4 -11.88 15.80 13.64
N SER A 5 -13.05 15.24 13.37
CA SER A 5 -14.27 16.03 13.25
C SER A 5 -15.51 15.14 13.29
N SER A 6 -16.54 15.61 13.98
CA SER A 6 -17.78 14.86 14.11
C SER A 6 -18.09 14.11 12.81
N GLY A 7 -18.08 12.78 12.89
CA GLY A 7 -18.36 11.96 11.72
C GLY A 7 -17.91 10.53 11.89
N MET A 8 -18.63 9.60 11.29
CA MET A 8 -18.29 8.19 11.38
C MET A 8 -18.03 7.60 9.99
N GLU A 9 -16.76 7.29 9.73
CA GLU A 9 -16.36 6.73 8.44
C GLU A 9 -15.87 5.29 8.61
N ARG A 10 -15.80 4.57 7.49
CA ARG A 10 -15.34 3.18 7.51
C ARG A 10 -15.22 2.63 6.09
N GLY A 11 -14.17 1.84 5.85
CA GLY A 11 -13.96 1.26 4.54
C GLY A 11 -13.62 -0.21 4.61
N VAL A 12 -12.51 -0.58 3.98
CA VAL A 12 -12.07 -1.97 3.96
C VAL A 12 -10.83 -2.17 4.84
N ASP A 13 -10.86 -3.21 5.66
CA ASP A 13 -9.75 -3.51 6.55
C ASP A 13 -8.62 -4.23 5.80
N ASN A 14 -8.92 -5.44 5.33
CA ASN A 14 -7.94 -6.23 4.60
C ASN A 14 -7.03 -5.33 3.77
N TRP A 15 -7.63 -4.42 3.01
CA TRP A 15 -6.86 -3.50 2.18
C TRP A 15 -6.87 -2.09 2.77
N LYS A 16 -5.82 -1.75 3.49
CA LYS A 16 -5.71 -0.43 4.12
C LYS A 16 -5.44 0.64 3.07
N VAL A 17 -5.39 0.22 1.80
CA VAL A 17 -5.15 1.15 0.71
C VAL A 17 -4.27 2.32 1.15
N ASP A 18 -3.29 2.02 2.01
CA ASP A 18 -2.38 3.04 2.51
C ASP A 18 -1.14 3.14 1.63
N CYS A 19 -0.85 4.35 1.16
CA CYS A 19 0.31 4.58 0.31
C CYS A 19 1.13 5.76 0.82
N LYS A 20 2.44 5.67 0.68
CA LYS A 20 3.34 6.73 1.11
C LYS A 20 2.80 8.10 0.72
N CYS A 21 2.15 8.16 -0.44
CA CYS A 21 1.58 9.41 -0.92
C CYS A 21 0.68 10.05 0.13
N GLY A 22 -0.19 9.24 0.72
CA GLY A 22 -1.09 9.75 1.74
C GLY A 22 -2.54 9.39 1.47
N THR A 23 -2.76 8.17 0.96
CA THR A 23 -4.10 7.70 0.65
C THR A 23 -4.66 6.86 1.78
N LYS A 24 -5.82 7.25 2.30
CA LYS A 24 -6.48 6.53 3.38
C LYS A 24 -7.51 5.56 2.84
N ASP A 25 -8.30 6.02 1.87
CA ASP A 25 -9.34 5.19 1.26
C ASP A 25 -9.01 4.90 -0.20
N ASP A 26 -9.84 4.07 -0.83
CA ASP A 26 -9.64 3.72 -2.23
C ASP A 26 -9.60 4.96 -3.10
N ASP A 27 -8.45 5.19 -3.73
CA ASP A 27 -8.28 6.35 -4.60
C ASP A 27 -8.99 6.14 -5.93
N GLY A 28 -8.61 5.07 -6.63
CA GLY A 28 -9.23 4.78 -7.92
C GLY A 28 -8.27 4.09 -8.87
N GLU A 29 -7.01 4.51 -8.84
CA GLU A 29 -5.99 3.93 -9.71
C GLU A 29 -5.60 2.54 -9.24
N ARG A 30 -5.13 1.71 -10.17
CA ARG A 30 -4.73 0.35 -9.85
C ARG A 30 -3.88 0.32 -8.59
N MET A 31 -3.78 -0.85 -7.98
CA MET A 31 -2.99 -1.01 -6.75
C MET A 31 -2.62 -2.47 -6.53
N LEU A 32 -1.72 -2.72 -5.59
CA LEU A 32 -1.28 -4.07 -5.29
C LEU A 32 -0.95 -4.22 -3.80
N ALA A 33 -1.44 -5.29 -3.19
CA ALA A 33 -1.20 -5.55 -1.78
C ALA A 33 0.20 -6.09 -1.55
N CYS A 34 0.73 -5.87 -0.35
CA CYS A 34 2.07 -6.34 0.00
C CYS A 34 2.00 -7.56 0.91
N ASP A 35 2.13 -8.74 0.31
CA ASP A 35 2.08 -9.99 1.06
C ASP A 35 2.71 -9.82 2.44
N GLY A 36 3.79 -9.04 2.50
CA GLY A 36 4.47 -8.80 3.75
C GLY A 36 3.53 -8.29 4.83
N CYS A 37 3.25 -6.99 4.80
CA CYS A 37 2.36 -6.39 5.79
C CYS A 37 0.90 -6.61 5.42
N GLY A 38 0.53 -6.17 4.22
CA GLY A 38 -0.85 -6.33 3.76
C GLY A 38 -1.50 -5.02 3.40
N VAL A 39 -0.72 -4.11 2.82
CA VAL A 39 -1.22 -2.80 2.43
C VAL A 39 -1.07 -2.58 0.93
N TRP A 40 -2.09 -2.02 0.31
CA TRP A 40 -2.07 -1.76 -1.13
C TRP A 40 -1.35 -0.45 -1.42
N HIS A 41 -1.02 -0.23 -2.70
CA HIS A 41 -0.32 0.97 -3.11
C HIS A 41 -0.45 1.19 -4.62
N HIS A 42 -0.43 2.45 -5.04
CA HIS A 42 -0.54 2.79 -6.45
C HIS A 42 0.57 2.13 -7.26
N THR A 43 0.24 1.03 -7.94
CA THR A 43 1.21 0.31 -8.74
C THR A 43 1.96 1.25 -9.68
N ARG A 44 1.40 2.44 -9.90
CA ARG A 44 2.00 3.43 -10.77
C ARG A 44 3.04 4.27 -10.01
N CYS A 45 2.58 4.96 -8.97
CA CYS A 45 3.46 5.80 -8.17
C CYS A 45 4.70 5.01 -7.72
N ILE A 46 4.55 3.70 -7.59
CA ILE A 46 5.65 2.84 -7.18
C ILE A 46 6.58 2.55 -8.34
N GLY A 47 6.02 2.43 -9.54
CA GLY A 47 6.81 2.15 -10.72
C GLY A 47 6.03 1.40 -11.78
N ILE A 48 5.55 0.22 -11.43
CA ILE A 48 4.78 -0.60 -12.36
C ILE A 48 3.87 0.25 -13.22
N ASN A 49 3.79 -0.07 -14.51
CA ASN A 49 2.95 0.66 -15.44
C ASN A 49 2.23 -0.28 -16.39
N ASN A 50 1.35 0.28 -17.22
CA ASN A 50 0.59 -0.52 -18.17
C ASN A 50 1.46 -1.61 -18.79
N ALA A 51 2.57 -1.20 -19.41
CA ALA A 51 3.48 -2.14 -20.04
C ALA A 51 3.83 -3.28 -19.09
N ASP A 52 4.43 -2.95 -17.96
CA ASP A 52 4.81 -3.95 -16.96
C ASP A 52 3.58 -4.57 -16.32
N ALA A 53 3.77 -5.73 -15.69
CA ALA A 53 2.66 -6.43 -15.04
C ALA A 53 2.91 -6.55 -13.54
N LEU A 54 1.94 -7.11 -12.83
CA LEU A 54 2.04 -7.28 -11.39
C LEU A 54 2.89 -8.52 -11.05
N PRO A 55 3.92 -8.31 -10.21
CA PRO A 55 4.82 -9.39 -9.79
C PRO A 55 4.13 -10.39 -8.87
N SER A 56 4.59 -11.64 -8.91
CA SER A 56 4.02 -12.69 -8.07
C SER A 56 4.15 -12.34 -6.60
N LYS A 57 5.32 -11.83 -6.22
CA LYS A 57 5.57 -11.45 -4.83
C LYS A 57 6.08 -10.02 -4.74
N PHE A 58 5.32 -9.18 -4.04
CA PHE A 58 5.70 -7.77 -3.87
C PHE A 58 5.78 -7.41 -2.39
N LEU A 59 6.91 -6.84 -1.99
CA LEU A 59 7.11 -6.43 -0.61
C LEU A 59 7.59 -4.98 -0.52
N CYS A 60 6.72 -4.11 -0.03
CA CYS A 60 7.04 -2.70 0.10
C CYS A 60 8.43 -2.51 0.72
N PHE A 61 9.13 -1.47 0.29
CA PHE A 61 10.46 -1.18 0.79
C PHE A 61 10.51 -1.33 2.30
N ARG A 62 9.57 -0.70 2.99
CA ARG A 62 9.51 -0.77 4.45
C ARG A 62 9.81 -2.18 4.95
N CYS A 63 9.16 -3.16 4.34
CA CYS A 63 9.35 -4.56 4.71
C CYS A 63 10.72 -5.06 4.25
N ILE A 64 10.99 -4.93 2.96
CA ILE A 64 12.27 -5.36 2.40
C ILE A 64 13.41 -5.13 3.37
N GLU A 65 13.43 -3.94 3.98
CA GLU A 65 14.48 -3.60 4.94
C GLU A 65 14.17 -4.19 6.31
N LEU A 66 12.88 -4.26 6.64
CA LEU A 66 12.45 -4.81 7.93
C LEU A 66 12.98 -6.23 8.12
N SER A 67 12.97 -7.01 7.04
CA SER A 67 13.45 -8.39 7.10
C SER A 67 14.73 -8.48 7.92
N GLY A 68 14.64 -9.15 9.06
CA GLY A 68 15.81 -9.30 9.92
C GLY A 68 15.50 -8.96 11.37
N PRO A 69 15.73 -7.70 11.75
CA PRO A 69 15.49 -7.23 13.11
C PRO A 69 14.00 -7.17 13.46
N SER A 70 13.70 -7.07 14.74
CA SER A 70 12.32 -7.02 15.20
C SER A 70 12.23 -6.34 16.57
N SER A 71 11.55 -5.20 16.62
CA SER A 71 11.38 -4.45 17.86
C SER A 71 10.67 -5.29 18.91
N GLY A 72 9.54 -5.88 18.52
CA GLY A 72 8.77 -6.70 19.45
C GLY A 72 7.82 -5.89 20.30
ZN ZN B . 1.19 6.22 -4.07
ZN ZN C . 5.00 -4.38 3.34
N GLY A 1 6.40 18.68 28.60
CA GLY A 1 5.03 18.37 29.00
C GLY A 1 4.84 16.89 29.24
N SER A 2 3.61 16.42 29.01
CA SER A 2 3.28 15.01 29.22
C SER A 2 2.99 14.33 27.89
N SER A 3 3.98 13.62 27.36
CA SER A 3 3.84 12.93 26.09
C SER A 3 2.90 11.73 26.23
N GLY A 4 2.23 11.38 25.14
CA GLY A 4 1.30 10.26 25.17
C GLY A 4 0.57 10.09 23.86
N SER A 5 -0.42 9.20 23.84
CA SER A 5 -1.21 8.94 22.64
C SER A 5 -1.79 10.23 22.08
N SER A 6 -1.41 10.56 20.84
CA SER A 6 -1.89 11.78 20.20
C SER A 6 -2.32 11.48 18.76
N GLY A 7 -3.26 12.28 18.26
CA GLY A 7 -3.76 12.09 16.91
C GLY A 7 -4.99 11.22 16.85
N MET A 8 -5.65 11.20 15.71
CA MET A 8 -6.86 10.41 15.52
C MET A 8 -6.87 9.72 14.17
N GLU A 9 -6.79 8.40 14.18
CA GLU A 9 -6.78 7.62 12.94
C GLU A 9 -8.15 7.68 12.26
N ARG A 10 -8.13 8.04 10.98
CA ARG A 10 -9.37 8.14 10.20
C ARG A 10 -9.12 7.77 8.75
N GLY A 11 -10.19 7.76 7.95
CA GLY A 11 -10.08 7.43 6.55
C GLY A 11 -10.66 6.06 6.23
N VAL A 12 -9.79 5.07 6.08
CA VAL A 12 -10.23 3.71 5.78
C VAL A 12 -9.73 2.72 6.81
N ASP A 13 -10.54 1.71 7.10
CA ASP A 13 -10.17 0.69 8.08
C ASP A 13 -10.08 -0.68 7.42
N ASN A 14 -11.09 -1.02 6.63
CA ASN A 14 -11.12 -2.30 5.94
C ASN A 14 -9.74 -2.67 5.39
N TRP A 15 -9.20 -1.79 4.54
CA TRP A 15 -7.89 -2.02 3.94
C TRP A 15 -6.95 -0.85 4.24
N LYS A 16 -5.68 -1.02 3.89
CA LYS A 16 -4.68 0.01 4.13
C LYS A 16 -4.13 0.55 2.80
N VAL A 17 -4.45 1.81 2.50
CA VAL A 17 -3.98 2.44 1.28
C VAL A 17 -3.08 3.63 1.58
N ASP A 18 -1.88 3.34 2.06
CA ASP A 18 -0.91 4.38 2.38
C ASP A 18 0.16 4.49 1.31
N CYS A 19 0.21 5.64 0.63
CA CYS A 19 1.18 5.87 -0.42
C CYS A 19 1.86 7.22 -0.24
N LYS A 20 3.03 7.37 -0.86
CA LYS A 20 3.80 8.61 -0.77
C LYS A 20 2.97 9.80 -1.28
N CYS A 21 2.07 9.51 -2.21
CA CYS A 21 1.22 10.55 -2.78
C CYS A 21 0.35 11.19 -1.71
N GLY A 22 -0.22 10.36 -0.85
CA GLY A 22 -1.07 10.87 0.22
C GLY A 22 -2.52 10.44 0.07
N THR A 23 -2.72 9.25 -0.49
CA THR A 23 -4.07 8.74 -0.70
C THR A 23 -4.61 8.08 0.56
N LYS A 24 -5.73 8.59 1.05
CA LYS A 24 -6.36 8.05 2.25
C LYS A 24 -7.30 6.90 1.92
N ASP A 25 -8.00 7.03 0.80
CA ASP A 25 -8.94 6.00 0.36
C ASP A 25 -8.75 5.69 -1.12
N ASP A 26 -9.47 4.69 -1.61
CA ASP A 26 -9.38 4.29 -3.00
C ASP A 26 -9.74 5.45 -3.93
N ASP A 27 -8.73 6.15 -4.41
CA ASP A 27 -8.94 7.28 -5.30
C ASP A 27 -9.54 6.83 -6.62
N GLY A 28 -8.79 6.01 -7.36
CA GLY A 28 -9.27 5.52 -8.64
C GLY A 28 -8.29 4.57 -9.30
N GLU A 29 -6.99 4.79 -9.05
CA GLU A 29 -5.96 3.94 -9.63
C GLU A 29 -5.86 2.62 -8.90
N ARG A 30 -5.65 1.55 -9.65
CA ARG A 30 -5.54 0.21 -9.06
C ARG A 30 -4.31 0.11 -8.17
N MET A 31 -4.33 -0.85 -7.25
CA MET A 31 -3.22 -1.06 -6.34
C MET A 31 -2.96 -2.54 -6.12
N LEU A 32 -1.95 -2.85 -5.31
CA LEU A 32 -1.60 -4.24 -5.02
C LEU A 32 -1.17 -4.39 -3.56
N ALA A 33 -1.67 -5.43 -2.90
CA ALA A 33 -1.34 -5.70 -1.51
C ALA A 33 0.08 -6.24 -1.39
N CYS A 34 0.82 -5.74 -0.39
CA CYS A 34 2.19 -6.17 -0.16
C CYS A 34 2.23 -7.47 0.64
N ASP A 35 2.66 -8.55 -0.01
CA ASP A 35 2.76 -9.85 0.64
C ASP A 35 3.41 -9.73 2.02
N GLY A 36 4.40 -8.86 2.12
CA GLY A 36 5.10 -8.66 3.37
C GLY A 36 4.16 -8.32 4.51
N CYS A 37 3.70 -7.06 4.54
CA CYS A 37 2.79 -6.60 5.58
C CYS A 37 1.34 -6.76 5.14
N GLY A 38 1.04 -6.29 3.93
CA GLY A 38 -0.30 -6.39 3.42
C GLY A 38 -0.94 -5.03 3.19
N VAL A 39 -0.20 -4.13 2.56
CA VAL A 39 -0.70 -2.79 2.28
C VAL A 39 -0.73 -2.51 0.79
N TRP A 40 -1.80 -1.86 0.33
CA TRP A 40 -1.94 -1.54 -1.09
C TRP A 40 -1.02 -0.39 -1.48
N HIS A 41 -0.67 -0.35 -2.77
CA HIS A 41 0.22 0.70 -3.27
C HIS A 41 -0.01 0.93 -4.76
N HIS A 42 0.04 2.18 -5.18
CA HIS A 42 -0.16 2.52 -6.58
C HIS A 42 0.83 1.78 -7.48
N THR A 43 0.33 0.77 -8.18
CA THR A 43 1.16 -0.03 -9.07
C THR A 43 2.09 0.85 -9.89
N ARG A 44 1.57 1.98 -10.36
CA ARG A 44 2.35 2.92 -11.16
C ARG A 44 3.44 3.58 -10.32
N CYS A 45 3.06 4.07 -9.15
CA CYS A 45 3.99 4.72 -8.25
C CYS A 45 5.19 3.82 -7.96
N ILE A 46 4.92 2.63 -7.44
CA ILE A 46 5.97 1.68 -7.12
C ILE A 46 6.84 1.38 -8.34
N GLY A 47 6.26 1.55 -9.52
CA GLY A 47 7.00 1.30 -10.76
C GLY A 47 6.14 0.67 -11.83
N ILE A 48 5.48 -0.44 -11.48
CA ILE A 48 4.62 -1.15 -12.42
C ILE A 48 4.03 -0.19 -13.45
N ASN A 49 4.65 -0.12 -14.62
CA ASN A 49 4.18 0.77 -15.69
C ASN A 49 2.89 0.23 -16.30
N ASN A 50 2.30 1.02 -17.19
CA ASN A 50 1.06 0.62 -17.86
C ASN A 50 1.24 -0.68 -18.63
N ALA A 51 2.44 -0.88 -19.17
CA ALA A 51 2.76 -2.08 -19.93
C ALA A 51 2.99 -3.27 -19.00
N ASP A 52 3.93 -3.12 -18.07
CA ASP A 52 4.24 -4.18 -17.12
C ASP A 52 2.97 -4.74 -16.49
N ALA A 53 3.11 -5.84 -15.76
CA ALA A 53 1.97 -6.48 -15.11
C ALA A 53 2.19 -6.56 -13.60
N LEU A 54 1.16 -7.02 -12.89
CA LEU A 54 1.23 -7.15 -11.44
C LEU A 54 1.99 -8.41 -11.04
N PRO A 55 3.06 -8.23 -10.25
CA PRO A 55 3.89 -9.33 -9.78
C PRO A 55 3.17 -10.21 -8.76
N SER A 56 3.67 -11.43 -8.59
CA SER A 56 3.07 -12.36 -7.64
C SER A 56 3.30 -11.90 -6.20
N LYS A 57 4.50 -11.40 -5.93
CA LYS A 57 4.84 -10.92 -4.60
C LYS A 57 5.53 -9.56 -4.66
N PHE A 58 5.05 -8.62 -3.85
CA PHE A 58 5.63 -7.28 -3.82
C PHE A 58 5.88 -6.83 -2.39
N LEU A 59 7.07 -6.29 -2.15
CA LEU A 59 7.44 -5.82 -0.82
C LEU A 59 7.68 -4.31 -0.82
N CYS A 60 6.98 -3.61 0.07
CA CYS A 60 7.11 -2.16 0.16
C CYS A 60 8.47 -1.78 0.73
N PHE A 61 8.99 -0.64 0.27
CA PHE A 61 10.29 -0.16 0.73
C PHE A 61 10.54 -0.54 2.19
N ARG A 62 9.48 -0.46 2.99
CA ARG A 62 9.57 -0.80 4.41
C ARG A 62 9.89 -2.28 4.60
N CYS A 63 9.07 -3.14 4.01
CA CYS A 63 9.26 -4.58 4.11
C CYS A 63 10.67 -4.97 3.67
N ILE A 64 11.17 -4.30 2.63
CA ILE A 64 12.50 -4.58 2.11
C ILE A 64 13.46 -4.95 3.23
N GLU A 65 13.51 -4.11 4.26
CA GLU A 65 14.40 -4.34 5.40
C GLU A 65 13.65 -5.05 6.53
N LEU A 66 12.44 -4.56 6.82
CA LEU A 66 11.62 -5.14 7.88
C LEU A 66 11.47 -6.65 7.69
N SER A 67 11.79 -7.13 6.49
CA SER A 67 11.69 -8.54 6.18
C SER A 67 12.87 -9.31 6.75
N GLY A 68 12.65 -10.00 7.88
CA GLY A 68 13.71 -10.75 8.50
C GLY A 68 13.34 -11.23 9.90
N PRO A 69 13.52 -10.35 10.89
CA PRO A 69 13.20 -10.66 12.29
C PRO A 69 11.70 -10.77 12.54
N SER A 70 10.92 -10.50 11.50
CA SER A 70 9.47 -10.57 11.61
C SER A 70 8.98 -12.00 11.41
N SER A 71 8.28 -12.52 12.42
CA SER A 71 7.76 -13.88 12.37
C SER A 71 6.24 -13.88 12.43
N GLY A 72 5.61 -14.25 11.32
CA GLY A 72 4.15 -14.28 11.26
C GLY A 72 3.64 -14.60 9.88
ZN ZN B . 0.95 6.83 -5.11
ZN ZN C . 4.89 -4.22 3.11
#